data_6WRW
#
_entry.id   6WRW
#
_cell.length_a   138.399
_cell.length_b   138.399
_cell.length_c   279.847
_cell.angle_alpha   90.000
_cell.angle_beta   90.000
_cell.angle_gamma   120.000
#
_symmetry.space_group_name_H-M   'P 32 2 1'
#
loop_
_entity.id
_entity.type
_entity.pdbx_description
1 polymer 'Transferrin receptor protein 1'
2 polymer 'Computationally designed protein 2DS25.5'
3 branched 2-acetamido-2-deoxy-beta-D-glucopyranose-(1-4)-2-acetamido-2-deoxy-beta-D-glucopyranose
4 branched beta-D-mannopyranose-(1-4)-2-acetamido-2-deoxy-beta-D-glucopyranose-(1-4)-2-acetamido-2-deoxy-beta-D-glucopyranose
5 branched alpha-D-mannopyranose-(1-3)-[alpha-D-mannopyranose-(1-6)]beta-D-mannopyranose-(1-4)-2-acetamido-2-deoxy-beta-D-glucopyranose-(1-4)-2-acetamido-2-deoxy-beta-D-glucopyranose
6 non-polymer 'CALCIUM ION'
#
loop_
_entity_poly.entity_id
_entity_poly.type
_entity_poly.pdbx_seq_one_letter_code
_entity_poly.pdbx_strand_id
1 'polypeptide(L)'
;RLYWDDLKRKLSEKLDSTDFTSTIKLLNENSYVPREAGSQKDENLALYVENQFREFKLSKVWRDQHFVKIQVKDSAQNSV
IIVDKNGRLVYLVENPGGYVAYSKAATVTGKLVHANFGTKKDFEDLYTPVNGSIVIVRAGKITFAEKVANAESLNAIGVL
IYMDQTKFPIVNAELSFFGHAHLGTGDPYTPGFPSFNHTQFPPSRSSGLPNIPVQTISRAAAEKLFGNMEGDCPSDWKTD
STCRMVTSESKNVKLTVSNVLKEIKILNIFGVIKGFVEPDHYVVVGAQRDAWGPGAAKSGVGTALLLKLAQMFSDMVLKD
GFQPSRSIIFASWSAGDFGSVGATEWLEGYLSSLHLKAFTYINLDKAVLGTSNFKVSASPLLYTLIEKTMQNVKHPVTGQ
FLYQDSNWASKVEKLTLDNAAFPFLAYSGIPAVSFCFCEDTDYPYLGTTMDTYKELIERIPELNKVARAAAEVAGQFVIK
LTHDVELNLDYERYNSQLLSFVRDLNQYRADIKEMGLSLQWLYSARGDFFRATSRLTTDFGNAEKTDRFVMKKLNDRVMR
VEYHFLSPYVSPKESPFRHVFWGSGSHTLPALLENLKLRKQNNGAFNETLFRNQLALATWTIQGAANALSGDVWDIDNEF
;
A,B
2 'polypeptide(L)'
;DEEEIQKAIEELLRKGVSEEEAAIIIVQRFNVAVVVVVQDERQGKHISEYIRRYIPEADVILFANLVVIKVETHELSTRV
WEAAQKAY
;
C,D
#
# COMPACT_ATOMS: atom_id res chain seq x y z
N ARG A 1 14.48 22.01 40.60
CA ARG A 1 14.37 21.61 39.20
C ARG A 1 15.76 21.52 38.56
N LEU A 2 15.90 20.60 37.61
CA LEU A 2 17.17 20.37 36.92
C LEU A 2 17.08 20.87 35.49
N TYR A 3 18.16 21.48 35.01
CA TYR A 3 18.29 21.93 33.64
C TYR A 3 19.33 21.06 32.93
N TRP A 4 19.58 21.38 31.65
CA TRP A 4 20.46 20.56 30.83
C TRP A 4 21.88 20.52 31.40
N ASP A 5 22.36 21.66 31.91
CA ASP A 5 23.73 21.72 32.41
C ASP A 5 23.94 20.83 33.62
N ASP A 6 22.88 20.58 34.40
CA ASP A 6 23.01 19.68 35.55
C ASP A 6 22.83 18.23 35.14
N LEU A 7 21.88 17.96 34.23
CA LEU A 7 21.67 16.60 33.76
C LEU A 7 22.92 16.06 33.08
N LYS A 8 23.61 16.89 32.31
CA LYS A 8 24.80 16.44 31.59
C LYS A 8 25.91 16.05 32.56
N ARG A 9 26.20 16.90 33.55
CA ARG A 9 27.24 16.57 34.52
C ARG A 9 26.85 15.39 35.39
N LYS A 10 25.56 15.23 35.71
CA LYS A 10 25.12 14.06 36.47
C LYS A 10 25.33 12.78 35.66
N LEU A 11 24.95 12.81 34.37
CA LEU A 11 25.17 11.65 33.51
C LEU A 11 26.66 11.33 33.40
N SER A 12 27.50 12.35 33.24
CA SER A 12 28.94 12.12 33.12
C SER A 12 29.52 11.54 34.41
N GLU A 13 29.08 12.06 35.56
CA GLU A 13 29.58 11.56 36.85
C GLU A 13 29.16 10.12 37.08
N LYS A 14 27.94 9.75 36.66
CA LYS A 14 27.53 8.36 36.77
C LYS A 14 28.26 7.49 35.75
N LEU A 15 28.65 8.05 34.61
CA LEU A 15 29.42 7.29 33.62
C LEU A 15 30.82 7.00 34.13
N ASP A 16 31.42 7.95 34.85
CA ASP A 16 32.77 7.74 35.37
C ASP A 16 32.81 6.64 36.42
N SER A 17 31.69 6.40 37.11
CA SER A 17 31.63 5.40 38.17
C SER A 17 31.10 4.05 37.69
N THR A 18 31.03 3.83 36.39
CA THR A 18 30.47 2.62 35.81
C THR A 18 31.55 1.87 35.05
N ASP A 19 31.64 0.56 35.29
CA ASP A 19 32.57 -0.30 34.59
C ASP A 19 31.82 -1.11 33.53
N PHE A 20 32.30 -1.05 32.30
CA PHE A 20 31.67 -1.77 31.19
C PHE A 20 32.38 -3.07 30.84
N THR A 21 33.69 -3.14 31.03
CA THR A 21 34.44 -4.35 30.70
C THR A 21 33.94 -5.53 31.53
N SER A 22 33.60 -5.29 32.80
CA SER A 22 33.08 -6.35 33.65
C SER A 22 31.81 -6.95 33.07
N THR A 23 30.85 -6.10 32.73
CA THR A 23 29.59 -6.59 32.17
C THR A 23 29.80 -7.28 30.82
N ILE A 24 30.71 -6.74 30.00
CA ILE A 24 30.95 -7.34 28.68
C ILE A 24 31.52 -8.75 28.84
N LYS A 25 32.59 -8.89 29.64
CA LYS A 25 33.18 -10.20 29.82
C LYS A 25 32.29 -11.13 30.63
N LEU A 26 31.31 -10.59 31.37
CA LEU A 26 30.28 -11.44 31.96
C LEU A 26 29.35 -11.97 30.89
N LEU A 27 28.97 -11.12 29.93
CA LEU A 27 28.18 -11.57 28.79
C LEU A 27 28.99 -12.47 27.85
N ASN A 28 30.30 -12.57 28.05
CA ASN A 28 31.15 -13.46 27.26
C ASN A 28 31.56 -14.73 28.03
N GLU A 29 30.89 -15.03 29.14
CA GLU A 29 31.23 -16.20 29.93
C GLU A 29 30.82 -17.48 29.18
N ASN A 30 30.90 -18.62 29.87
CA ASN A 30 30.55 -19.91 29.25
C ASN A 30 29.08 -20.25 29.39
N SER A 31 28.41 -19.69 30.39
CA SER A 31 27.02 -19.36 30.21
C SER A 31 26.94 -18.25 29.16
N TYR A 32 25.90 -18.28 28.33
CA TYR A 32 25.62 -17.27 27.29
C TYR A 32 26.44 -17.39 26.00
N VAL A 33 27.34 -18.37 25.85
CA VAL A 33 28.16 -18.47 24.64
C VAL A 33 28.21 -19.91 24.12
N PRO A 34 27.95 -20.14 22.81
CA PRO A 34 27.47 -19.12 21.87
C PRO A 34 25.95 -18.97 21.96
N ARG A 35 25.40 -17.86 21.48
CA ARG A 35 23.96 -17.60 21.59
C ARG A 35 23.37 -17.37 20.21
N GLU A 36 23.11 -18.46 19.49
CA GLU A 36 22.35 -18.39 18.26
C GLU A 36 20.91 -18.00 18.55
N ALA A 37 20.24 -17.48 17.52
CA ALA A 37 18.83 -17.09 17.67
C ALA A 37 18.00 -18.31 18.04
N GLY A 38 17.21 -18.17 19.10
CA GLY A 38 16.36 -19.25 19.57
C GLY A 38 17.06 -20.31 20.39
N SER A 39 18.37 -20.20 20.61
CA SER A 39 19.09 -21.18 21.41
C SER A 39 18.73 -21.05 22.88
N GLN A 40 19.16 -22.04 23.66
CA GLN A 40 18.89 -22.02 25.09
C GLN A 40 19.67 -20.90 25.79
N LYS A 41 20.90 -20.65 25.35
CA LYS A 41 21.71 -19.61 25.98
C LYS A 41 21.20 -18.21 25.62
N ASP A 42 20.63 -18.04 24.42
CA ASP A 42 19.98 -16.79 24.10
C ASP A 42 18.79 -16.54 25.02
N GLU A 43 18.04 -17.60 25.34
CA GLU A 43 16.93 -17.46 26.28
C GLU A 43 17.44 -17.16 27.69
N ASN A 44 18.57 -17.77 28.07
CA ASN A 44 19.15 -17.47 29.37
C ASN A 44 19.58 -16.01 29.46
N LEU A 45 20.20 -15.48 28.40
CA LEU A 45 20.60 -14.07 28.41
C LEU A 45 19.39 -13.16 28.38
N ALA A 46 18.32 -13.56 27.68
CA ALA A 46 17.09 -12.78 27.70
C ALA A 46 16.50 -12.71 29.10
N LEU A 47 16.49 -13.85 29.81
CA LEU A 47 15.99 -13.85 31.19
C LEU A 47 16.89 -13.02 32.09
N TYR A 48 18.21 -13.06 31.87
CA TYR A 48 19.11 -12.26 32.67
C TYR A 48 18.87 -10.77 32.45
N VAL A 49 18.69 -10.36 31.19
CA VAL A 49 18.42 -8.96 30.90
C VAL A 49 17.07 -8.53 31.49
N GLU A 50 16.08 -9.42 31.44
CA GLU A 50 14.78 -9.11 32.02
C GLU A 50 14.88 -8.93 33.53
N ASN A 51 15.60 -9.81 34.21
CA ASN A 51 15.74 -9.70 35.65
C ASN A 51 16.60 -8.50 36.04
N GLN A 52 17.57 -8.12 35.20
CA GLN A 52 18.34 -6.92 35.46
C GLN A 52 17.48 -5.67 35.29
N PHE A 53 16.60 -5.66 34.27
CA PHE A 53 15.65 -4.58 34.13
C PHE A 53 14.73 -4.51 35.34
N ARG A 54 14.35 -5.66 35.89
CA ARG A 54 13.55 -5.67 37.12
C ARG A 54 14.33 -5.09 38.28
N GLU A 55 15.63 -5.40 38.37
CA GLU A 55 16.44 -4.90 39.47
C GLU A 55 16.61 -3.39 39.41
N PHE A 56 16.65 -2.83 38.20
CA PHE A 56 16.81 -1.38 38.05
C PHE A 56 15.57 -0.60 38.47
N LYS A 57 14.49 -1.30 38.84
CA LYS A 57 13.24 -0.68 39.26
C LYS A 57 12.68 0.25 38.18
N LEU A 58 12.68 -0.25 36.94
CA LEU A 58 12.08 0.49 35.85
C LEU A 58 10.57 0.59 36.04
N SER A 59 9.96 1.51 35.28
CA SER A 59 8.51 1.72 35.43
C SER A 59 7.73 0.47 35.03
N LYS A 60 8.15 -0.21 33.97
CA LYS A 60 7.51 -1.47 33.64
C LYS A 60 8.38 -2.28 32.69
N VAL A 61 8.53 -3.58 32.97
CA VAL A 61 9.26 -4.48 32.10
C VAL A 61 8.30 -5.53 31.56
N TRP A 62 8.56 -5.96 30.33
CA TRP A 62 7.70 -6.95 29.69
C TRP A 62 8.48 -7.64 28.58
N ARG A 63 7.80 -8.55 27.87
CA ARG A 63 8.44 -9.39 26.87
C ARG A 63 7.48 -9.63 25.71
N ASP A 64 8.05 -9.88 24.54
CA ASP A 64 7.31 -10.31 23.37
C ASP A 64 7.89 -11.63 22.87
N GLN A 65 7.02 -12.54 22.46
CA GLN A 65 7.39 -13.90 22.09
C GLN A 65 6.98 -14.15 20.64
N HIS A 66 7.96 -14.30 19.76
CA HIS A 66 7.71 -14.55 18.34
C HIS A 66 8.17 -15.94 17.96
N PHE A 67 7.58 -16.46 16.89
CA PHE A 67 7.95 -17.75 16.31
C PHE A 67 8.32 -17.51 14.85
N VAL A 68 9.61 -17.62 14.55
CA VAL A 68 10.12 -17.26 13.23
C VAL A 68 10.89 -18.43 12.64
N LYS A 69 10.95 -18.48 11.31
CA LYS A 69 11.68 -19.51 10.59
C LYS A 69 13.05 -18.98 10.18
N ILE A 70 14.10 -19.59 10.73
CA ILE A 70 15.46 -19.28 10.31
C ILE A 70 15.97 -20.46 9.49
N GLN A 71 17.22 -20.39 9.04
CA GLN A 71 17.84 -21.47 8.28
C GLN A 71 19.13 -21.89 8.95
N VAL A 72 19.34 -23.21 9.05
CA VAL A 72 20.52 -23.78 9.69
C VAL A 72 21.09 -24.86 8.80
N LYS A 73 22.32 -25.28 9.13
CA LYS A 73 22.98 -26.35 8.39
C LYS A 73 22.33 -27.69 8.72
N ASP A 74 22.37 -28.60 7.74
CA ASP A 74 21.74 -29.90 7.83
C ASP A 74 22.75 -30.96 8.25
N SER A 75 22.25 -32.17 8.50
CA SER A 75 23.14 -33.31 8.74
C SER A 75 24.03 -33.57 7.54
N ALA A 76 23.53 -33.31 6.33
CA ALA A 76 24.35 -33.40 5.13
C ALA A 76 25.26 -32.19 5.05
N GLN A 77 26.54 -32.42 4.78
CA GLN A 77 27.53 -31.36 4.79
C GLN A 77 27.50 -30.57 3.49
N ASN A 78 27.59 -29.24 3.61
CA ASN A 78 27.79 -28.40 2.44
C ASN A 78 29.19 -28.61 1.88
N SER A 79 29.31 -28.60 0.55
CA SER A 79 30.58 -28.96 -0.05
C SER A 79 30.93 -28.02 -1.20
N VAL A 80 32.22 -27.70 -1.30
CA VAL A 80 32.79 -27.03 -2.46
C VAL A 80 33.82 -27.98 -3.05
N ILE A 81 33.58 -28.41 -4.29
CA ILE A 81 34.38 -29.44 -4.96
C ILE A 81 34.83 -28.90 -6.31
N ILE A 82 35.96 -29.41 -6.81
CA ILE A 82 36.45 -29.09 -8.14
C ILE A 82 36.46 -30.37 -8.96
N VAL A 83 35.80 -30.33 -10.13
CA VAL A 83 35.76 -31.45 -11.05
C VAL A 83 36.54 -31.08 -12.31
N ASP A 84 37.13 -32.10 -12.94
CA ASP A 84 37.98 -31.89 -14.10
C ASP A 84 37.95 -33.12 -14.98
N LYS A 85 38.30 -32.94 -16.25
CA LYS A 85 38.37 -34.01 -17.24
C LYS A 85 37.03 -34.71 -17.39
N ASN A 86 35.97 -33.90 -17.58
CA ASN A 86 34.61 -34.40 -17.77
C ASN A 86 34.17 -35.27 -16.60
N GLY A 87 34.44 -34.80 -15.38
CA GLY A 87 34.01 -35.48 -14.18
C GLY A 87 34.86 -36.65 -13.75
N ARG A 88 35.98 -36.90 -14.42
CA ARG A 88 36.86 -38.00 -14.07
C ARG A 88 37.93 -37.62 -13.05
N LEU A 89 38.08 -36.33 -12.76
CA LEU A 89 38.98 -35.85 -11.72
C LEU A 89 38.18 -34.94 -10.79
N VAL A 90 37.98 -35.37 -9.55
CA VAL A 90 37.27 -34.58 -8.55
C VAL A 90 38.22 -34.19 -7.44
N TYR A 91 38.01 -33.01 -6.87
CA TYR A 91 38.91 -32.45 -5.87
C TYR A 91 38.07 -31.72 -4.82
N LEU A 92 38.06 -32.25 -3.59
CA LEU A 92 37.34 -31.61 -2.50
C LEU A 92 38.07 -30.35 -2.07
N VAL A 93 37.42 -29.19 -2.27
CA VAL A 93 38.02 -27.93 -1.83
C VAL A 93 37.75 -27.71 -0.35
N GLU A 94 36.47 -27.73 0.05
CA GLU A 94 36.20 -27.49 1.46
C GLU A 94 34.80 -27.97 1.86
N ASN A 95 34.71 -28.47 3.08
CA ASN A 95 33.45 -28.67 3.79
C ASN A 95 33.33 -27.56 4.82
N PRO A 96 32.75 -26.41 4.46
CA PRO A 96 32.80 -25.25 5.34
C PRO A 96 32.03 -25.45 6.63
N GLY A 97 32.55 -24.86 7.71
CA GLY A 97 31.87 -24.90 8.98
C GLY A 97 30.78 -23.84 9.10
N GLY A 98 30.93 -22.72 8.39
CA GLY A 98 29.90 -21.70 8.36
C GLY A 98 28.96 -21.89 7.19
N TYR A 99 28.01 -20.96 7.09
CA TYR A 99 27.00 -21.02 6.03
C TYR A 99 26.34 -19.65 5.91
N VAL A 100 25.52 -19.51 4.87
CA VAL A 100 24.73 -18.32 4.64
C VAL A 100 23.27 -18.69 4.84
N ALA A 101 22.61 -18.06 5.82
CA ALA A 101 21.21 -18.33 6.07
C ALA A 101 20.35 -17.87 4.91
N TYR A 102 19.20 -18.52 4.76
CA TYR A 102 18.22 -18.22 3.72
C TYR A 102 18.76 -18.44 2.31
N SER A 103 19.83 -19.22 2.19
CA SER A 103 20.31 -19.65 0.89
C SER A 103 19.46 -20.80 0.37
N LYS A 104 19.34 -20.89 -0.95
CA LYS A 104 18.57 -21.96 -1.56
C LYS A 104 19.35 -23.27 -1.51
N ALA A 105 18.71 -24.33 -1.03
CA ALA A 105 19.34 -25.64 -0.92
C ALA A 105 19.35 -26.30 -2.29
N ALA A 106 20.52 -26.34 -2.91
CA ALA A 106 20.69 -26.98 -4.21
C ALA A 106 22.17 -27.24 -4.46
N THR A 107 22.44 -27.90 -5.57
CA THR A 107 23.80 -28.13 -6.03
C THR A 107 23.92 -27.65 -7.47
N VAL A 108 24.97 -26.88 -7.74
CA VAL A 108 25.20 -26.29 -9.07
C VAL A 108 26.66 -26.46 -9.44
N THR A 109 26.90 -26.77 -10.72
CA THR A 109 28.24 -26.99 -11.24
C THR A 109 28.46 -26.09 -12.44
N GLY A 110 29.60 -25.42 -12.47
CA GLY A 110 29.92 -24.55 -13.59
C GLY A 110 31.25 -23.84 -13.38
N LYS A 111 31.53 -22.89 -14.27
CA LYS A 111 32.75 -22.11 -14.13
C LYS A 111 32.61 -21.11 -12.97
N LEU A 112 33.76 -20.72 -12.43
CA LEU A 112 33.82 -19.78 -11.31
C LEU A 112 34.47 -18.49 -11.78
N VAL A 113 33.71 -17.41 -11.76
CA VAL A 113 34.17 -16.10 -12.22
C VAL A 113 34.22 -15.14 -11.03
N HIS A 114 35.30 -14.38 -10.92
CA HIS A 114 35.47 -13.43 -9.83
C HIS A 114 34.79 -12.10 -10.16
N ALA A 115 34.09 -11.54 -9.17
CA ALA A 115 33.35 -10.28 -9.36
C ALA A 115 33.71 -9.27 -8.29
N ASN A 116 34.91 -9.38 -7.72
CA ASN A 116 35.45 -8.46 -6.71
C ASN A 116 34.49 -8.44 -5.52
N PHE A 117 33.85 -7.31 -5.20
CA PHE A 117 32.96 -7.21 -4.05
C PHE A 117 31.50 -7.56 -4.37
N GLY A 118 31.18 -7.74 -5.65
CA GLY A 118 29.84 -8.08 -6.09
C GLY A 118 28.89 -6.91 -6.26
N THR A 119 29.38 -5.68 -6.17
CA THR A 119 28.53 -4.52 -6.43
C THR A 119 28.13 -4.50 -7.90
N LYS A 120 27.10 -3.69 -8.21
CA LYS A 120 26.63 -3.61 -9.59
C LYS A 120 27.69 -3.05 -10.52
N LYS A 121 28.48 -2.08 -10.04
CA LYS A 121 29.55 -1.54 -10.87
C LYS A 121 30.68 -2.54 -11.03
N ASP A 122 30.87 -3.44 -10.05
CA ASP A 122 31.85 -4.50 -10.22
C ASP A 122 31.44 -5.45 -11.34
N PHE A 123 30.16 -5.83 -11.38
CA PHE A 123 29.69 -6.67 -12.48
C PHE A 123 29.69 -5.91 -13.81
N GLU A 124 29.48 -4.59 -13.78
CA GLU A 124 29.52 -3.81 -15.00
C GLU A 124 30.93 -3.79 -15.59
N ASP A 125 31.94 -3.63 -14.75
CA ASP A 125 33.32 -3.53 -15.21
C ASP A 125 34.01 -4.90 -15.30
N LEU A 126 33.31 -5.91 -15.79
CA LEU A 126 33.87 -7.24 -15.99
C LEU A 126 33.75 -7.63 -17.46
N TYR A 127 34.80 -8.25 -17.99
CA TYR A 127 34.75 -8.72 -19.38
C TYR A 127 34.10 -10.09 -19.49
N THR A 128 34.41 -10.99 -18.55
CA THR A 128 33.82 -12.32 -18.56
C THR A 128 32.39 -12.25 -18.01
N PRO A 129 31.38 -12.63 -18.79
CA PRO A 129 30.01 -12.62 -18.27
C PRO A 129 29.81 -13.75 -17.27
N VAL A 130 28.93 -13.50 -16.31
CA VAL A 130 28.65 -14.46 -15.25
C VAL A 130 27.39 -15.27 -15.52
N ASN A 131 26.82 -15.17 -16.72
CA ASN A 131 25.58 -15.89 -16.99
C ASN A 131 25.81 -17.39 -16.95
N GLY A 132 25.01 -18.07 -16.13
CA GLY A 132 25.10 -19.51 -15.99
C GLY A 132 26.40 -20.02 -15.39
N SER A 133 27.09 -19.21 -14.60
CA SER A 133 28.32 -19.63 -13.95
C SER A 133 28.27 -19.25 -12.48
N ILE A 134 29.11 -19.92 -11.70
CA ILE A 134 29.23 -19.60 -10.27
C ILE A 134 30.17 -18.41 -10.11
N VAL A 135 29.91 -17.60 -9.09
CA VAL A 135 30.63 -16.36 -8.87
C VAL A 135 31.31 -16.41 -7.50
N ILE A 136 32.60 -16.09 -7.47
CA ILE A 136 33.37 -15.99 -6.23
C ILE A 136 33.51 -14.51 -5.88
N VAL A 137 33.17 -14.17 -4.64
CA VAL A 137 33.12 -12.78 -4.19
C VAL A 137 33.80 -12.69 -2.83
N ARG A 138 34.45 -11.55 -2.58
CA ARG A 138 35.02 -11.25 -1.27
C ARG A 138 34.07 -10.39 -0.47
N ALA A 139 34.11 -10.55 0.85
CA ALA A 139 33.17 -9.88 1.73
C ALA A 139 33.52 -8.40 1.86
N GLY A 140 32.57 -7.65 2.40
CA GLY A 140 32.75 -6.23 2.60
C GLY A 140 31.98 -5.39 1.59
N LYS A 141 32.03 -4.07 1.84
CA LYS A 141 31.40 -3.06 0.99
C LYS A 141 29.87 -3.10 1.06
N ILE A 142 29.27 -4.24 0.75
CA ILE A 142 27.82 -4.38 0.75
C ILE A 142 27.46 -5.67 1.47
N THR A 143 26.16 -5.83 1.74
CA THR A 143 25.66 -7.00 2.44
C THR A 143 25.71 -8.23 1.55
N PHE A 144 25.71 -9.42 2.19
CA PHE A 144 25.64 -10.66 1.45
C PHE A 144 24.42 -10.68 0.53
N ALA A 145 23.28 -10.22 1.02
CA ALA A 145 22.05 -10.22 0.23
C ALA A 145 22.20 -9.39 -1.03
N GLU A 146 22.86 -8.23 -0.92
CA GLU A 146 23.10 -7.40 -2.10
C GLU A 146 23.99 -8.11 -3.11
N LYS A 147 25.03 -8.81 -2.64
CA LYS A 147 25.89 -9.57 -3.54
C LYS A 147 25.10 -10.65 -4.27
N VAL A 148 24.30 -11.41 -3.52
CA VAL A 148 23.54 -12.49 -4.12
C VAL A 148 22.50 -11.95 -5.10
N ALA A 149 21.89 -10.81 -4.78
CA ALA A 149 20.90 -10.22 -5.67
C ALA A 149 21.55 -9.72 -6.95
N ASN A 150 22.69 -9.03 -6.83
CA ASN A 150 23.39 -8.55 -8.02
C ASN A 150 23.89 -9.71 -8.89
N ALA A 151 24.27 -10.83 -8.26
CA ALA A 151 24.70 -11.98 -9.04
C ALA A 151 23.52 -12.63 -9.74
N GLU A 152 22.40 -12.83 -9.02
CA GLU A 152 21.24 -13.50 -9.59
C GLU A 152 20.56 -12.65 -10.66
N SER A 153 20.69 -11.33 -10.59
CA SER A 153 20.11 -10.48 -11.61
C SER A 153 20.77 -10.70 -12.97
N LEU A 154 22.04 -11.13 -12.98
CA LEU A 154 22.76 -11.41 -14.21
C LEU A 154 22.90 -12.92 -14.45
N ASN A 155 21.94 -13.71 -13.95
CA ASN A 155 21.83 -15.13 -14.26
C ASN A 155 23.05 -15.92 -13.76
N ALA A 156 23.53 -15.58 -12.58
CA ALA A 156 24.55 -16.40 -11.92
C ALA A 156 23.89 -17.53 -11.14
N ILE A 157 24.52 -18.70 -11.17
CA ILE A 157 23.93 -19.89 -10.58
C ILE A 157 24.45 -20.19 -9.19
N GLY A 158 25.44 -19.44 -8.71
CA GLY A 158 26.00 -19.68 -7.39
C GLY A 158 26.90 -18.55 -6.97
N VAL A 159 27.04 -18.42 -5.65
CA VAL A 159 27.85 -17.36 -5.05
C VAL A 159 28.71 -17.97 -3.95
N LEU A 160 30.00 -17.64 -3.94
CA LEU A 160 30.92 -18.03 -2.88
C LEU A 160 31.54 -16.78 -2.29
N ILE A 161 31.58 -16.71 -0.96
CA ILE A 161 32.05 -15.54 -0.24
C ILE A 161 33.24 -15.93 0.62
N TYR A 162 34.31 -15.15 0.56
CA TYR A 162 35.51 -15.39 1.34
C TYR A 162 36.04 -14.05 1.88
N MET A 163 37.10 -14.13 2.67
CA MET A 163 37.74 -12.95 3.25
C MET A 163 39.20 -12.94 2.83
N ASP A 164 39.56 -12.00 1.96
CA ASP A 164 40.95 -11.85 1.55
C ASP A 164 41.77 -11.25 2.69
N GLN A 165 43.07 -11.55 2.66
CA GLN A 165 43.96 -11.09 3.73
C GLN A 165 44.23 -9.58 3.66
N THR A 166 44.13 -8.98 2.47
CA THR A 166 44.40 -7.54 2.35
C THR A 166 43.35 -6.73 3.09
N LYS A 167 42.07 -7.03 2.88
CA LYS A 167 40.99 -6.35 3.57
C LYS A 167 40.65 -6.99 4.92
N PHE A 168 40.97 -8.27 5.10
CA PHE A 168 40.74 -8.99 6.35
C PHE A 168 42.04 -9.67 6.76
N PRO A 169 42.93 -8.92 7.43
CA PRO A 169 44.22 -9.49 7.83
C PRO A 169 44.10 -10.46 9.00
N ILE A 170 43.72 -11.69 8.70
CA ILE A 170 43.55 -12.73 9.70
C ILE A 170 44.65 -13.77 9.50
N VAL A 171 45.33 -14.12 10.60
CA VAL A 171 46.43 -15.08 10.52
C VAL A 171 45.92 -16.49 10.29
N ASN A 172 44.73 -16.81 10.79
CA ASN A 172 44.27 -18.20 10.80
C ASN A 172 44.19 -18.75 9.37
N ALA A 173 43.52 -18.01 8.48
CA ALA A 173 43.24 -18.28 7.07
C ALA A 173 42.31 -19.49 6.83
N GLU A 174 41.93 -20.24 7.86
CA GLU A 174 40.95 -21.32 7.71
C GLU A 174 39.68 -21.01 8.48
N LEU A 175 39.49 -19.77 8.90
CA LEU A 175 38.37 -19.40 9.75
C LEU A 175 37.08 -19.34 8.92
N SER A 176 36.02 -19.92 9.46
CA SER A 176 34.70 -19.85 8.86
C SER A 176 33.90 -18.69 9.45
N PHE A 177 32.91 -18.22 8.70
CA PHE A 177 32.08 -17.12 9.14
C PHE A 177 30.67 -17.31 8.62
N PHE A 178 29.77 -16.45 9.09
CA PHE A 178 28.34 -16.63 8.91
C PHE A 178 27.68 -15.32 8.49
N GLY A 179 26.67 -15.43 7.63
CA GLY A 179 25.86 -14.29 7.25
C GLY A 179 24.53 -14.78 6.72
N HIS A 180 23.68 -13.82 6.31
CA HIS A 180 22.37 -14.13 5.76
C HIS A 180 22.21 -13.42 4.42
N ALA A 181 21.48 -14.07 3.51
CA ALA A 181 21.34 -13.60 2.14
C ALA A 181 19.96 -13.04 1.85
N HIS A 182 19.12 -12.83 2.86
CA HIS A 182 17.79 -12.26 2.63
C HIS A 182 17.90 -10.78 2.34
N LEU A 183 17.35 -10.36 1.21
CA LEU A 183 17.37 -8.95 0.81
C LEU A 183 16.19 -8.21 1.44
N GLY A 184 16.30 -8.07 2.76
CA GLY A 184 15.24 -7.41 3.53
C GLY A 184 15.49 -7.59 5.01
N THR A 185 14.43 -7.39 5.79
CA THR A 185 14.48 -7.54 7.24
C THR A 185 13.32 -8.41 7.70
N GLY A 186 13.36 -8.77 8.98
CA GLY A 186 12.30 -9.56 9.58
C GLY A 186 12.28 -10.99 9.09
N ASP A 187 11.29 -11.73 9.59
CA ASP A 187 11.07 -13.11 9.18
C ASP A 187 10.69 -13.13 7.71
N PRO A 188 11.53 -13.72 6.85
CA PRO A 188 11.23 -13.72 5.41
C PRO A 188 10.04 -14.57 5.03
N TYR A 189 9.37 -15.22 5.98
CA TYR A 189 8.16 -15.97 5.70
C TYR A 189 6.93 -15.33 6.33
N THR A 190 7.09 -14.19 7.00
CA THR A 190 5.97 -13.32 7.38
C THR A 190 6.25 -11.90 6.92
N PRO A 191 6.33 -11.67 5.59
CA PRO A 191 6.74 -10.36 5.08
C PRO A 191 5.61 -9.34 5.17
N GLY A 192 5.81 -8.32 6.00
CA GLY A 192 4.86 -7.25 6.16
C GLY A 192 3.91 -7.39 7.32
N PHE A 193 3.81 -8.58 7.92
CA PHE A 193 2.92 -8.81 9.05
C PHE A 193 3.69 -9.55 10.14
N PRO A 194 3.28 -9.40 11.40
CA PRO A 194 4.06 -9.96 12.51
C PRO A 194 4.07 -11.48 12.50
N SER A 195 5.01 -12.03 13.27
CA SER A 195 5.16 -13.48 13.39
C SER A 195 4.59 -13.94 14.73
N PHE A 196 3.27 -13.83 14.83
CA PHE A 196 2.52 -14.30 16.00
C PHE A 196 1.68 -15.51 15.63
N ASN A 197 1.18 -16.18 16.65
CA ASN A 197 0.27 -17.30 16.44
C ASN A 197 -1.08 -16.86 15.91
N HIS A 198 -1.43 -15.57 16.08
CA HIS A 198 -2.71 -15.08 15.60
C HIS A 198 -2.83 -15.19 14.09
N THR A 199 -1.72 -14.95 13.37
CA THR A 199 -1.75 -15.05 11.91
C THR A 199 -1.88 -16.48 11.43
N GLN A 200 -1.65 -17.46 12.30
CA GLN A 200 -1.69 -18.88 11.97
C GLN A 200 -0.70 -19.24 10.86
N PHE A 201 0.25 -18.34 10.57
CA PHE A 201 1.36 -18.54 9.66
C PHE A 201 0.91 -19.01 8.29
N PRO A 202 0.34 -18.12 7.48
CA PRO A 202 -0.11 -18.49 6.14
C PRO A 202 1.07 -18.61 5.19
N PRO A 203 0.88 -19.26 4.03
CA PRO A 203 1.99 -19.37 3.07
C PRO A 203 2.33 -18.02 2.43
N SER A 204 3.44 -17.43 2.87
CA SER A 204 3.87 -16.14 2.33
C SER A 204 5.39 -16.15 2.25
N ARG A 205 5.92 -15.86 1.06
CA ARG A 205 7.35 -15.92 0.81
C ARG A 205 7.82 -14.53 0.40
N SER A 206 8.81 -14.00 1.13
CA SER A 206 9.34 -12.68 0.82
C SER A 206 10.08 -12.70 -0.51
N SER A 207 9.88 -11.64 -1.30
CA SER A 207 10.55 -11.53 -2.58
C SER A 207 12.05 -11.33 -2.43
N GLY A 208 12.52 -10.96 -1.24
CA GLY A 208 13.94 -10.80 -0.98
C GLY A 208 14.70 -12.09 -0.79
N LEU A 209 14.02 -13.23 -0.80
CA LEU A 209 14.70 -14.51 -0.65
C LEU A 209 15.37 -14.90 -1.97
N PRO A 210 16.64 -15.28 -1.95
CA PRO A 210 17.31 -15.65 -3.20
C PRO A 210 16.88 -17.02 -3.68
N ASN A 211 17.10 -17.26 -4.98
CA ASN A 211 16.81 -18.55 -5.60
C ASN A 211 18.06 -19.22 -6.15
N ILE A 212 19.23 -18.85 -5.63
CA ILE A 212 20.49 -19.50 -6.00
C ILE A 212 21.27 -19.80 -4.73
N PRO A 213 22.08 -20.85 -4.69
CA PRO A 213 22.83 -21.17 -3.48
C PRO A 213 24.02 -20.24 -3.29
N VAL A 214 24.22 -19.81 -2.04
CA VAL A 214 25.35 -18.98 -1.65
C VAL A 214 25.99 -19.60 -0.42
N GLN A 215 27.32 -19.69 -0.41
CA GLN A 215 28.04 -20.38 0.64
C GLN A 215 29.30 -19.60 0.99
N THR A 216 29.65 -19.60 2.28
CA THR A 216 30.88 -18.97 2.75
C THR A 216 32.01 -19.99 2.77
N ILE A 217 33.22 -19.52 2.44
CA ILE A 217 34.42 -20.35 2.46
C ILE A 217 35.53 -19.58 3.16
N SER A 218 36.52 -20.33 3.64
CA SER A 218 37.67 -19.72 4.29
C SER A 218 38.67 -19.22 3.24
N ARG A 219 39.65 -18.45 3.70
CA ARG A 219 40.68 -17.94 2.80
C ARG A 219 41.54 -19.07 2.25
N ALA A 220 41.74 -20.14 3.04
CA ALA A 220 42.50 -21.28 2.55
C ALA A 220 41.81 -21.93 1.36
N ALA A 221 40.49 -22.15 1.47
CA ALA A 221 39.74 -22.70 0.34
C ALA A 221 39.70 -21.73 -0.83
N ALA A 222 39.66 -20.42 -0.55
CA ALA A 222 39.68 -19.44 -1.64
C ALA A 222 40.98 -19.51 -2.42
N GLU A 223 42.12 -19.60 -1.73
CA GLU A 223 43.39 -19.72 -2.42
C GLU A 223 43.54 -21.09 -3.08
N LYS A 224 42.94 -22.12 -2.49
CA LYS A 224 42.93 -23.44 -3.14
C LYS A 224 42.18 -23.39 -4.46
N LEU A 225 41.07 -22.66 -4.51
CA LEU A 225 40.37 -22.44 -5.77
C LEU A 225 41.20 -21.57 -6.72
N PHE A 226 41.86 -20.55 -6.17
CA PHE A 226 42.70 -19.68 -7.00
C PHE A 226 43.83 -20.45 -7.67
N GLY A 227 44.33 -21.50 -7.02
CA GLY A 227 45.34 -22.34 -7.62
C GLY A 227 44.86 -23.13 -8.81
N ASN A 228 43.55 -23.14 -9.08
CA ASN A 228 42.99 -23.87 -10.21
C ASN A 228 42.34 -22.96 -11.25
N MET A 229 42.60 -21.65 -11.20
CA MET A 229 42.03 -20.70 -12.15
C MET A 229 43.12 -19.79 -12.70
N GLU A 230 42.78 -19.06 -13.75
CA GLU A 230 43.73 -18.23 -14.48
C GLU A 230 43.29 -16.77 -14.44
N GLY A 231 44.17 -15.90 -14.95
CA GLY A 231 43.88 -14.49 -15.01
C GLY A 231 44.26 -13.74 -13.74
N ASP A 232 45.01 -12.64 -13.89
CA ASP A 232 45.40 -11.84 -12.75
C ASP A 232 44.29 -10.87 -12.36
N CYS A 233 44.07 -10.76 -11.06
CA CYS A 233 43.07 -9.82 -10.57
C CYS A 233 43.58 -8.39 -10.71
N PRO A 234 42.73 -7.46 -11.13
CA PRO A 234 43.19 -6.08 -11.35
C PRO A 234 43.72 -5.46 -10.06
N SER A 235 44.79 -4.67 -10.20
CA SER A 235 45.39 -4.00 -9.06
C SER A 235 44.49 -2.95 -8.44
N ASP A 236 43.41 -2.55 -9.13
CA ASP A 236 42.45 -1.61 -8.56
C ASP A 236 41.70 -2.22 -7.39
N TRP A 237 41.62 -3.55 -7.31
CA TRP A 237 40.83 -4.21 -6.27
C TRP A 237 41.54 -4.23 -4.93
N LYS A 238 42.87 -4.10 -4.91
CA LYS A 238 43.67 -4.15 -3.68
C LYS A 238 43.40 -5.45 -2.90
N THR A 239 43.77 -6.57 -3.53
CA THR A 239 43.57 -7.89 -2.95
C THR A 239 44.90 -8.63 -2.88
N ASP A 240 44.84 -9.89 -2.45
CA ASP A 240 46.04 -10.68 -2.26
C ASP A 240 46.71 -10.99 -3.60
N SER A 241 47.98 -11.39 -3.52
CA SER A 241 48.72 -11.73 -4.72
C SER A 241 48.22 -13.04 -5.34
N THR A 242 47.77 -13.98 -4.51
CA THR A 242 47.28 -15.26 -5.00
C THR A 242 45.92 -15.15 -5.68
N CYS A 243 45.35 -13.96 -5.79
CA CYS A 243 44.05 -13.79 -6.41
C CYS A 243 44.11 -14.15 -7.90
N ARG A 244 43.09 -14.89 -8.36
CA ARG A 244 42.94 -15.22 -9.76
C ARG A 244 41.49 -14.96 -10.17
N MET A 245 41.25 -15.02 -11.48
CA MET A 245 39.98 -14.56 -12.04
C MET A 245 39.05 -15.69 -12.44
N VAL A 246 39.34 -16.36 -13.55
CA VAL A 246 38.43 -17.31 -14.17
C VAL A 246 39.06 -18.70 -14.17
N THR A 247 38.24 -19.72 -13.93
CA THR A 247 38.71 -21.10 -13.87
C THR A 247 39.34 -21.52 -15.20
N SER A 248 40.03 -22.65 -15.15
CA SER A 248 40.67 -23.21 -16.34
C SER A 248 39.61 -23.69 -17.32
N GLU A 249 40.08 -24.18 -18.48
CA GLU A 249 39.16 -24.61 -19.53
C GLU A 249 38.34 -25.82 -19.09
N SER A 250 39.00 -26.87 -18.62
CA SER A 250 38.33 -28.13 -18.31
C SER A 250 37.93 -28.25 -16.85
N LYS A 251 38.18 -27.25 -16.03
CA LYS A 251 37.89 -27.31 -14.60
C LYS A 251 36.58 -26.60 -14.30
N ASN A 252 35.71 -27.28 -13.54
CA ASN A 252 34.46 -26.71 -13.06
C ASN A 252 34.39 -26.83 -11.55
N VAL A 253 33.55 -26.01 -10.94
CA VAL A 253 33.32 -26.01 -9.51
C VAL A 253 31.90 -26.50 -9.25
N LYS A 254 31.75 -27.39 -8.28
CA LYS A 254 30.45 -27.89 -7.83
C LYS A 254 30.22 -27.38 -6.40
N LEU A 255 29.16 -26.61 -6.23
CA LEU A 255 28.75 -26.07 -4.94
C LEU A 255 27.47 -26.77 -4.51
N THR A 256 27.49 -27.37 -3.31
CA THR A 256 26.35 -28.09 -2.77
C THR A 256 25.98 -27.49 -1.42
N VAL A 257 24.81 -26.88 -1.34
CA VAL A 257 24.28 -26.31 -0.11
C VAL A 257 22.98 -27.05 0.22
N SER A 258 22.87 -27.54 1.45
CA SER A 258 21.72 -28.33 1.86
C SER A 258 21.09 -27.79 3.15
N ASN A 259 21.10 -26.47 3.33
CA ASN A 259 20.55 -25.87 4.53
C ASN A 259 19.06 -26.14 4.63
N VAL A 260 18.55 -26.20 5.85
CA VAL A 260 17.15 -26.50 6.11
C VAL A 260 16.55 -25.43 7.00
N LEU A 261 15.25 -25.22 6.85
CA LEU A 261 14.54 -24.26 7.68
C LEU A 261 14.26 -24.84 9.06
N LYS A 262 14.11 -23.96 10.04
CA LYS A 262 13.82 -24.35 11.42
C LYS A 262 12.99 -23.26 12.07
N GLU A 263 11.86 -23.65 12.66
CA GLU A 263 10.99 -22.73 13.37
C GLU A 263 11.45 -22.64 14.82
N ILE A 264 11.73 -21.42 15.27
CA ILE A 264 12.28 -21.17 16.59
C ILE A 264 11.47 -20.09 17.29
N LYS A 265 11.58 -20.08 18.62
CA LYS A 265 10.94 -19.07 19.46
C LYS A 265 11.98 -18.05 19.88
N ILE A 266 11.76 -16.78 19.51
CA ILE A 266 12.63 -15.69 19.89
C ILE A 266 11.88 -14.80 20.87
N LEU A 267 12.64 -14.14 21.74
CA LEU A 267 12.10 -13.30 22.79
C LEU A 267 12.70 -11.91 22.71
N ASN A 268 11.84 -10.90 22.66
CA ASN A 268 12.26 -9.50 22.73
C ASN A 268 11.96 -8.96 24.12
N ILE A 269 13.00 -8.51 24.81
CA ILE A 269 12.86 -8.03 26.19
C ILE A 269 12.69 -6.51 26.14
N PHE A 270 11.85 -5.98 27.02
CA PHE A 270 11.59 -4.54 27.03
C PHE A 270 11.51 -4.01 28.44
N GLY A 271 12.07 -2.83 28.65
CA GLY A 271 11.81 -2.05 29.84
C GLY A 271 11.45 -0.64 29.45
N VAL A 272 10.64 0.00 30.29
CA VAL A 272 10.16 1.35 30.02
C VAL A 272 10.21 2.17 31.29
N ILE A 273 10.79 3.36 31.18
CA ILE A 273 10.72 4.40 32.21
C ILE A 273 9.71 5.42 31.71
N LYS A 274 8.57 5.51 32.40
CA LYS A 274 7.50 6.39 31.94
C LYS A 274 7.86 7.86 32.13
N GLY A 275 7.37 8.69 31.22
CA GLY A 275 7.58 10.11 31.32
C GLY A 275 6.74 10.74 32.42
N PHE A 276 7.02 12.01 32.68
CA PHE A 276 6.33 12.75 33.73
C PHE A 276 5.31 13.74 33.20
N VAL A 277 5.37 14.08 31.92
CA VAL A 277 4.43 15.04 31.33
C VAL A 277 3.68 14.39 30.19
N GLU A 278 4.42 13.87 29.20
CA GLU A 278 3.87 13.23 28.01
C GLU A 278 4.40 11.81 27.93
N PRO A 279 3.87 10.88 28.74
CA PRO A 279 4.40 9.51 28.72
C PRO A 279 4.03 8.72 27.49
N ASP A 280 3.05 9.17 26.70
CA ASP A 280 2.65 8.42 25.51
C ASP A 280 3.66 8.53 24.38
N HIS A 281 4.53 9.54 24.41
CA HIS A 281 5.61 9.68 23.44
C HIS A 281 6.90 9.14 24.04
N TYR A 282 7.72 8.49 23.22
CA TYR A 282 8.90 7.83 23.77
C TYR A 282 9.98 7.67 22.72
N VAL A 283 11.21 7.51 23.22
CA VAL A 283 12.38 7.08 22.45
C VAL A 283 12.57 5.59 22.69
N VAL A 284 13.04 4.88 21.67
CA VAL A 284 13.34 3.46 21.77
C VAL A 284 14.85 3.28 21.62
N VAL A 285 15.45 2.58 22.56
CA VAL A 285 16.88 2.28 22.54
C VAL A 285 17.02 0.76 22.45
N GLY A 286 17.54 0.28 21.32
CA GLY A 286 17.61 -1.15 21.09
C GLY A 286 19.02 -1.68 20.93
N ALA A 287 19.18 -2.99 21.09
CA ALA A 287 20.48 -3.63 20.95
C ALA A 287 20.28 -5.11 20.63
N GLN A 288 21.05 -5.62 19.68
CA GLN A 288 20.97 -7.02 19.31
C GLN A 288 21.60 -7.89 20.39
N ARG A 289 20.96 -9.03 20.68
CA ARG A 289 21.41 -9.94 21.72
C ARG A 289 21.99 -11.24 21.18
N ASP A 290 21.44 -11.78 20.09
CA ASP A 290 21.92 -13.04 19.56
C ASP A 290 23.16 -12.84 18.70
N ALA A 291 23.87 -13.94 18.45
CA ALA A 291 25.07 -13.94 17.63
C ALA A 291 25.42 -15.38 17.26
N TRP A 292 25.91 -15.57 16.03
CA TRP A 292 26.27 -16.91 15.58
C TRP A 292 27.40 -17.49 16.43
N GLY A 293 28.52 -16.77 16.48
CA GLY A 293 29.62 -17.17 17.32
C GLY A 293 29.50 -16.57 18.71
N PRO A 294 30.63 -16.23 19.32
CA PRO A 294 30.57 -15.54 20.62
C PRO A 294 29.94 -14.17 20.52
N GLY A 295 30.19 -13.44 19.44
CA GLY A 295 29.55 -12.16 19.20
C GLY A 295 29.83 -11.11 20.25
N ALA A 296 31.10 -10.89 20.57
CA ALA A 296 31.44 -9.89 21.58
C ALA A 296 31.33 -8.48 21.04
N ALA A 297 31.71 -8.28 19.78
CA ALA A 297 31.73 -6.93 19.22
C ALA A 297 30.32 -6.46 18.85
N LYS A 298 29.53 -7.32 18.21
CA LYS A 298 28.24 -6.89 17.70
C LYS A 298 27.18 -6.86 18.81
N SER A 299 26.99 -7.97 19.50
CA SER A 299 25.89 -8.11 20.45
C SER A 299 26.31 -7.85 21.90
N GLY A 300 27.51 -8.27 22.29
CA GLY A 300 27.92 -8.11 23.68
C GLY A 300 28.03 -6.65 24.08
N VAL A 301 28.73 -5.85 23.29
CA VAL A 301 28.89 -4.44 23.59
C VAL A 301 27.54 -3.74 23.60
N GLY A 302 26.68 -4.06 22.63
CA GLY A 302 25.38 -3.41 22.56
C GLY A 302 24.51 -3.74 23.77
N THR A 303 24.47 -5.02 24.15
CA THR A 303 23.67 -5.42 25.30
C THR A 303 24.20 -4.83 26.59
N ALA A 304 25.53 -4.77 26.74
CA ALA A 304 26.11 -4.16 27.94
C ALA A 304 25.77 -2.67 28.01
N LEU A 305 25.89 -1.97 26.88
CA LEU A 305 25.52 -0.56 26.84
C LEU A 305 24.04 -0.36 27.17
N LEU A 306 23.18 -1.23 26.66
CA LEU A 306 21.76 -1.14 26.95
C LEU A 306 21.50 -1.30 28.45
N LEU A 307 22.06 -2.35 29.05
CA LEU A 307 21.88 -2.59 30.47
C LEU A 307 22.37 -1.41 31.30
N LYS A 308 23.56 -0.90 30.98
CA LYS A 308 24.13 0.16 31.80
C LYS A 308 23.37 1.48 31.62
N LEU A 309 22.93 1.78 30.39
CA LEU A 309 22.13 2.98 30.17
C LEU A 309 20.81 2.90 30.94
N ALA A 310 20.14 1.74 30.90
CA ALA A 310 18.91 1.57 31.65
C ALA A 310 19.15 1.76 33.14
N GLN A 311 20.21 1.14 33.67
CA GLN A 311 20.52 1.27 35.08
C GLN A 311 20.78 2.72 35.48
N MET A 312 21.58 3.42 34.68
CA MET A 312 21.94 4.79 35.01
C MET A 312 20.74 5.72 34.94
N PHE A 313 19.88 5.57 33.92
CA PHE A 313 18.71 6.44 33.82
C PHE A 313 17.70 6.14 34.93
N SER A 314 17.57 4.87 35.31
CA SER A 314 16.70 4.54 36.43
C SER A 314 17.22 5.14 37.73
N ASP A 315 18.54 5.08 37.94
CA ASP A 315 19.12 5.71 39.12
C ASP A 315 18.92 7.22 39.10
N MET A 316 19.02 7.84 37.93
CA MET A 316 18.84 9.28 37.83
C MET A 316 17.39 9.67 38.12
N VAL A 317 16.43 8.88 37.67
CA VAL A 317 15.03 9.24 37.89
C VAL A 317 14.57 8.88 39.30
N LEU A 318 15.22 7.90 39.94
CA LEU A 318 14.77 7.47 41.26
C LEU A 318 15.52 8.14 42.41
N LYS A 319 16.79 8.50 42.22
CA LYS A 319 17.59 9.05 43.29
C LYS A 319 18.05 10.49 43.04
N ASP A 320 18.18 10.91 41.79
CA ASP A 320 18.75 12.22 41.48
C ASP A 320 17.72 13.20 40.94
N GLY A 321 16.44 12.83 40.94
CA GLY A 321 15.39 13.76 40.56
C GLY A 321 15.27 14.04 39.09
N PHE A 322 15.82 13.19 38.22
CA PHE A 322 15.65 13.37 36.79
C PHE A 322 14.22 13.01 36.40
N GLN A 323 13.53 13.95 35.76
CA GLN A 323 12.12 13.80 35.41
C GLN A 323 11.94 14.02 33.92
N PRO A 324 12.03 12.97 33.12
CA PRO A 324 11.84 13.13 31.67
C PRO A 324 10.38 13.42 31.34
N SER A 325 10.17 14.37 30.43
CA SER A 325 8.82 14.67 29.98
C SER A 325 8.22 13.52 29.19
N ARG A 326 9.04 12.78 28.46
CA ARG A 326 8.59 11.68 27.62
C ARG A 326 9.28 10.39 28.06
N SER A 327 8.67 9.26 27.69
CA SER A 327 9.11 7.96 28.17
C SER A 327 10.37 7.50 27.45
N ILE A 328 11.00 6.46 28.00
CA ILE A 328 12.19 5.85 27.44
C ILE A 328 11.98 4.34 27.41
N ILE A 329 12.25 3.72 26.27
CA ILE A 329 12.08 2.28 26.09
C ILE A 329 13.44 1.67 25.74
N PHE A 330 13.89 0.74 26.58
CA PHE A 330 15.08 -0.06 26.32
C PHE A 330 14.66 -1.43 25.83
N ALA A 331 15.18 -1.84 24.67
CA ALA A 331 14.75 -3.07 24.02
C ALA A 331 15.94 -3.95 23.72
N SER A 332 15.87 -5.21 24.14
CA SER A 332 16.84 -6.23 23.77
C SER A 332 16.19 -7.12 22.71
N TRP A 333 16.67 -7.01 21.49
CA TRP A 333 16.14 -7.76 20.36
C TRP A 333 16.82 -9.12 20.25
N SER A 334 16.20 -10.00 19.48
CA SER A 334 16.75 -11.31 19.17
C SER A 334 16.68 -11.55 17.67
N ALA A 335 17.37 -12.60 17.22
CA ALA A 335 17.42 -12.96 15.80
C ALA A 335 17.91 -11.81 14.94
N GLY A 336 18.88 -11.06 15.46
CA GLY A 336 19.46 -9.94 14.75
C GLY A 336 20.51 -10.27 13.73
N ASP A 337 20.85 -11.55 13.57
CA ASP A 337 21.82 -11.98 12.57
C ASP A 337 21.16 -12.55 11.31
N PHE A 338 19.84 -12.72 11.32
CA PHE A 338 19.08 -13.08 10.13
C PHE A 338 18.35 -11.87 9.54
N GLY A 339 18.96 -10.70 9.65
CA GLY A 339 18.31 -9.44 9.32
C GLY A 339 18.09 -8.61 10.56
N SER A 340 16.88 -8.10 10.74
CA SER A 340 16.45 -7.45 11.97
C SER A 340 15.15 -8.08 12.45
N VAL A 341 15.16 -9.41 12.56
CA VAL A 341 13.92 -10.18 12.70
C VAL A 341 13.14 -9.72 13.93
N GLY A 342 13.81 -9.67 15.08
CA GLY A 342 13.12 -9.25 16.29
C GLY A 342 12.53 -7.85 16.18
N ALA A 343 13.37 -6.88 15.82
CA ALA A 343 12.92 -5.49 15.76
C ALA A 343 11.90 -5.30 14.64
N THR A 344 12.12 -5.92 13.48
CA THR A 344 11.20 -5.75 12.36
C THR A 344 9.83 -6.36 12.65
N GLU A 345 9.82 -7.56 13.26
CA GLU A 345 8.54 -8.17 13.62
C GLU A 345 7.85 -7.41 14.74
N TRP A 346 8.62 -6.80 15.64
CA TRP A 346 8.00 -5.96 16.67
C TRP A 346 7.39 -4.71 16.06
N LEU A 347 8.06 -4.12 15.06
CA LEU A 347 7.49 -2.97 14.36
C LEU A 347 6.24 -3.36 13.59
N GLU A 348 6.26 -4.51 12.92
CA GLU A 348 5.10 -4.98 12.17
C GLU A 348 3.95 -5.39 13.07
N GLY A 349 4.23 -5.77 14.32
CA GLY A 349 3.18 -6.19 15.22
C GLY A 349 2.44 -5.02 15.86
N TYR A 350 3.16 -4.01 16.32
CA TYR A 350 2.59 -2.88 17.02
C TYR A 350 2.74 -1.59 16.24
N LEU A 351 2.65 -1.67 14.90
CA LEU A 351 2.81 -0.48 14.07
C LEU A 351 1.72 0.55 14.37
N SER A 352 0.48 0.10 14.55
CA SER A 352 -0.62 1.01 14.83
C SER A 352 -0.53 1.63 16.22
N SER A 353 0.18 0.99 17.15
CA SER A 353 0.31 1.51 18.51
C SER A 353 1.41 2.54 18.67
N LEU A 354 2.45 2.50 17.83
CA LEU A 354 3.53 3.47 17.86
C LEU A 354 3.52 4.37 16.62
N HIS A 355 2.35 4.61 16.04
CA HIS A 355 2.24 5.37 14.81
C HIS A 355 2.88 6.74 14.94
N LEU A 356 2.33 7.58 15.81
CA LEU A 356 2.87 8.91 16.08
C LEU A 356 3.22 9.07 17.55
N LYS A 357 3.72 8.00 18.17
CA LYS A 357 4.12 7.99 19.57
C LYS A 357 5.62 7.82 19.72
N ALA A 358 6.19 6.74 19.21
CA ALA A 358 7.63 6.56 19.19
C ALA A 358 8.25 7.54 18.20
N PHE A 359 9.12 8.42 18.68
CA PHE A 359 9.64 9.49 17.83
C PHE A 359 11.14 9.43 17.56
N THR A 360 11.86 8.50 18.18
CA THR A 360 13.29 8.38 17.90
C THR A 360 13.75 6.98 18.30
N TYR A 361 14.62 6.40 17.49
CA TYR A 361 15.26 5.13 17.80
C TYR A 361 16.78 5.30 17.80
N ILE A 362 17.43 4.69 18.79
CA ILE A 362 18.88 4.76 18.95
C ILE A 362 19.40 3.33 18.98
N ASN A 363 20.16 2.94 17.95
CA ASN A 363 20.71 1.60 17.89
C ASN A 363 22.11 1.58 18.50
N LEU A 364 22.37 0.57 19.32
CA LEU A 364 23.64 0.43 20.02
C LEU A 364 24.48 -0.71 19.47
N ASP A 365 24.08 -1.32 18.35
CA ASP A 365 24.79 -2.48 17.82
C ASP A 365 26.10 -2.05 17.17
N LYS A 366 27.17 -2.76 17.50
CA LYS A 366 28.50 -2.52 16.93
C LYS A 366 28.95 -1.08 17.15
N ALA A 367 28.77 -0.59 18.37
CA ALA A 367 29.13 0.78 18.70
C ALA A 367 30.61 0.94 19.04
N VAL A 368 31.31 -0.15 19.33
CA VAL A 368 32.73 -0.11 19.69
C VAL A 368 33.45 -1.09 18.76
N LEU A 369 34.11 -0.57 17.72
CA LEU A 369 34.89 -1.37 16.81
C LEU A 369 36.28 -0.82 16.55
N GLY A 370 36.64 0.29 17.19
CA GLY A 370 37.94 0.88 16.98
C GLY A 370 38.06 2.18 17.76
N THR A 371 39.17 2.88 17.50
CA THR A 371 39.44 4.15 18.19
C THR A 371 39.75 5.31 17.25
N SER A 372 39.89 5.08 15.95
CA SER A 372 40.31 6.15 15.04
C SER A 372 39.16 7.11 14.74
N ASN A 373 38.11 6.62 14.11
CA ASN A 373 37.03 7.48 13.62
C ASN A 373 35.77 7.28 14.43
N PHE A 374 34.94 8.33 14.47
CA PHE A 374 33.60 8.29 15.07
C PHE A 374 32.61 8.51 13.93
N LYS A 375 31.97 7.44 13.49
CA LYS A 375 31.04 7.49 12.37
C LYS A 375 29.61 7.40 12.88
N VAL A 376 28.68 7.97 12.10
CA VAL A 376 27.28 8.02 12.46
C VAL A 376 26.44 7.99 11.20
N SER A 377 25.30 7.31 11.28
CA SER A 377 24.32 7.28 10.20
C SER A 377 22.94 7.44 10.82
N ALA A 378 22.21 8.46 10.39
CA ALA A 378 20.94 8.79 11.02
C ALA A 378 20.08 9.59 10.07
N SER A 379 18.82 9.78 10.45
CA SER A 379 17.93 10.67 9.72
C SER A 379 18.39 12.11 9.92
N PRO A 380 18.13 12.98 8.93
CA PRO A 380 18.54 14.39 9.08
C PRO A 380 17.98 15.07 10.31
N LEU A 381 16.79 14.66 10.77
CA LEU A 381 16.19 15.26 11.95
C LEU A 381 17.11 15.21 13.16
N LEU A 382 17.98 14.21 13.22
CA LEU A 382 18.90 14.04 14.35
C LEU A 382 20.26 14.67 14.11
N TYR A 383 20.55 15.10 12.87
CA TYR A 383 21.88 15.61 12.54
C TYR A 383 22.33 16.68 13.53
N THR A 384 21.52 17.74 13.69
CA THR A 384 21.85 18.78 14.65
C THR A 384 22.06 18.20 16.04
N LEU A 385 21.16 17.31 16.48
CA LEU A 385 21.32 16.68 17.77
C LEU A 385 22.65 15.94 17.86
N ILE A 386 23.07 15.30 16.77
CA ILE A 386 24.38 14.68 16.74
C ILE A 386 25.47 15.74 16.83
N GLU A 387 25.34 16.81 16.04
CA GLU A 387 26.36 17.84 16.00
C GLU A 387 26.58 18.45 17.37
N LYS A 388 25.50 18.96 17.99
CA LYS A 388 25.60 19.51 19.34
C LYS A 388 26.11 18.49 20.34
N THR A 389 25.95 17.19 20.06
CA THR A 389 26.51 16.17 20.95
C THR A 389 28.00 15.98 20.72
N MET A 390 28.46 16.13 19.47
CA MET A 390 29.88 15.98 19.19
C MET A 390 30.71 17.18 19.66
N GLN A 391 30.05 18.30 19.99
CA GLN A 391 30.77 19.49 20.42
C GLN A 391 31.06 19.51 21.91
N ASN A 392 30.59 18.52 22.66
CA ASN A 392 30.80 18.53 24.10
C ASN A 392 30.96 17.13 24.66
N VAL A 393 31.38 16.18 23.83
CA VAL A 393 31.76 14.84 24.25
C VAL A 393 33.17 14.57 23.74
N LYS A 394 34.07 14.21 24.65
CA LYS A 394 35.48 14.13 24.32
C LYS A 394 35.86 12.74 23.79
N HIS A 395 36.90 12.71 22.97
CA HIS A 395 37.37 11.47 22.40
C HIS A 395 38.04 10.62 23.47
N PRO A 396 37.90 9.29 23.41
CA PRO A 396 38.42 8.44 24.50
C PRO A 396 39.93 8.47 24.65
N VAL A 397 40.68 8.67 23.57
CA VAL A 397 42.14 8.61 23.61
C VAL A 397 42.76 9.97 23.36
N THR A 398 42.29 10.70 22.33
CA THR A 398 42.88 11.99 22.02
C THR A 398 42.42 13.10 22.95
N GLY A 399 41.32 12.89 23.67
CA GLY A 399 40.82 13.87 24.62
C GLY A 399 40.15 15.08 24.01
N GLN A 400 40.10 15.18 22.68
CA GLN A 400 39.47 16.31 22.01
C GLN A 400 37.99 16.04 21.76
N PHE A 401 37.26 17.11 21.46
CA PHE A 401 35.85 16.98 21.15
C PHE A 401 35.66 16.22 19.83
N LEU A 402 34.54 15.50 19.75
CA LEU A 402 34.26 14.72 18.54
C LEU A 402 34.01 15.63 17.34
N TYR A 403 33.56 16.86 17.57
CA TYR A 403 33.27 17.80 16.49
C TYR A 403 34.58 18.41 16.01
N GLN A 404 35.10 17.91 14.90
CA GLN A 404 36.30 18.44 14.27
C GLN A 404 36.08 18.87 12.83
N ASP A 405 35.27 18.13 12.07
CA ASP A 405 34.93 18.49 10.71
C ASP A 405 33.61 19.26 10.71
N SER A 406 33.63 20.47 10.15
CA SER A 406 32.44 21.30 10.08
C SER A 406 31.49 20.88 8.97
N ASN A 407 31.93 20.05 8.03
CA ASN A 407 31.11 19.55 6.94
C ASN A 407 30.87 18.04 7.06
N TRP A 408 30.64 17.57 8.29
CA TRP A 408 30.42 16.15 8.50
C TRP A 408 29.07 15.69 7.94
N ALA A 409 28.05 16.57 8.01
CA ALA A 409 26.72 16.18 7.58
C ALA A 409 26.68 15.90 6.08
N SER A 410 27.54 16.55 5.30
CA SER A 410 27.60 16.29 3.87
C SER A 410 28.34 15.00 3.54
N LYS A 411 28.93 14.33 4.52
CA LYS A 411 29.67 13.10 4.31
C LYS A 411 29.02 11.90 5.00
N VAL A 412 27.79 12.05 5.50
CA VAL A 412 27.12 10.98 6.21
C VAL A 412 26.53 10.00 5.21
N GLU A 413 26.86 8.72 5.38
CA GLU A 413 26.28 7.65 4.58
C GLU A 413 24.96 7.20 5.20
N LYS A 414 24.02 6.83 4.34
CA LYS A 414 22.70 6.44 4.80
C LYS A 414 22.74 5.05 5.44
N LEU A 415 21.70 4.75 6.21
CA LEU A 415 21.60 3.46 6.88
C LEU A 415 21.47 2.34 5.84
N THR A 416 22.07 1.19 6.17
CA THR A 416 22.10 0.04 5.28
C THR A 416 21.18 -1.06 5.79
N LEU A 417 21.04 -2.10 4.97
CA LEU A 417 20.08 -3.16 5.25
C LEU A 417 20.46 -3.96 6.50
N ASP A 418 21.75 -4.09 6.79
CA ASP A 418 22.18 -4.89 7.93
C ASP A 418 21.96 -4.17 9.26
N ASN A 419 21.74 -2.86 9.24
CA ASN A 419 21.58 -2.10 10.47
C ASN A 419 20.15 -2.20 10.97
N ALA A 420 20.00 -2.32 12.29
CA ALA A 420 18.68 -2.46 12.90
C ALA A 420 17.89 -1.16 12.88
N ALA A 421 18.55 -0.02 12.68
CA ALA A 421 17.86 1.25 12.58
C ALA A 421 17.19 1.45 11.23
N PHE A 422 17.60 0.69 10.22
CA PHE A 422 17.02 0.83 8.88
C PHE A 422 15.54 0.48 8.84
N PRO A 423 15.06 -0.60 9.45
CA PRO A 423 13.60 -0.81 9.47
C PRO A 423 12.87 0.21 10.32
N PHE A 424 13.53 0.78 11.34
CA PHE A 424 12.90 1.82 12.13
C PHE A 424 12.71 3.10 11.31
N LEU A 425 13.64 3.40 10.41
CA LEU A 425 13.56 4.64 9.65
C LEU A 425 12.76 4.49 8.36
N ALA A 426 13.04 3.45 7.58
CA ALA A 426 12.48 3.33 6.23
C ALA A 426 11.09 2.71 6.23
N TYR A 427 10.77 1.88 7.22
CA TYR A 427 9.48 1.20 7.26
C TYR A 427 8.47 1.92 8.14
N SER A 428 8.79 2.08 9.43
CA SER A 428 7.87 2.68 10.38
C SER A 428 7.93 4.20 10.39
N GLY A 429 8.87 4.81 9.66
CA GLY A 429 8.96 6.26 9.63
C GLY A 429 9.37 6.89 10.94
N ILE A 430 10.18 6.20 11.73
CA ILE A 430 10.66 6.72 13.01
C ILE A 430 12.12 7.14 12.83
N PRO A 431 12.49 8.37 13.21
CA PRO A 431 13.89 8.77 13.10
C PRO A 431 14.80 7.86 13.91
N ALA A 432 15.87 7.39 13.28
CA ALA A 432 16.76 6.41 13.89
C ALA A 432 18.20 6.87 13.71
N VAL A 433 19.06 6.45 14.64
CA VAL A 433 20.45 6.86 14.66
C VAL A 433 21.32 5.68 15.09
N SER A 434 22.39 5.42 14.34
CA SER A 434 23.41 4.46 14.71
C SER A 434 24.77 5.15 14.69
N PHE A 435 25.63 4.79 15.63
CA PHE A 435 26.94 5.43 15.74
C PHE A 435 27.96 4.40 16.19
N CYS A 436 29.23 4.68 15.91
CA CYS A 436 30.28 3.73 16.26
C CYS A 436 31.64 4.41 16.27
N PHE A 437 32.46 4.04 17.26
CA PHE A 437 33.89 4.31 17.24
C PHE A 437 34.58 3.14 16.53
N CYS A 438 35.06 3.38 15.32
CA CYS A 438 35.56 2.30 14.48
C CYS A 438 36.85 2.77 13.80
N GLU A 439 37.32 1.96 12.85
CA GLU A 439 38.50 2.23 12.05
C GLU A 439 38.09 2.36 10.58
N ASP A 440 39.08 2.62 9.72
CA ASP A 440 38.80 2.69 8.29
C ASP A 440 38.57 1.31 7.68
N THR A 441 38.97 0.25 8.38
CA THR A 441 38.78 -1.12 7.91
C THR A 441 37.76 -1.83 8.80
N ASP A 442 37.13 -2.86 8.23
CA ASP A 442 36.10 -3.60 8.95
C ASP A 442 36.72 -4.42 10.07
N TYR A 443 35.93 -4.65 11.11
CA TYR A 443 36.34 -5.53 12.19
C TYR A 443 36.43 -6.95 11.65
N PRO A 444 37.62 -7.56 11.62
CA PRO A 444 37.78 -8.83 10.90
C PRO A 444 37.03 -10.00 11.51
N TYR A 445 36.73 -9.95 12.81
CA TYR A 445 36.19 -11.11 13.52
C TYR A 445 34.67 -11.11 13.58
N LEU A 446 34.00 -10.16 12.92
CA LEU A 446 32.54 -10.13 12.93
C LEU A 446 31.98 -11.33 12.18
N GLY A 447 31.03 -12.02 12.81
CA GLY A 447 30.43 -13.20 12.23
C GLY A 447 31.27 -14.45 12.28
N THR A 448 32.40 -14.42 12.98
CA THR A 448 33.31 -15.55 13.08
C THR A 448 33.31 -16.10 14.51
N THR A 449 34.04 -17.19 14.71
CA THR A 449 34.18 -17.78 16.03
C THR A 449 35.18 -17.04 16.91
N MET A 450 35.95 -16.11 16.35
CA MET A 450 36.94 -15.36 17.11
C MET A 450 36.40 -14.02 17.60
N ASP A 451 35.11 -13.74 17.42
CA ASP A 451 34.52 -12.53 17.97
C ASP A 451 34.36 -12.68 19.47
N THR A 452 35.47 -12.80 20.19
CA THR A 452 35.49 -13.07 21.61
C THR A 452 35.89 -11.81 22.39
N TYR A 453 35.90 -11.94 23.71
CA TYR A 453 36.25 -10.81 24.57
C TYR A 453 37.74 -10.57 24.60
N LYS A 454 38.54 -11.65 24.56
CA LYS A 454 39.99 -11.49 24.60
C LYS A 454 40.52 -10.82 23.34
N GLU A 455 40.01 -11.24 22.17
CA GLU A 455 40.42 -10.61 20.92
C GLU A 455 39.93 -9.18 20.82
N LEU A 456 38.87 -8.82 21.54
CA LEU A 456 38.36 -7.45 21.49
C LEU A 456 39.12 -6.54 22.45
N ILE A 457 39.46 -7.05 23.64
CA ILE A 457 40.21 -6.23 24.59
C ILE A 457 41.67 -6.12 24.20
N GLU A 458 42.17 -7.07 23.41
CA GLU A 458 43.55 -6.98 22.95
C GLU A 458 43.68 -5.93 21.84
N ARG A 459 42.71 -5.89 20.93
CA ARG A 459 42.73 -4.87 19.87
C ARG A 459 42.41 -3.49 20.42
N ILE A 460 41.55 -3.41 21.43
CA ILE A 460 41.18 -2.14 22.05
C ILE A 460 41.52 -2.20 23.53
N PRO A 461 42.72 -1.78 23.94
CA PRO A 461 43.05 -1.81 25.37
C PRO A 461 42.19 -0.89 26.21
N GLU A 462 41.90 0.31 25.71
CA GLU A 462 41.05 1.26 26.42
C GLU A 462 39.58 1.05 26.10
N LEU A 463 39.12 -0.21 26.20
CA LEU A 463 37.74 -0.53 25.86
C LEU A 463 36.76 0.14 26.82
N ASN A 464 37.13 0.26 28.10
CA ASN A 464 36.21 0.85 29.07
C ASN A 464 35.92 2.31 28.73
N LYS A 465 36.96 3.08 28.40
CA LYS A 465 36.77 4.50 28.12
C LYS A 465 36.02 4.70 26.80
N VAL A 466 36.29 3.86 25.80
CA VAL A 466 35.57 3.98 24.53
C VAL A 466 34.10 3.63 24.71
N ALA A 467 33.82 2.56 25.46
CA ALA A 467 32.43 2.21 25.75
C ALA A 467 31.75 3.31 26.57
N ARG A 468 32.49 3.95 27.47
CA ARG A 468 31.93 5.06 28.22
C ARG A 468 31.60 6.23 27.32
N ALA A 469 32.46 6.50 26.33
CA ALA A 469 32.18 7.59 25.39
C ALA A 469 30.95 7.29 24.54
N ALA A 470 30.82 6.04 24.08
CA ALA A 470 29.64 5.65 23.31
C ALA A 470 28.38 5.77 24.16
N ALA A 471 28.44 5.29 25.41
CA ALA A 471 27.30 5.40 26.31
C ALA A 471 26.99 6.86 26.63
N GLU A 472 28.01 7.72 26.67
CA GLU A 472 27.77 9.14 26.90
C GLU A 472 27.07 9.79 25.72
N VAL A 473 27.48 9.44 24.49
CA VAL A 473 26.77 9.92 23.31
C VAL A 473 25.31 9.48 23.35
N ALA A 474 25.07 8.19 23.63
CA ALA A 474 23.72 7.68 23.68
C ALA A 474 22.90 8.35 24.79
N GLY A 475 23.52 8.57 25.94
CA GLY A 475 22.80 9.18 27.05
C GLY A 475 22.47 10.64 26.81
N GLN A 476 23.38 11.38 26.18
CA GLN A 476 23.06 12.76 25.81
C GLN A 476 21.95 12.79 24.76
N PHE A 477 21.98 11.84 23.82
CA PHE A 477 20.86 11.70 22.89
C PHE A 477 19.54 11.51 23.63
N VAL A 478 19.53 10.59 24.60
CA VAL A 478 18.29 10.29 25.32
C VAL A 478 17.83 11.49 26.13
N ILE A 479 18.77 12.18 26.80
CA ILE A 479 18.39 13.30 27.66
C ILE A 479 17.87 14.46 26.82
N LYS A 480 18.53 14.77 25.70
CA LYS A 480 18.09 15.89 24.87
C LYS A 480 16.71 15.66 24.27
N LEU A 481 16.28 14.41 24.13
CA LEU A 481 15.00 14.09 23.51
C LEU A 481 13.86 13.94 24.52
N THR A 482 14.14 14.09 25.82
CA THR A 482 13.13 13.78 26.82
C THR A 482 12.98 14.87 27.89
N HIS A 483 14.05 15.60 28.17
CA HIS A 483 14.05 16.47 29.35
C HIS A 483 13.32 17.78 29.12
N ASP A 484 13.35 18.32 27.91
CA ASP A 484 12.82 19.65 27.65
C ASP A 484 11.44 19.58 27.02
N VAL A 485 10.74 20.72 27.08
CA VAL A 485 9.43 20.82 26.45
C VAL A 485 9.55 20.80 24.93
N GLU A 486 10.73 21.11 24.39
CA GLU A 486 10.98 21.11 22.95
C GLU A 486 11.77 19.86 22.58
N LEU A 487 11.28 19.13 21.60
CA LEU A 487 12.00 17.99 21.06
C LEU A 487 13.10 18.48 20.13
N ASN A 488 14.31 17.98 20.32
CA ASN A 488 15.48 18.45 19.56
C ASN A 488 15.57 17.74 18.21
N LEU A 489 14.50 17.86 17.44
CA LEU A 489 14.45 17.39 16.05
C LEU A 489 14.52 18.60 15.14
N ASP A 490 15.50 18.59 14.23
CA ASP A 490 15.73 19.71 13.31
C ASP A 490 15.11 19.35 11.96
N TYR A 491 13.92 19.89 11.69
CA TYR A 491 13.26 19.62 10.43
C TYR A 491 13.93 20.34 9.27
N GLU A 492 14.46 21.54 9.52
CA GLU A 492 15.13 22.31 8.47
C GLU A 492 16.26 21.52 7.82
N ARG A 493 16.81 20.52 8.52
CA ARG A 493 17.87 19.69 7.94
C ARG A 493 17.44 19.05 6.63
N TYR A 494 16.13 18.79 6.46
CA TYR A 494 15.68 18.17 5.22
C TYR A 494 15.73 19.13 4.05
N ASN A 495 15.71 20.44 4.29
CA ASN A 495 15.74 21.42 3.22
C ASN A 495 16.92 21.16 2.27
N SER A 496 18.14 21.13 2.83
CA SER A 496 19.31 20.80 2.02
C SER A 496 19.13 19.44 1.34
N GLN A 497 18.59 18.45 2.07
CA GLN A 497 18.35 17.14 1.48
C GLN A 497 17.46 17.25 0.24
N LEU A 498 16.48 18.15 0.27
CA LEU A 498 15.70 18.41 -0.93
C LEU A 498 16.50 19.23 -1.93
N LEU A 499 17.20 20.26 -1.44
CA LEU A 499 17.89 21.19 -2.34
C LEU A 499 18.89 20.46 -3.22
N SER A 500 19.57 19.46 -2.67
CA SER A 500 20.47 18.65 -3.49
C SER A 500 19.70 17.84 -4.52
N PHE A 501 18.65 17.16 -4.09
CA PHE A 501 17.94 16.23 -4.97
C PHE A 501 17.50 16.91 -6.26
N VAL A 502 16.66 17.94 -6.16
CA VAL A 502 16.23 18.68 -7.33
C VAL A 502 17.42 19.12 -8.17
N ARG A 503 18.47 19.62 -7.50
CA ARG A 503 19.66 20.05 -8.22
C ARG A 503 20.25 18.91 -9.03
N ASP A 504 20.40 17.74 -8.41
CA ASP A 504 20.82 16.56 -9.15
C ASP A 504 19.90 16.34 -10.35
N LEU A 505 18.59 16.36 -10.10
CA LEU A 505 17.64 16.19 -11.20
C LEU A 505 17.80 17.30 -12.23
N ASN A 506 18.11 18.52 -11.80
CA ASN A 506 18.31 19.61 -12.73
C ASN A 506 19.45 19.33 -13.70
N GLN A 507 20.43 18.50 -13.29
CA GLN A 507 21.52 18.15 -14.18
C GLN A 507 21.06 17.41 -15.43
N TYR A 508 19.82 16.90 -15.44
CA TYR A 508 19.25 16.25 -16.61
C TYR A 508 18.09 17.06 -17.18
N ARG A 509 18.12 18.39 -16.96
CA ARG A 509 17.02 19.25 -17.38
C ARG A 509 16.67 19.05 -18.85
N ALA A 510 17.68 18.92 -19.71
CA ALA A 510 17.43 18.74 -21.14
C ALA A 510 16.52 17.55 -21.39
N ASP A 511 16.82 16.41 -20.74
CA ASP A 511 15.93 15.26 -20.87
C ASP A 511 14.52 15.62 -20.45
N ILE A 512 14.38 16.33 -19.33
CA ILE A 512 13.06 16.77 -18.86
C ILE A 512 12.40 17.64 -19.93
N LYS A 513 13.19 18.43 -20.64
CA LYS A 513 12.63 19.26 -21.70
C LYS A 513 12.34 18.49 -22.97
N GLU A 514 12.98 17.34 -23.18
CA GLU A 514 12.73 16.57 -24.39
C GLU A 514 11.44 15.76 -24.30
N MET A 515 11.03 15.40 -23.09
CA MET A 515 9.78 14.68 -22.87
C MET A 515 8.60 15.61 -22.61
N GLY A 516 8.76 16.90 -22.86
CA GLY A 516 7.67 17.84 -22.63
C GLY A 516 7.29 18.03 -21.18
N LEU A 517 8.23 17.79 -20.27
CA LEU A 517 7.99 17.90 -18.83
C LEU A 517 8.71 19.13 -18.28
N SER A 518 8.49 19.38 -16.99
CA SER A 518 9.09 20.53 -16.33
C SER A 518 9.34 20.19 -14.86
N LEU A 519 10.43 20.72 -14.33
CA LEU A 519 10.78 20.56 -12.92
C LEU A 519 10.27 21.69 -12.05
N GLN A 520 9.42 22.58 -12.59
CA GLN A 520 8.99 23.74 -11.84
C GLN A 520 8.18 23.38 -10.61
N TRP A 521 7.39 22.30 -10.68
CA TRP A 521 6.57 21.92 -9.54
C TRP A 521 7.40 21.26 -8.45
N LEU A 522 8.49 20.58 -8.80
CA LEU A 522 9.39 20.09 -7.77
C LEU A 522 10.09 21.23 -7.04
N TYR A 523 10.53 22.26 -7.79
CA TYR A 523 11.07 23.44 -7.14
C TYR A 523 10.03 24.13 -6.27
N SER A 524 8.77 24.16 -6.73
CA SER A 524 7.70 24.76 -5.93
C SER A 524 7.49 23.98 -4.64
N ALA A 525 7.49 22.65 -4.72
CA ALA A 525 7.32 21.83 -3.51
C ALA A 525 8.49 22.02 -2.55
N ARG A 526 9.71 22.09 -3.09
CA ARG A 526 10.88 22.31 -2.22
C ARG A 526 10.79 23.67 -1.53
N GLY A 527 10.41 24.71 -2.27
CA GLY A 527 10.26 26.02 -1.67
C GLY A 527 9.15 26.07 -0.64
N ASP A 528 8.04 25.36 -0.90
CA ASP A 528 6.95 25.31 0.07
C ASP A 528 7.38 24.60 1.34
N PHE A 529 8.16 23.52 1.21
CA PHE A 529 8.68 22.85 2.40
C PHE A 529 9.64 23.73 3.17
N PHE A 530 10.50 24.46 2.46
CA PHE A 530 11.42 25.39 3.11
C PHE A 530 10.65 26.46 3.88
N ARG A 531 9.64 27.05 3.25
CA ARG A 531 8.86 28.10 3.90
C ARG A 531 8.04 27.55 5.05
N ALA A 532 7.57 26.31 4.95
CA ALA A 532 6.85 25.69 6.06
C ALA A 532 7.77 25.49 7.26
N THR A 533 9.00 25.00 7.01
CA THR A 533 9.97 24.85 8.09
C THR A 533 10.30 26.20 8.71
N SER A 534 10.45 27.25 7.89
CA SER A 534 10.75 28.57 8.43
C SER A 534 9.60 29.10 9.28
N ARG A 535 8.36 28.94 8.80
CA ARG A 535 7.21 29.38 9.58
C ARG A 535 7.10 28.61 10.88
N LEU A 536 7.37 27.30 10.85
CA LEU A 536 7.35 26.50 12.08
C LEU A 536 8.41 26.96 13.06
N THR A 537 9.61 27.28 12.55
CA THR A 537 10.67 27.78 13.43
C THR A 537 10.28 29.11 14.06
N THR A 538 9.71 30.01 13.27
CA THR A 538 9.32 31.31 13.81
C THR A 538 8.19 31.17 14.83
N ASP A 539 7.26 30.24 14.59
CA ASP A 539 6.18 30.03 15.54
C ASP A 539 6.69 29.38 16.83
N PHE A 540 7.67 28.49 16.72
CA PHE A 540 8.34 27.99 17.91
C PHE A 540 9.00 29.11 18.69
N GLY A 541 9.63 30.06 17.97
CA GLY A 541 10.30 31.14 18.65
C GLY A 541 9.33 32.11 19.31
N ASN A 542 8.16 32.30 18.71
CA ASN A 542 7.20 33.26 19.21
C ASN A 542 6.22 32.66 20.23
N ALA A 543 6.23 31.35 20.42
CA ALA A 543 5.32 30.71 21.36
C ALA A 543 5.96 30.62 22.75
N GLU A 544 5.14 30.82 23.78
CA GLU A 544 5.61 30.67 25.14
C GLU A 544 5.68 29.19 25.50
N LYS A 545 6.82 28.76 26.02
CA LYS A 545 7.08 27.35 26.26
C LYS A 545 6.28 26.79 27.42
N THR A 546 5.71 27.64 28.28
CA THR A 546 4.89 27.17 29.39
C THR A 546 3.47 26.83 28.98
N ASP A 547 3.02 27.26 27.80
CA ASP A 547 1.68 26.96 27.31
C ASP A 547 1.71 25.57 26.67
N ARG A 548 1.17 24.57 27.38
CA ARG A 548 1.21 23.19 26.90
C ARG A 548 0.42 23.02 25.61
N PHE A 549 -0.71 23.72 25.49
CA PHE A 549 -1.57 23.59 24.32
C PHE A 549 -0.81 23.87 23.02
N VAL A 550 -0.24 25.07 22.92
CA VAL A 550 0.44 25.48 21.69
C VAL A 550 1.69 24.62 21.46
N MET A 551 2.40 24.26 22.55
CA MET A 551 3.61 23.45 22.40
C MET A 551 3.29 22.08 21.84
N LYS A 552 2.24 21.43 22.37
CA LYS A 552 1.83 20.13 21.84
C LYS A 552 1.35 20.25 20.41
N LYS A 553 0.63 21.34 20.09
CA LYS A 553 0.18 21.53 18.71
C LYS A 553 1.37 21.64 17.76
N LEU A 554 2.44 22.30 18.17
CA LEU A 554 3.62 22.42 17.30
C LEU A 554 4.39 21.10 17.23
N ASN A 555 4.54 20.43 18.37
CA ASN A 555 5.30 19.18 18.40
C ASN A 555 4.61 18.08 17.61
N ASP A 556 3.27 18.11 17.52
CA ASP A 556 2.57 17.16 16.67
C ASP A 556 2.93 17.39 15.20
N ARG A 557 3.11 18.64 14.80
CA ARG A 557 3.56 18.90 13.44
C ARG A 557 5.02 18.53 13.26
N VAL A 558 5.81 18.57 14.34
CA VAL A 558 7.20 18.14 14.24
C VAL A 558 7.27 16.62 14.11
N MET A 559 6.48 15.89 14.90
CA MET A 559 6.53 14.44 14.89
C MET A 559 5.91 13.81 13.65
N ARG A 560 5.31 14.62 12.77
CA ARG A 560 4.72 14.12 11.53
C ARG A 560 5.64 14.28 10.33
N VAL A 561 6.82 14.88 10.52
CA VAL A 561 7.69 15.16 9.38
C VAL A 561 8.22 13.87 8.77
N GLU A 562 8.72 12.96 9.61
CA GLU A 562 9.29 11.72 9.10
C GLU A 562 8.21 10.80 8.51
N TYR A 563 6.99 10.86 9.05
CA TYR A 563 5.92 10.00 8.54
C TYR A 563 5.46 10.44 7.17
N HIS A 564 5.41 11.76 6.92
CA HIS A 564 4.95 12.27 5.64
C HIS A 564 5.92 12.01 4.51
N PHE A 565 7.11 11.50 4.80
CA PHE A 565 8.06 11.10 3.77
C PHE A 565 7.94 9.63 3.40
N LEU A 566 7.08 8.88 4.08
CA LEU A 566 6.78 7.51 3.67
C LEU A 566 5.81 7.55 2.50
N SER A 567 6.12 6.80 1.46
CA SER A 567 5.34 6.83 0.23
C SER A 567 3.92 6.31 0.49
N PRO A 568 2.88 7.13 0.28
CA PRO A 568 1.50 6.65 0.46
C PRO A 568 0.89 5.97 -0.76
N TYR A 569 1.68 5.65 -1.78
CA TYR A 569 1.16 5.07 -3.01
C TYR A 569 1.67 3.65 -3.25
N VAL A 570 2.38 3.07 -2.29
CA VAL A 570 2.91 1.72 -2.43
C VAL A 570 2.32 0.84 -1.33
N SER A 571 2.40 -0.47 -1.56
CA SER A 571 1.91 -1.44 -0.58
C SER A 571 2.93 -1.61 0.54
N PRO A 572 2.58 -1.32 1.79
CA PRO A 572 3.53 -1.50 2.90
C PRO A 572 3.91 -2.96 3.14
N LYS A 573 3.15 -3.93 2.61
CA LYS A 573 3.50 -5.33 2.75
C LYS A 573 4.51 -5.79 1.72
N GLU A 574 4.33 -5.41 0.46
CA GLU A 574 5.24 -5.81 -0.62
C GLU A 574 6.32 -4.78 -0.91
N SER A 575 6.27 -3.62 -0.25
CA SER A 575 7.34 -2.62 -0.32
C SER A 575 7.45 -1.93 1.02
N PRO A 576 7.95 -2.63 2.04
CA PRO A 576 7.93 -2.06 3.40
C PRO A 576 8.82 -0.84 3.57
N PHE A 577 9.95 -0.78 2.86
CA PHE A 577 10.86 0.37 2.95
C PHE A 577 10.28 1.49 2.11
N ARG A 578 9.27 2.16 2.68
CA ARG A 578 8.48 3.15 1.96
C ARG A 578 9.10 4.53 1.92
N HIS A 579 10.12 4.80 2.74
CA HIS A 579 10.68 6.15 2.82
C HIS A 579 11.28 6.55 1.48
N VAL A 580 10.82 7.70 0.95
CA VAL A 580 11.26 8.14 -0.36
C VAL A 580 12.73 8.56 -0.35
N PHE A 581 13.30 8.83 0.81
CA PHE A 581 14.71 9.19 0.94
C PHE A 581 15.61 8.00 1.25
N TRP A 582 15.23 7.18 2.24
CA TRP A 582 16.09 6.12 2.74
C TRP A 582 15.50 4.73 2.59
N GLY A 583 14.45 4.58 1.81
CA GLY A 583 13.80 3.30 1.59
C GLY A 583 14.46 2.50 0.48
N SER A 584 13.66 1.64 -0.14
CA SER A 584 14.14 0.79 -1.23
C SER A 584 12.97 0.46 -2.14
N GLY A 585 13.17 0.67 -3.45
CA GLY A 585 12.15 0.42 -4.45
C GLY A 585 12.07 1.54 -5.45
N SER A 586 11.20 1.34 -6.44
CA SER A 586 11.02 2.32 -7.51
C SER A 586 10.33 3.60 -7.04
N HIS A 587 9.86 3.64 -5.80
CA HIS A 587 9.17 4.81 -5.27
C HIS A 587 10.10 5.83 -4.62
N THR A 588 11.39 5.52 -4.53
CA THR A 588 12.34 6.42 -3.89
C THR A 588 12.90 7.43 -4.88
N LEU A 589 13.36 8.56 -4.34
CA LEU A 589 14.02 9.56 -5.17
C LEU A 589 15.30 9.05 -5.82
N PRO A 590 16.19 8.32 -5.12
CA PRO A 590 17.33 7.72 -5.83
C PRO A 590 16.91 6.81 -6.97
N ALA A 591 15.79 6.10 -6.84
CA ALA A 591 15.31 5.28 -7.96
C ALA A 591 14.89 6.15 -9.13
N LEU A 592 14.25 7.29 -8.85
CA LEU A 592 13.91 8.23 -9.92
C LEU A 592 15.16 8.72 -10.64
N LEU A 593 16.21 9.06 -9.87
CA LEU A 593 17.46 9.48 -10.49
C LEU A 593 18.08 8.35 -11.31
N GLU A 594 18.09 7.13 -10.77
CA GLU A 594 18.60 5.98 -11.50
C GLU A 594 17.89 5.82 -12.84
N ASN A 595 16.55 5.89 -12.81
CA ASN A 595 15.79 5.70 -14.04
C ASN A 595 16.07 6.82 -15.04
N LEU A 596 16.12 8.07 -14.57
CA LEU A 596 16.34 9.18 -15.50
C LEU A 596 17.73 9.16 -16.09
N LYS A 597 18.73 8.67 -15.35
CA LYS A 597 20.09 8.58 -15.88
C LYS A 597 20.21 7.66 -17.09
N LEU A 598 19.21 6.81 -17.33
CA LEU A 598 19.28 5.82 -18.40
C LEU A 598 18.77 6.34 -19.74
N ARG A 599 18.16 7.52 -19.77
CA ARG A 599 17.55 7.99 -21.01
C ARG A 599 18.59 8.34 -22.06
N LYS A 600 19.72 8.92 -21.63
CA LYS A 600 20.66 9.46 -22.60
C LYS A 600 21.43 8.38 -23.35
N GLN A 601 21.52 7.18 -22.78
CA GLN A 601 22.22 6.10 -23.49
C GLN A 601 21.44 5.65 -24.71
N ASN A 602 20.13 5.89 -24.71
CA ASN A 602 19.18 5.58 -25.77
C ASN A 602 19.02 4.07 -25.99
N ASN A 603 19.72 3.23 -25.25
CA ASN A 603 19.36 1.82 -25.18
C ASN A 603 18.05 1.68 -24.41
N GLY A 604 17.28 0.65 -24.75
CA GLY A 604 15.96 0.47 -24.21
C GLY A 604 15.89 0.01 -22.76
N ALA A 605 16.70 0.62 -21.89
CA ALA A 605 16.64 0.36 -20.46
C ALA A 605 15.84 1.41 -19.70
N PHE A 606 15.56 2.55 -20.32
CA PHE A 606 14.79 3.62 -19.70
C PHE A 606 13.30 3.39 -19.94
N ASN A 607 12.52 3.43 -18.87
CA ASN A 607 11.07 3.23 -18.91
C ASN A 607 10.42 4.58 -18.65
N GLU A 608 10.00 5.26 -19.73
CA GLU A 608 9.51 6.63 -19.61
C GLU A 608 8.23 6.71 -18.80
N THR A 609 7.27 5.82 -19.08
CA THR A 609 6.01 5.82 -18.35
C THR A 609 6.25 5.62 -16.86
N LEU A 610 7.10 4.64 -16.51
CA LEU A 610 7.50 4.46 -15.12
C LEU A 610 8.15 5.73 -14.58
N PHE A 611 8.97 6.40 -15.39
CA PHE A 611 9.60 7.63 -14.94
C PHE A 611 8.58 8.73 -14.72
N ARG A 612 7.58 8.84 -15.60
CA ARG A 612 6.56 9.87 -15.41
C ARG A 612 5.75 9.62 -14.14
N ASN A 613 5.38 8.37 -13.89
CA ASN A 613 4.65 8.05 -12.67
C ASN A 613 5.49 8.30 -11.43
N GLN A 614 6.78 7.94 -11.49
CA GLN A 614 7.69 8.22 -10.38
C GLN A 614 7.77 9.72 -10.11
N LEU A 615 7.93 10.51 -11.17
CA LEU A 615 8.01 11.96 -11.02
C LEU A 615 6.76 12.51 -10.38
N ALA A 616 5.58 12.10 -10.89
CA ALA A 616 4.32 12.59 -10.34
C ALA A 616 4.19 12.24 -8.87
N LEU A 617 4.43 10.97 -8.52
CA LEU A 617 4.20 10.52 -7.15
C LEU A 617 5.20 11.16 -6.19
N ALA A 618 6.46 11.27 -6.59
CA ALA A 618 7.46 11.90 -5.72
C ALA A 618 7.18 13.39 -5.56
N THR A 619 6.82 14.06 -6.64
CA THR A 619 6.48 15.48 -6.57
C THR A 619 5.33 15.70 -5.59
N TRP A 620 4.27 14.90 -5.70
CA TRP A 620 3.15 15.13 -4.80
C TRP A 620 3.44 14.63 -3.39
N THR A 621 4.34 13.67 -3.20
CA THR A 621 4.74 13.31 -1.84
C THR A 621 5.44 14.49 -1.16
N ILE A 622 6.39 15.12 -1.87
CA ILE A 622 7.07 16.29 -1.33
C ILE A 622 6.06 17.41 -1.07
N GLN A 623 5.15 17.64 -2.02
CA GLN A 623 4.18 18.72 -1.88
C GLN A 623 3.22 18.45 -0.72
N GLY A 624 2.83 17.19 -0.51
CA GLY A 624 1.94 16.87 0.58
C GLY A 624 2.63 17.00 1.93
N ALA A 625 3.89 16.60 2.02
CA ALA A 625 4.65 16.86 3.23
C ALA A 625 4.73 18.36 3.53
N ALA A 626 5.01 19.16 2.49
CA ALA A 626 5.09 20.60 2.67
C ALA A 626 3.75 21.19 3.11
N ASN A 627 2.64 20.73 2.51
CA ASN A 627 1.34 21.27 2.86
C ASN A 627 0.92 20.84 4.27
N ALA A 628 1.27 19.62 4.67
CA ALA A 628 0.94 19.17 6.01
C ALA A 628 1.75 19.92 7.06
N LEU A 629 3.02 20.22 6.75
CA LEU A 629 3.81 21.02 7.67
C LEU A 629 3.41 22.50 7.65
N SER A 630 2.75 22.95 6.58
CA SER A 630 2.34 24.35 6.50
C SER A 630 1.34 24.71 7.59
N GLY A 631 0.40 23.80 7.87
CA GLY A 631 -0.61 24.05 8.88
C GLY A 631 -1.97 23.53 8.51
N ASP A 632 -3.00 24.37 8.68
CA ASP A 632 -4.35 23.96 8.35
C ASP A 632 -4.51 23.80 6.84
N VAL A 633 -5.55 23.06 6.45
CA VAL A 633 -5.77 22.75 5.05
C VAL A 633 -6.22 23.99 4.27
N TRP A 634 -6.85 24.95 4.94
CA TRP A 634 -7.39 26.13 4.29
C TRP A 634 -6.37 27.25 4.15
N ASP A 635 -5.10 27.01 4.49
CA ASP A 635 -4.05 28.01 4.36
C ASP A 635 -3.07 27.67 3.25
N ILE A 636 -3.47 26.84 2.29
CA ILE A 636 -2.64 26.47 1.15
C ILE A 636 -3.04 27.31 -0.05
N ASP A 637 -2.04 27.76 -0.80
CA ASP A 637 -2.27 28.64 -1.95
C ASP A 637 -2.13 27.87 -3.25
N ASN A 638 -2.93 28.27 -4.25
CA ASN A 638 -2.88 27.68 -5.57
C ASN A 638 -2.79 28.78 -6.61
N GLU A 639 -2.29 28.42 -7.80
CA GLU A 639 -2.16 29.37 -8.89
C GLU A 639 -3.50 29.58 -9.58
N ARG B 1 -22.16 31.47 28.73
CA ARG B 1 -21.94 30.19 28.07
C ARG B 1 -23.28 29.57 27.64
N LEU B 2 -23.25 28.84 26.53
CA LEU B 2 -24.44 28.21 25.98
C LEU B 2 -24.30 26.69 26.04
N TYR B 3 -25.43 26.02 26.25
CA TYR B 3 -25.49 24.57 26.30
C TYR B 3 -26.23 24.03 25.09
N TRP B 4 -26.38 22.70 25.03
CA TRP B 4 -26.96 22.06 23.86
C TRP B 4 -28.44 22.41 23.71
N ASP B 5 -29.17 22.49 24.82
CA ASP B 5 -30.61 22.72 24.76
C ASP B 5 -30.94 24.10 24.19
N ASP B 6 -30.05 25.08 24.36
CA ASP B 6 -30.29 26.40 23.80
C ASP B 6 -29.95 26.43 22.31
N LEU B 7 -28.82 25.84 21.94
CA LEU B 7 -28.41 25.79 20.54
C LEU B 7 -29.43 25.04 19.70
N LYS B 8 -30.03 23.98 20.26
CA LYS B 8 -31.05 23.22 19.54
C LYS B 8 -32.17 24.13 19.05
N ARG B 9 -32.87 24.78 19.97
CA ARG B 9 -34.00 25.59 19.57
C ARG B 9 -33.61 26.90 18.90
N LYS B 10 -32.38 27.40 19.10
CA LYS B 10 -31.97 28.55 18.31
C LYS B 10 -31.76 28.18 16.84
N LEU B 11 -31.11 27.04 16.61
CA LEU B 11 -31.03 26.51 15.25
C LEU B 11 -32.42 26.25 14.68
N SER B 12 -33.34 25.77 15.52
CA SER B 12 -34.71 25.52 15.05
C SER B 12 -35.41 26.83 14.66
N GLU B 13 -35.22 27.88 15.46
CA GLU B 13 -35.81 29.17 15.15
C GLU B 13 -35.24 29.73 13.85
N LYS B 14 -33.95 29.52 13.61
CA LYS B 14 -33.39 29.96 12.32
C LYS B 14 -33.86 29.08 11.18
N LEU B 15 -34.18 27.81 11.45
CA LEU B 15 -34.75 26.94 10.43
C LEU B 15 -36.15 27.37 10.04
N ASP B 16 -36.95 27.81 11.02
CA ASP B 16 -38.31 28.26 10.72
C ASP B 16 -38.30 29.56 9.92
N SER B 17 -37.26 30.38 10.08
CA SER B 17 -37.16 31.66 9.39
C SER B 17 -36.39 31.57 8.07
N THR B 18 -36.10 30.36 7.60
CA THR B 18 -35.32 30.16 6.39
C THR B 18 -36.20 29.59 5.29
N ASP B 19 -36.07 30.14 4.08
CA ASP B 19 -36.81 29.70 2.91
C ASP B 19 -35.87 28.90 2.01
N PHE B 20 -36.23 27.64 1.75
CA PHE B 20 -35.41 26.74 0.95
C PHE B 20 -35.87 26.64 -0.50
N THR B 21 -37.19 26.58 -0.72
CA THR B 21 -37.71 26.46 -2.09
C THR B 21 -37.27 27.63 -2.96
N SER B 22 -37.16 28.83 -2.37
CA SER B 22 -36.69 30.00 -3.12
C SER B 22 -35.31 29.74 -3.70
N THR B 23 -34.36 29.33 -2.86
CA THR B 23 -33.01 29.08 -3.36
C THR B 23 -32.96 27.86 -4.28
N ILE B 24 -33.81 26.86 -4.06
CA ILE B 24 -33.83 25.70 -4.95
C ILE B 24 -34.25 26.11 -6.36
N LYS B 25 -35.40 26.77 -6.48
CA LYS B 25 -35.84 27.21 -7.80
C LYS B 25 -34.99 28.35 -8.35
N LEU B 26 -34.17 28.98 -7.50
CA LEU B 26 -33.15 29.89 -8.02
C LEU B 26 -32.00 29.13 -8.66
N LEU B 27 -31.56 28.05 -8.02
CA LEU B 27 -30.59 27.15 -8.63
C LEU B 27 -31.15 26.42 -9.84
N ASN B 28 -32.48 26.43 -10.02
CA ASN B 28 -33.12 25.88 -11.21
C ASN B 28 -33.55 26.97 -12.19
N GLU B 29 -32.82 28.08 -12.25
CA GLU B 29 -33.10 29.12 -13.24
C GLU B 29 -32.23 28.92 -14.47
N ASN B 30 -32.66 29.51 -15.58
CA ASN B 30 -31.99 29.32 -16.86
C ASN B 30 -30.53 29.80 -16.85
N SER B 31 -30.11 30.51 -15.81
CA SER B 31 -28.70 30.85 -15.67
C SER B 31 -27.85 29.69 -15.16
N TYR B 32 -28.47 28.61 -14.69
CA TYR B 32 -27.71 27.49 -14.14
C TYR B 32 -28.25 26.10 -14.49
N VAL B 33 -29.38 25.97 -15.21
CA VAL B 33 -30.06 24.68 -15.27
C VAL B 33 -29.21 23.58 -15.90
N PRO B 34 -28.56 23.77 -17.07
CA PRO B 34 -27.77 22.66 -17.60
C PRO B 34 -26.30 22.83 -17.27
N ARG B 35 -25.88 22.31 -16.12
CA ARG B 35 -24.53 22.52 -15.61
C ARG B 35 -23.76 21.21 -15.62
N GLU B 36 -23.41 20.75 -16.82
CA GLU B 36 -22.50 19.62 -16.94
C GLU B 36 -21.14 19.99 -16.33
N ALA B 37 -20.42 18.96 -15.88
CA ALA B 37 -19.12 19.18 -15.25
C ALA B 37 -18.20 19.95 -16.19
N GLY B 38 -17.69 21.08 -15.72
CA GLY B 38 -16.80 21.91 -16.50
C GLY B 38 -17.46 22.92 -17.41
N SER B 39 -18.80 22.94 -17.47
CA SER B 39 -19.50 23.87 -18.34
C SER B 39 -19.43 25.29 -17.77
N GLN B 40 -19.92 26.24 -18.57
CA GLN B 40 -19.89 27.64 -18.16
C GLN B 40 -20.86 27.89 -17.00
N LYS B 41 -22.04 27.28 -17.05
CA LYS B 41 -23.02 27.53 -16.00
C LYS B 41 -22.63 26.85 -14.69
N ASP B 42 -21.93 25.72 -14.75
CA ASP B 42 -21.35 25.14 -13.54
C ASP B 42 -20.37 26.12 -12.90
N GLU B 43 -19.54 26.76 -13.73
CA GLU B 43 -18.58 27.74 -13.23
C GLU B 43 -19.29 28.95 -12.63
N ASN B 44 -20.37 29.41 -13.27
CA ASN B 44 -21.11 30.54 -12.74
C ASN B 44 -21.80 30.20 -11.42
N LEU B 45 -22.30 28.97 -11.30
CA LEU B 45 -22.90 28.56 -10.03
C LEU B 45 -21.85 28.44 -8.94
N ALA B 46 -20.66 27.95 -9.29
CA ALA B 46 -19.56 27.93 -8.32
C ALA B 46 -19.20 29.34 -7.87
N LEU B 47 -19.17 30.28 -8.82
CA LEU B 47 -18.90 31.67 -8.47
C LEU B 47 -19.98 32.23 -7.54
N TYR B 48 -21.25 31.89 -7.81
CA TYR B 48 -22.33 32.36 -6.95
C TYR B 48 -22.21 31.77 -5.55
N VAL B 49 -21.84 30.49 -5.45
CA VAL B 49 -21.66 29.87 -4.14
C VAL B 49 -20.50 30.53 -3.40
N GLU B 50 -19.42 30.84 -4.11
CA GLU B 50 -18.28 31.49 -3.47
C GLU B 50 -18.64 32.88 -2.98
N ASN B 51 -19.36 33.66 -3.79
CA ASN B 51 -19.76 34.99 -3.37
C ASN B 51 -20.77 34.93 -2.23
N GLN B 52 -21.65 33.92 -2.20
CA GLN B 52 -22.56 33.77 -1.08
C GLN B 52 -21.81 33.41 0.19
N PHE B 53 -20.78 32.56 0.09
CA PHE B 53 -19.96 32.24 1.25
C PHE B 53 -19.23 33.47 1.76
N ARG B 54 -18.75 34.32 0.85
CA ARG B 54 -18.12 35.57 1.28
C ARG B 54 -19.12 36.52 1.90
N GLU B 55 -20.37 36.52 1.42
CA GLU B 55 -21.39 37.40 1.98
C GLU B 55 -21.78 36.96 3.40
N PHE B 56 -21.76 35.66 3.66
CA PHE B 56 -22.01 35.18 5.02
C PHE B 56 -20.90 35.55 5.98
N LYS B 57 -19.78 36.08 5.48
CA LYS B 57 -18.64 36.48 6.30
C LYS B 57 -18.10 35.31 7.10
N LEU B 58 -17.86 34.20 6.41
CA LEU B 58 -17.23 33.04 7.01
C LEU B 58 -15.78 33.36 7.38
N SER B 59 -15.17 32.47 8.16
CA SER B 59 -13.80 32.71 8.58
C SER B 59 -12.84 32.68 7.41
N LYS B 60 -13.07 31.80 6.43
CA LYS B 60 -12.27 31.89 5.20
C LYS B 60 -12.99 31.18 4.05
N VAL B 61 -12.91 31.76 2.87
CA VAL B 61 -13.49 31.19 1.66
C VAL B 61 -12.38 31.02 0.63
N TRP B 62 -12.29 29.85 0.02
CA TRP B 62 -11.27 29.59 -0.99
C TRP B 62 -11.79 28.58 -2.00
N ARG B 63 -10.92 28.21 -2.94
CA ARG B 63 -11.31 27.33 -4.03
C ARG B 63 -10.13 26.46 -4.44
N ASP B 64 -10.45 25.34 -5.09
CA ASP B 64 -9.46 24.43 -5.65
C ASP B 64 -9.81 24.14 -7.10
N GLN B 65 -8.79 24.14 -7.95
CA GLN B 65 -8.95 23.86 -9.38
C GLN B 65 -8.32 22.51 -9.69
N HIS B 66 -9.09 21.61 -10.29
CA HIS B 66 -8.58 20.34 -10.77
C HIS B 66 -8.79 20.25 -12.28
N PHE B 67 -7.96 19.44 -12.93
CA PHE B 67 -8.06 19.18 -14.36
C PHE B 67 -8.26 17.68 -14.55
N VAL B 68 -9.48 17.28 -14.92
CA VAL B 68 -9.85 15.87 -14.96
C VAL B 68 -10.39 15.52 -16.34
N LYS B 69 -10.28 14.24 -16.68
CA LYS B 69 -10.73 13.72 -17.97
C LYS B 69 -12.10 13.07 -17.78
N ILE B 70 -13.12 13.65 -18.40
CA ILE B 70 -14.44 13.03 -18.44
C ILE B 70 -14.68 12.50 -19.84
N GLN B 71 -15.84 11.92 -20.08
CA GLN B 71 -16.20 11.41 -21.40
C GLN B 71 -17.50 12.06 -21.85
N VAL B 72 -17.54 12.50 -23.11
CA VAL B 72 -18.68 13.19 -23.67
C VAL B 72 -19.07 12.54 -24.99
N LYS B 73 -20.24 12.91 -25.49
CA LYS B 73 -20.72 12.40 -26.76
C LYS B 73 -19.89 12.98 -27.91
N ASP B 74 -19.92 12.28 -29.04
CA ASP B 74 -19.17 12.67 -30.23
C ASP B 74 -20.10 13.31 -31.25
N SER B 75 -19.50 13.89 -32.29
CA SER B 75 -20.28 14.38 -33.42
C SER B 75 -21.04 13.24 -34.09
N ALA B 76 -20.48 12.03 -34.09
CA ALA B 76 -21.17 10.87 -34.60
C ALA B 76 -22.10 10.31 -33.52
N GLN B 77 -23.34 10.02 -33.89
CA GLN B 77 -24.34 9.56 -32.94
C GLN B 77 -24.11 8.10 -32.57
N ASN B 78 -24.29 7.78 -31.30
CA ASN B 78 -24.34 6.39 -30.87
C ASN B 78 -25.62 5.76 -31.38
N SER B 79 -25.53 4.47 -31.74
CA SER B 79 -26.65 3.83 -32.40
C SER B 79 -26.90 2.44 -31.84
N VAL B 80 -28.19 2.09 -31.75
CA VAL B 80 -28.63 0.72 -31.48
C VAL B 80 -29.48 0.30 -32.66
N ILE B 81 -29.05 -0.78 -33.34
CA ILE B 81 -29.66 -1.24 -34.58
C ILE B 81 -29.90 -2.74 -34.47
N ILE B 82 -30.91 -3.23 -35.19
CA ILE B 82 -31.20 -4.65 -35.29
C ILE B 82 -30.98 -5.09 -36.73
N VAL B 83 -30.17 -6.14 -36.92
CA VAL B 83 -29.91 -6.71 -38.23
C VAL B 83 -30.45 -8.14 -38.26
N ASP B 84 -30.89 -8.56 -39.44
CA ASP B 84 -31.50 -9.87 -39.60
C ASP B 84 -31.25 -10.36 -41.03
N LYS B 85 -31.42 -11.67 -41.21
CA LYS B 85 -31.27 -12.32 -42.52
C LYS B 85 -29.86 -12.11 -43.09
N ASN B 86 -28.86 -12.34 -42.24
CA ASN B 86 -27.45 -12.21 -42.60
C ASN B 86 -27.15 -10.80 -43.12
N GLY B 87 -27.65 -9.80 -42.39
CA GLY B 87 -27.37 -8.42 -42.72
C GLY B 87 -28.17 -7.83 -43.85
N ARG B 88 -29.14 -8.58 -44.40
CA ARG B 88 -29.95 -8.08 -45.50
C ARG B 88 -31.20 -7.34 -45.03
N LEU B 89 -31.48 -7.36 -43.73
CA LEU B 89 -32.56 -6.57 -43.13
C LEU B 89 -31.95 -5.74 -42.01
N VAL B 90 -32.07 -4.41 -42.13
CA VAL B 90 -31.52 -3.48 -41.15
C VAL B 90 -32.66 -2.67 -40.55
N TYR B 91 -32.63 -2.51 -39.23
CA TYR B 91 -33.72 -1.85 -38.50
C TYR B 91 -33.11 -0.91 -37.46
N LEU B 92 -33.33 0.40 -37.65
CA LEU B 92 -32.86 1.38 -36.68
C LEU B 92 -33.72 1.32 -35.43
N VAL B 93 -33.09 1.01 -34.29
CA VAL B 93 -33.82 0.94 -33.03
C VAL B 93 -33.80 2.32 -32.37
N GLU B 94 -32.61 2.86 -32.12
CA GLU B 94 -32.57 4.17 -31.47
C GLU B 94 -31.21 4.84 -31.63
N ASN B 95 -31.24 6.16 -31.83
CA ASN B 95 -30.09 7.03 -31.65
C ASN B 95 -30.25 7.76 -30.31
N PRO B 96 -29.75 7.18 -29.22
CA PRO B 96 -30.06 7.73 -27.90
C PRO B 96 -29.46 9.11 -27.68
N GLY B 97 -30.10 9.88 -26.80
CA GLY B 97 -29.64 11.20 -26.44
C GLY B 97 -28.71 11.18 -25.25
N GLY B 98 -28.97 10.30 -24.29
CA GLY B 98 -28.09 10.12 -23.17
C GLY B 98 -26.96 9.16 -23.49
N TYR B 99 -26.12 8.92 -22.48
CA TYR B 99 -24.96 8.04 -22.67
C TYR B 99 -24.42 7.62 -21.30
N VAL B 100 -23.42 6.74 -21.35
CA VAL B 100 -22.71 6.28 -20.17
C VAL B 100 -21.25 6.69 -20.35
N ALA B 101 -20.81 7.64 -19.52
CA ALA B 101 -19.41 8.08 -19.55
C ALA B 101 -18.48 6.92 -19.22
N TYR B 102 -17.23 7.05 -19.69
CA TYR B 102 -16.18 6.06 -19.48
C TYR B 102 -16.50 4.72 -20.13
N SER B 103 -17.44 4.70 -21.06
CA SER B 103 -17.69 3.53 -21.87
C SER B 103 -16.63 3.41 -22.96
N LYS B 104 -16.37 2.18 -23.39
CA LYS B 104 -15.42 1.96 -24.46
C LYS B 104 -16.05 2.31 -25.80
N ALA B 105 -15.36 3.13 -26.58
CA ALA B 105 -15.82 3.53 -27.91
C ALA B 105 -15.57 2.38 -28.86
N ALA B 106 -16.63 1.65 -29.23
CA ALA B 106 -16.50 0.51 -30.12
C ALA B 106 -17.85 0.19 -30.73
N THR B 107 -17.83 -0.74 -31.68
CA THR B 107 -19.03 -1.25 -32.34
C THR B 107 -19.04 -2.76 -32.20
N VAL B 108 -20.11 -3.30 -31.62
CA VAL B 108 -20.23 -4.73 -31.39
C VAL B 108 -21.56 -5.23 -31.97
N THR B 109 -21.55 -6.48 -32.41
CA THR B 109 -22.75 -7.12 -32.94
C THR B 109 -22.88 -8.51 -32.34
N GLY B 110 -24.09 -8.87 -31.94
CA GLY B 110 -24.32 -10.19 -31.40
C GLY B 110 -25.71 -10.32 -30.81
N LYS B 111 -25.90 -11.43 -30.09
CA LYS B 111 -27.18 -11.69 -29.45
C LYS B 111 -27.37 -10.76 -28.25
N LEU B 112 -28.63 -10.54 -27.89
CA LEU B 112 -29.01 -9.70 -26.76
C LEU B 112 -29.75 -10.55 -25.74
N VAL B 113 -29.18 -10.66 -24.54
CA VAL B 113 -29.72 -11.49 -23.47
C VAL B 113 -30.09 -10.58 -22.30
N HIS B 114 -31.30 -10.75 -21.78
CA HIS B 114 -31.75 -9.99 -20.63
C HIS B 114 -31.16 -10.58 -19.36
N ALA B 115 -30.66 -9.71 -18.47
CA ALA B 115 -30.03 -10.13 -17.24
C ALA B 115 -30.59 -9.38 -16.03
N ASN B 116 -31.86 -8.99 -16.11
CA ASN B 116 -32.57 -8.27 -15.05
C ASN B 116 -31.79 -7.01 -14.68
N PHE B 117 -31.32 -6.89 -13.43
CA PHE B 117 -30.57 -5.73 -12.95
C PHE B 117 -29.07 -5.88 -13.16
N GLY B 118 -28.61 -7.03 -13.66
CA GLY B 118 -27.21 -7.26 -13.89
C GLY B 118 -26.39 -7.60 -12.67
N THR B 119 -27.03 -7.92 -11.55
CA THR B 119 -26.30 -8.33 -10.36
C THR B 119 -25.66 -9.69 -10.61
N LYS B 120 -24.71 -10.04 -9.72
CA LYS B 120 -24.03 -11.33 -9.86
C LYS B 120 -24.99 -12.50 -9.69
N LYS B 121 -25.97 -12.37 -8.79
CA LYS B 121 -26.96 -13.42 -8.64
C LYS B 121 -27.88 -13.52 -9.86
N ASP B 122 -28.13 -12.39 -10.54
CA ASP B 122 -28.91 -12.43 -11.77
C ASP B 122 -28.18 -13.20 -12.87
N PHE B 123 -26.87 -12.99 -12.99
CA PHE B 123 -26.11 -13.73 -13.98
C PHE B 123 -25.94 -15.19 -13.59
N GLU B 124 -25.85 -15.49 -12.30
CA GLU B 124 -25.75 -16.88 -11.87
C GLU B 124 -27.03 -17.64 -12.13
N ASP B 125 -28.18 -17.02 -11.85
CA ASP B 125 -29.48 -17.66 -12.04
C ASP B 125 -30.03 -17.40 -13.44
N LEU B 126 -29.19 -17.61 -14.45
CA LEU B 126 -29.56 -17.38 -15.85
C LEU B 126 -29.34 -18.64 -16.66
N TYR B 127 -30.32 -18.98 -17.50
CA TYR B 127 -30.20 -20.16 -18.35
C TYR B 127 -29.35 -19.89 -19.58
N THR B 128 -29.54 -18.73 -20.21
CA THR B 128 -28.78 -18.38 -21.40
C THR B 128 -27.44 -17.78 -21.01
N PRO B 129 -26.32 -18.37 -21.43
CA PRO B 129 -25.02 -17.75 -21.13
C PRO B 129 -24.81 -16.48 -21.94
N VAL B 130 -24.14 -15.52 -21.33
CA VAL B 130 -23.94 -14.21 -21.94
C VAL B 130 -22.58 -14.03 -22.57
N ASN B 131 -21.77 -15.09 -22.64
CA ASN B 131 -20.43 -14.97 -23.21
C ASN B 131 -20.53 -14.75 -24.72
N GLY B 132 -19.92 -13.67 -25.21
CA GLY B 132 -19.97 -13.33 -26.61
C GLY B 132 -21.24 -12.66 -27.08
N SER B 133 -22.09 -12.20 -26.16
CA SER B 133 -23.35 -11.56 -26.52
C SER B 133 -23.50 -10.25 -25.78
N ILE B 134 -24.45 -9.44 -26.25
CA ILE B 134 -24.78 -8.17 -25.62
C ILE B 134 -25.81 -8.42 -24.53
N VAL B 135 -25.73 -7.64 -23.45
CA VAL B 135 -26.58 -7.82 -22.28
C VAL B 135 -27.40 -6.55 -22.07
N ILE B 136 -28.71 -6.72 -21.98
CA ILE B 136 -29.63 -5.64 -21.66
C ILE B 136 -30.09 -5.81 -20.22
N VAL B 137 -30.03 -4.74 -19.44
CA VAL B 137 -30.37 -4.77 -18.02
C VAL B 137 -31.24 -3.56 -17.68
N ARG B 138 -31.79 -3.59 -16.47
CA ARG B 138 -32.63 -2.52 -15.96
C ARG B 138 -31.84 -1.67 -14.99
N ALA B 139 -32.09 -0.36 -15.01
CA ALA B 139 -31.48 0.54 -14.04
C ALA B 139 -32.06 0.27 -12.66
N GLY B 140 -31.18 0.31 -11.66
CA GLY B 140 -31.56 0.12 -10.28
C GLY B 140 -30.76 -0.98 -9.62
N LYS B 141 -31.03 -1.13 -8.31
CA LYS B 141 -30.39 -2.10 -7.43
C LYS B 141 -28.91 -1.82 -7.26
N ILE B 142 -28.15 -1.82 -8.35
CA ILE B 142 -26.71 -1.56 -8.30
C ILE B 142 -26.39 -0.44 -9.29
N THR B 143 -25.14 0.03 -9.22
CA THR B 143 -24.69 1.10 -10.09
C THR B 143 -24.43 0.57 -11.50
N PHE B 144 -24.27 1.49 -12.45
CA PHE B 144 -23.96 1.10 -13.82
C PHE B 144 -22.62 0.39 -13.91
N ALA B 145 -21.63 0.88 -13.14
CA ALA B 145 -20.30 0.27 -13.17
C ALA B 145 -20.35 -1.17 -12.70
N GLU B 146 -21.14 -1.47 -11.67
CA GLU B 146 -21.28 -2.84 -11.20
C GLU B 146 -21.92 -3.74 -12.25
N LYS B 147 -22.95 -3.23 -12.94
CA LYS B 147 -23.58 -4.00 -14.01
C LYS B 147 -22.58 -4.32 -15.11
N VAL B 148 -21.84 -3.29 -15.56
CA VAL B 148 -20.89 -3.50 -16.65
C VAL B 148 -19.77 -4.44 -16.24
N ALA B 149 -19.32 -4.33 -14.98
CA ALA B 149 -18.25 -5.23 -14.51
C ALA B 149 -18.73 -6.67 -14.42
N ASN B 150 -19.94 -6.89 -13.88
CA ASN B 150 -20.48 -8.23 -13.80
C ASN B 150 -20.72 -8.82 -15.19
N ALA B 151 -21.09 -7.99 -16.16
CA ALA B 151 -21.26 -8.48 -17.51
C ALA B 151 -19.91 -8.82 -18.15
N GLU B 152 -18.92 -7.95 -17.99
CA GLU B 152 -17.61 -8.18 -18.61
C GLU B 152 -16.89 -9.36 -17.97
N SER B 153 -17.18 -9.66 -16.70
CA SER B 153 -16.55 -10.81 -16.06
C SER B 153 -16.98 -12.12 -16.71
N LEU B 154 -18.16 -12.14 -17.33
CA LEU B 154 -18.66 -13.31 -18.02
C LEU B 154 -18.57 -13.18 -19.54
N ASN B 155 -17.60 -12.40 -20.03
CA ASN B 155 -17.28 -12.31 -21.44
C ASN B 155 -18.43 -11.74 -22.27
N ALA B 156 -19.13 -10.76 -21.71
CA ALA B 156 -20.13 -10.02 -22.47
C ALA B 156 -19.46 -8.92 -23.29
N ILE B 157 -19.97 -8.70 -24.50
CA ILE B 157 -19.37 -7.75 -25.42
C ILE B 157 -20.05 -6.38 -25.43
N GLY B 158 -21.18 -6.24 -24.73
CA GLY B 158 -21.88 -4.97 -24.70
C GLY B 158 -22.96 -4.97 -23.66
N VAL B 159 -23.33 -3.78 -23.21
CA VAL B 159 -24.33 -3.58 -22.17
C VAL B 159 -25.30 -2.49 -22.62
N LEU B 160 -26.59 -2.76 -22.45
CA LEU B 160 -27.64 -1.78 -22.70
C LEU B 160 -28.48 -1.62 -21.44
N ILE B 161 -28.73 -0.38 -21.03
CA ILE B 161 -29.45 -0.08 -19.81
C ILE B 161 -30.69 0.74 -20.17
N TYR B 162 -31.83 0.36 -19.60
CA TYR B 162 -33.09 1.05 -19.84
C TYR B 162 -33.85 1.16 -18.52
N MET B 163 -35.00 1.82 -18.57
CA MET B 163 -35.86 2.02 -17.42
C MET B 163 -37.24 1.47 -17.74
N ASP B 164 -37.60 0.35 -17.11
CA ASP B 164 -38.92 -0.23 -17.29
C ASP B 164 -39.97 0.63 -16.58
N GLN B 165 -41.21 0.54 -17.07
CA GLN B 165 -42.29 1.35 -16.52
C GLN B 165 -42.74 0.84 -15.15
N THR B 166 -42.50 -0.43 -14.84
CA THR B 166 -42.89 -0.95 -13.53
C THR B 166 -42.02 -0.39 -12.42
N LYS B 167 -40.70 -0.34 -12.65
CA LYS B 167 -39.77 0.24 -11.69
C LYS B 167 -39.70 1.76 -11.77
N PHE B 168 -39.79 2.33 -12.97
CA PHE B 168 -39.76 3.78 -13.18
C PHE B 168 -41.04 4.20 -13.88
N PRO B 169 -42.11 4.50 -13.13
CA PRO B 169 -43.37 4.90 -13.76
C PRO B 169 -43.31 6.28 -14.38
N ILE B 170 -42.76 6.36 -15.59
CA ILE B 170 -42.67 7.61 -16.34
C ILE B 170 -43.54 7.50 -17.58
N VAL B 171 -44.30 8.56 -17.86
CA VAL B 171 -45.19 8.54 -19.01
C VAL B 171 -44.39 8.64 -20.31
N ASN B 172 -43.40 9.52 -20.36
CA ASN B 172 -42.57 9.69 -21.54
C ASN B 172 -41.74 8.42 -21.75
N ALA B 173 -42.15 7.60 -22.71
CA ALA B 173 -41.45 6.36 -23.01
C ALA B 173 -40.18 6.57 -23.84
N GLU B 174 -39.88 7.81 -24.22
CA GLU B 174 -38.68 8.11 -25.00
C GLU B 174 -37.68 8.97 -24.21
N LEU B 175 -37.80 8.99 -22.89
CA LEU B 175 -36.92 9.82 -22.07
C LEU B 175 -35.54 9.19 -22.00
N SER B 176 -34.52 10.00 -22.27
CA SER B 176 -33.14 9.57 -22.18
C SER B 176 -32.57 9.88 -20.79
N PHE B 177 -31.47 9.22 -20.46
CA PHE B 177 -30.83 9.42 -19.17
C PHE B 177 -29.34 9.12 -19.28
N PHE B 178 -28.60 9.59 -18.30
CA PHE B 178 -27.14 9.58 -18.31
C PHE B 178 -26.60 8.77 -17.15
N GLY B 179 -25.43 8.17 -17.36
CA GLY B 179 -24.76 7.42 -16.30
C GLY B 179 -23.26 7.39 -16.50
N HIS B 180 -22.59 6.65 -15.62
CA HIS B 180 -21.16 6.41 -15.77
C HIS B 180 -20.85 5.01 -15.26
N ALA B 181 -19.87 4.36 -15.89
CA ALA B 181 -19.57 2.97 -15.64
C ALA B 181 -18.14 2.76 -15.14
N HIS B 182 -17.61 3.71 -14.39
CA HIS B 182 -16.29 3.57 -13.79
C HIS B 182 -16.43 2.93 -12.41
N LEU B 183 -15.87 1.74 -12.24
CA LEU B 183 -15.93 1.02 -10.97
C LEU B 183 -14.92 1.63 -10.00
N GLY B 184 -15.25 2.84 -9.54
CA GLY B 184 -14.39 3.56 -8.62
C GLY B 184 -14.85 4.99 -8.47
N THR B 185 -13.96 5.83 -7.96
CA THR B 185 -14.22 7.24 -7.74
C THR B 185 -13.08 8.07 -8.30
N GLY B 186 -13.29 9.37 -8.34
CA GLY B 186 -12.28 10.30 -8.80
C GLY B 186 -12.02 10.19 -10.30
N ASP B 187 -11.04 10.98 -10.74
CA ASP B 187 -10.60 10.95 -12.13
C ASP B 187 -10.00 9.58 -12.44
N PRO B 188 -10.63 8.79 -13.32
CA PRO B 188 -10.11 7.44 -13.60
C PRO B 188 -8.77 7.43 -14.30
N TYR B 189 -8.20 8.58 -14.65
CA TYR B 189 -6.88 8.66 -15.25
C TYR B 189 -5.85 9.24 -14.30
N THR B 190 -6.24 9.54 -13.06
CA THR B 190 -5.30 9.83 -11.97
C THR B 190 -5.68 8.97 -10.78
N PRO B 191 -5.56 7.64 -10.89
CA PRO B 191 -6.06 6.74 -9.85
C PRO B 191 -5.09 6.69 -8.67
N GLY B 192 -5.56 7.17 -7.51
CA GLY B 192 -4.77 7.14 -6.30
C GLY B 192 -3.97 8.39 -6.01
N PHE B 193 -3.87 9.32 -6.96
CA PHE B 193 -3.12 10.55 -6.78
C PHE B 193 -3.93 11.70 -7.34
N PRO B 194 -3.74 12.92 -6.82
CA PRO B 194 -4.60 14.04 -7.21
C PRO B 194 -4.42 14.43 -8.67
N SER B 195 -5.42 15.14 -9.18
CA SER B 195 -5.41 15.63 -10.56
C SER B 195 -5.00 17.10 -10.58
N PHE B 196 -3.72 17.32 -10.33
CA PHE B 196 -3.12 18.64 -10.32
C PHE B 196 -2.07 18.74 -11.41
N ASN B 197 -1.65 19.97 -11.69
CA ASN B 197 -0.56 20.21 -12.64
C ASN B 197 0.78 19.73 -12.11
N HIS B 198 0.91 19.57 -10.79
CA HIS B 198 2.18 19.14 -10.21
C HIS B 198 2.54 17.73 -10.65
N THR B 199 1.53 16.87 -10.80
CA THR B 199 1.77 15.50 -11.26
C THR B 199 2.11 15.44 -12.75
N GLN B 200 1.82 16.51 -13.49
CA GLN B 200 2.02 16.60 -14.94
C GLN B 200 1.24 15.54 -15.71
N PHE B 201 0.29 14.86 -15.05
CA PHE B 201 -0.64 13.91 -15.64
C PHE B 201 0.10 12.81 -16.39
N PRO B 202 0.66 11.83 -15.69
CA PRO B 202 1.35 10.73 -16.36
C PRO B 202 0.35 9.71 -16.91
N PRO B 203 0.78 8.85 -17.84
CA PRO B 203 -0.14 7.83 -18.36
C PRO B 203 -0.48 6.77 -17.31
N SER B 204 -1.68 6.89 -16.73
CA SER B 204 -2.14 5.94 -15.72
C SER B 204 -3.64 5.77 -15.89
N ARG B 205 -4.09 4.52 -15.97
CA ARG B 205 -5.50 4.19 -16.16
C ARG B 205 -5.98 3.36 -14.97
N SER B 206 -7.12 3.75 -14.41
CA SER B 206 -7.70 3.01 -13.30
C SER B 206 -8.22 1.67 -13.78
N SER B 207 -8.00 0.64 -12.97
CA SER B 207 -8.45 -0.70 -13.33
C SER B 207 -9.96 -0.82 -13.32
N GLY B 208 -10.67 0.14 -12.74
CA GLY B 208 -12.11 0.15 -12.73
C GLY B 208 -12.76 0.59 -14.02
N LEU B 209 -11.97 0.96 -15.02
CA LEU B 209 -12.52 1.37 -16.30
C LEU B 209 -12.96 0.13 -17.09
N PRO B 210 -14.18 0.13 -17.64
CA PRO B 210 -14.63 -1.03 -18.42
C PRO B 210 -13.97 -1.08 -19.79
N ASN B 211 -13.99 -2.27 -20.39
CA ASN B 211 -13.44 -2.48 -21.71
C ASN B 211 -14.50 -2.97 -22.70
N ILE B 212 -15.76 -2.66 -22.43
CA ILE B 212 -16.86 -2.96 -23.35
C ILE B 212 -17.79 -1.77 -23.44
N PRO B 213 -18.44 -1.59 -24.58
CA PRO B 213 -19.33 -0.45 -24.74
C PRO B 213 -20.65 -0.64 -24.01
N VAL B 214 -21.09 0.43 -23.34
CA VAL B 214 -22.36 0.45 -22.61
C VAL B 214 -23.08 1.74 -22.98
N GLN B 215 -24.38 1.61 -23.29
CA GLN B 215 -25.19 2.73 -23.74
C GLN B 215 -26.57 2.64 -23.11
N THR B 216 -27.10 3.80 -22.71
CA THR B 216 -28.46 3.88 -22.18
C THR B 216 -29.47 4.07 -23.30
N ILE B 217 -30.61 3.39 -23.17
CA ILE B 217 -31.69 3.48 -24.14
C ILE B 217 -32.98 3.79 -23.41
N SER B 218 -33.97 4.26 -24.17
CA SER B 218 -35.27 4.62 -23.61
C SER B 218 -36.17 3.38 -23.52
N ARG B 219 -37.32 3.57 -22.87
CA ARG B 219 -38.27 2.47 -22.73
C ARG B 219 -38.85 2.06 -24.07
N ALA B 220 -39.06 3.03 -24.97
CA ALA B 220 -39.57 2.72 -26.30
C ALA B 220 -38.59 1.86 -27.07
N ALA B 221 -37.29 2.19 -27.02
CA ALA B 221 -36.30 1.37 -27.71
C ALA B 221 -36.18 -0.01 -27.06
N ALA B 222 -36.33 -0.08 -25.74
CA ALA B 222 -36.28 -1.39 -25.07
C ALA B 222 -37.44 -2.27 -25.50
N GLU B 223 -38.64 -1.71 -25.60
CA GLU B 223 -39.79 -2.49 -26.05
C GLU B 223 -39.67 -2.83 -27.53
N LYS B 224 -39.08 -1.94 -28.34
CA LYS B 224 -38.83 -2.27 -29.74
C LYS B 224 -37.86 -3.43 -29.87
N LEU B 225 -36.85 -3.47 -29.01
CA LEU B 225 -35.94 -4.62 -28.98
C LEU B 225 -36.67 -5.88 -28.54
N PHE B 226 -37.49 -5.77 -27.48
CA PHE B 226 -38.26 -6.92 -27.01
C PHE B 226 -39.18 -7.47 -28.10
N GLY B 227 -39.67 -6.60 -28.97
CA GLY B 227 -40.47 -7.05 -30.11
C GLY B 227 -39.74 -7.99 -31.03
N ASN B 228 -38.41 -8.03 -30.96
CA ASN B 228 -37.59 -8.93 -31.76
C ASN B 228 -36.93 -10.01 -30.90
N MET B 229 -37.46 -10.27 -29.71
CA MET B 229 -36.89 -11.24 -28.79
C MET B 229 -37.95 -12.23 -28.37
N GLU B 230 -37.50 -13.33 -27.77
CA GLU B 230 -38.37 -14.43 -27.37
C GLU B 230 -38.17 -14.73 -25.88
N GLY B 231 -39.08 -15.53 -25.33
CA GLY B 231 -39.01 -15.93 -23.94
C GLY B 231 -39.60 -14.92 -22.98
N ASP B 232 -40.44 -15.40 -22.07
CA ASP B 232 -41.05 -14.52 -21.07
C ASP B 232 -40.10 -14.29 -19.90
N CYS B 233 -40.03 -13.04 -19.46
CA CYS B 233 -39.19 -12.72 -18.32
C CYS B 233 -39.82 -13.28 -17.04
N PRO B 234 -39.01 -13.81 -16.12
CA PRO B 234 -39.57 -14.47 -14.94
C PRO B 234 -40.40 -13.51 -14.08
N SER B 235 -41.43 -14.06 -13.45
CA SER B 235 -42.32 -13.27 -12.61
C SER B 235 -41.65 -12.75 -11.35
N ASP B 236 -40.48 -13.28 -10.99
CA ASP B 236 -39.78 -12.78 -9.82
C ASP B 236 -39.19 -11.40 -10.05
N TRP B 237 -38.98 -11.01 -11.32
CA TRP B 237 -38.39 -9.72 -11.64
C TRP B 237 -39.36 -8.57 -11.46
N LYS B 238 -40.66 -8.82 -11.55
CA LYS B 238 -41.69 -7.79 -11.43
C LYS B 238 -41.45 -6.66 -12.43
N THR B 239 -41.47 -7.03 -13.71
CA THR B 239 -41.20 -6.11 -14.80
C THR B 239 -42.43 -6.01 -15.69
N ASP B 240 -42.27 -5.27 -16.80
CA ASP B 240 -43.36 -5.05 -17.73
C ASP B 240 -43.76 -6.35 -18.42
N SER B 241 -44.99 -6.37 -18.94
CA SER B 241 -45.47 -7.53 -19.67
C SER B 241 -44.76 -7.70 -20.99
N THR B 242 -44.33 -6.60 -21.62
CA THR B 242 -43.63 -6.66 -22.89
C THR B 242 -42.19 -7.14 -22.75
N CYS B 243 -41.75 -7.47 -21.55
CA CYS B 243 -40.37 -7.92 -21.35
C CYS B 243 -40.13 -9.25 -22.05
N ARG B 244 -38.98 -9.35 -22.71
CA ARG B 244 -38.55 -10.58 -23.37
C ARG B 244 -37.12 -10.90 -22.96
N MET B 245 -36.70 -12.13 -23.25
CA MET B 245 -35.45 -12.67 -22.72
C MET B 245 -34.32 -12.69 -23.74
N VAL B 246 -34.48 -13.42 -24.84
CA VAL B 246 -33.41 -13.65 -25.80
C VAL B 246 -33.93 -13.33 -27.20
N THR B 247 -33.07 -12.71 -28.01
CA THR B 247 -33.40 -12.40 -29.39
C THR B 247 -33.65 -13.69 -30.19
N SER B 248 -34.19 -13.51 -31.39
CA SER B 248 -34.35 -14.63 -32.30
C SER B 248 -32.98 -15.14 -32.77
N GLU B 249 -32.98 -16.32 -33.36
CA GLU B 249 -31.72 -16.96 -33.73
C GLU B 249 -31.00 -16.18 -34.83
N SER B 250 -31.73 -15.73 -35.85
CA SER B 250 -31.13 -15.03 -36.98
C SER B 250 -30.97 -13.53 -36.75
N LYS B 251 -31.59 -12.98 -35.70
CA LYS B 251 -31.52 -11.56 -35.43
C LYS B 251 -30.36 -11.25 -34.49
N ASN B 252 -29.63 -10.18 -34.80
CA ASN B 252 -28.56 -9.69 -33.94
C ASN B 252 -28.74 -8.20 -33.71
N VAL B 253 -28.11 -7.72 -32.64
CA VAL B 253 -28.13 -6.31 -32.28
C VAL B 253 -26.73 -5.76 -32.49
N LYS B 254 -26.66 -4.56 -33.09
CA LYS B 254 -25.44 -3.81 -33.29
C LYS B 254 -25.48 -2.57 -32.41
N LEU B 255 -24.52 -2.47 -31.50
CA LEU B 255 -24.35 -1.32 -30.63
C LEU B 255 -23.10 -0.57 -31.02
N THR B 256 -23.24 0.73 -31.28
CA THR B 256 -22.14 1.59 -31.70
C THR B 256 -22.04 2.76 -30.73
N VAL B 257 -20.95 2.81 -29.97
CA VAL B 257 -20.67 3.91 -29.04
C VAL B 257 -19.38 4.57 -29.48
N SER B 258 -19.40 5.91 -29.58
CA SER B 258 -18.25 6.66 -30.07
C SER B 258 -17.89 7.81 -29.13
N ASN B 259 -18.15 7.66 -27.84
CA ASN B 259 -17.85 8.71 -26.89
C ASN B 259 -16.35 9.01 -26.87
N VAL B 260 -16.01 10.27 -26.59
CA VAL B 260 -14.63 10.72 -26.62
C VAL B 260 -14.27 11.38 -25.29
N LEU B 261 -13.00 11.28 -24.95
CA LEU B 261 -12.50 11.89 -23.72
C LEU B 261 -12.36 13.40 -23.89
N LYS B 262 -12.48 14.12 -22.77
CA LYS B 262 -12.36 15.57 -22.77
C LYS B 262 -11.76 16.00 -21.44
N GLU B 263 -10.70 16.80 -21.50
CA GLU B 263 -10.05 17.33 -20.30
C GLU B 263 -10.74 18.65 -19.92
N ILE B 264 -11.25 18.72 -18.70
CA ILE B 264 -12.01 19.86 -18.22
C ILE B 264 -11.43 20.35 -16.91
N LYS B 265 -11.71 21.62 -16.60
CA LYS B 265 -11.30 22.25 -15.35
C LYS B 265 -12.50 22.30 -14.42
N ILE B 266 -12.42 21.60 -13.29
CA ILE B 266 -13.47 21.59 -12.30
C ILE B 266 -13.04 22.42 -11.10
N LEU B 267 -14.02 23.02 -10.44
CA LEU B 267 -13.79 23.89 -9.30
C LEU B 267 -14.49 23.32 -8.07
N ASN B 268 -13.76 23.27 -6.95
CA ASN B 268 -14.31 22.90 -5.66
C ASN B 268 -14.29 24.14 -4.77
N ILE B 269 -15.46 24.59 -4.33
CA ILE B 269 -15.59 25.79 -3.52
C ILE B 269 -15.63 25.40 -2.06
N PHE B 270 -14.98 26.20 -1.21
CA PHE B 270 -14.89 25.87 0.21
C PHE B 270 -15.10 27.11 1.06
N GLY B 271 -15.85 26.94 2.14
CA GLY B 271 -15.89 27.92 3.20
C GLY B 271 -15.62 27.24 4.52
N VAL B 272 -15.04 27.99 5.45
CA VAL B 272 -14.67 27.45 6.75
C VAL B 272 -15.03 28.45 7.84
N ILE B 273 -15.73 27.96 8.85
CA ILE B 273 -15.95 28.67 10.10
C ILE B 273 -14.99 28.07 11.12
N LYS B 274 -14.01 28.86 11.55
CA LYS B 274 -12.97 28.34 12.44
C LYS B 274 -13.52 28.14 13.84
N GLY B 275 -12.99 27.12 14.53
CA GLY B 275 -13.37 26.85 15.89
C GLY B 275 -12.74 27.81 16.88
N PHE B 276 -13.26 27.78 18.11
CA PHE B 276 -12.78 28.64 19.18
C PHE B 276 -11.88 27.92 20.17
N VAL B 277 -11.85 26.59 20.16
CA VAL B 277 -11.07 25.82 21.12
C VAL B 277 -10.06 24.95 20.39
N GLU B 278 -10.54 24.10 19.48
CA GLU B 278 -9.70 23.19 18.70
C GLU B 278 -9.94 23.44 17.21
N PRO B 279 -9.41 24.53 16.67
CA PRO B 279 -9.71 24.87 15.26
C PRO B 279 -9.01 23.96 14.26
N ASP B 280 -7.97 23.22 14.67
CA ASP B 280 -7.27 22.35 13.74
C ASP B 280 -8.06 21.08 13.41
N HIS B 281 -9.03 20.71 14.23
CA HIS B 281 -9.93 19.60 13.96
C HIS B 281 -11.24 20.14 13.38
N TYR B 282 -11.84 19.37 12.48
CA TYR B 282 -13.01 19.86 11.78
C TYR B 282 -13.84 18.72 11.21
N VAL B 283 -15.09 19.04 10.91
CA VAL B 283 -15.98 18.20 10.12
C VAL B 283 -16.14 18.84 8.76
N VAL B 284 -16.53 18.03 7.78
CA VAL B 284 -16.71 18.47 6.40
C VAL B 284 -18.15 18.19 5.99
N VAL B 285 -18.81 19.21 5.44
CA VAL B 285 -20.17 19.09 4.94
C VAL B 285 -20.13 19.40 3.45
N GLY B 286 -20.40 18.38 2.62
CA GLY B 286 -20.29 18.54 1.19
C GLY B 286 -21.60 18.35 0.44
N ALA B 287 -21.62 18.80 -0.81
CA ALA B 287 -22.82 18.68 -1.64
C ALA B 287 -22.41 18.80 -3.11
N GLN B 288 -22.94 17.91 -3.95
CA GLN B 288 -22.66 17.96 -5.37
C GLN B 288 -23.34 19.17 -6.01
N ARG B 289 -22.64 19.80 -6.94
CA ARG B 289 -23.13 21.00 -7.62
C ARG B 289 -23.51 20.76 -9.07
N ASP B 290 -22.75 19.94 -9.80
CA ASP B 290 -23.01 19.72 -11.21
C ASP B 290 -24.02 18.60 -11.41
N ALA B 291 -24.52 18.50 -12.65
CA ALA B 291 -25.46 17.48 -13.06
C ALA B 291 -25.55 17.48 -14.58
N TRP B 292 -25.89 16.31 -15.14
CA TRP B 292 -26.00 16.20 -16.59
C TRP B 292 -27.17 17.03 -17.11
N GLY B 293 -28.36 16.80 -16.57
CA GLY B 293 -29.52 17.59 -16.94
C GLY B 293 -29.72 18.76 -15.99
N PRO B 294 -30.97 19.09 -15.69
CA PRO B 294 -31.22 20.14 -14.69
C PRO B 294 -30.72 19.78 -13.31
N GLY B 295 -30.89 18.53 -12.89
CA GLY B 295 -30.36 18.06 -11.62
C GLY B 295 -30.93 18.76 -10.41
N ALA B 296 -32.25 18.87 -10.34
CA ALA B 296 -32.88 19.55 -9.20
C ALA B 296 -32.87 18.66 -7.96
N ALA B 297 -33.12 17.36 -8.13
CA ALA B 297 -33.21 16.46 -6.99
C ALA B 297 -31.84 16.15 -6.38
N LYS B 298 -30.85 15.87 -7.22
CA LYS B 298 -29.55 15.44 -6.73
C LYS B 298 -28.70 16.62 -6.24
N SER B 299 -28.42 17.57 -7.13
CA SER B 299 -27.47 18.64 -6.83
C SER B 299 -28.13 19.92 -6.34
N GLY B 300 -29.34 20.24 -6.82
CA GLY B 300 -29.97 21.49 -6.42
C GLY B 300 -30.31 21.52 -4.94
N VAL B 301 -30.98 20.47 -4.46
CA VAL B 301 -31.35 20.40 -3.04
C VAL B 301 -30.10 20.39 -2.17
N GLY B 302 -29.07 19.64 -2.57
CA GLY B 302 -27.85 19.59 -1.79
C GLY B 302 -27.15 20.92 -1.72
N THR B 303 -27.05 21.63 -2.85
CA THR B 303 -26.39 22.94 -2.85
C THR B 303 -27.19 23.95 -2.04
N ALA B 304 -28.52 23.92 -2.14
CA ALA B 304 -29.34 24.82 -1.33
C ALA B 304 -29.16 24.54 0.16
N LEU B 305 -29.14 23.26 0.54
CA LEU B 305 -28.91 22.91 1.94
C LEU B 305 -27.54 23.36 2.41
N LEU B 306 -26.52 23.22 1.56
CA LEU B 306 -25.18 23.67 1.91
C LEU B 306 -25.17 25.17 2.15
N LEU B 307 -25.73 25.94 1.22
CA LEU B 307 -25.77 27.40 1.36
C LEU B 307 -26.51 27.80 2.64
N LYS B 308 -27.66 27.18 2.90
CA LYS B 308 -28.47 27.58 4.04
C LYS B 308 -27.81 27.20 5.36
N LEU B 309 -27.19 26.01 5.41
CA LEU B 309 -26.48 25.62 6.63
C LEU B 309 -25.31 26.56 6.90
N ALA B 310 -24.55 26.91 5.86
CA ALA B 310 -23.45 27.85 6.03
C ALA B 310 -23.97 29.19 6.55
N GLN B 311 -25.03 29.71 5.93
CA GLN B 311 -25.59 31.00 6.36
C GLN B 311 -26.04 30.96 7.81
N MET B 312 -26.78 29.90 8.18
CA MET B 312 -27.33 29.82 9.53
C MET B 312 -26.25 29.65 10.58
N PHE B 313 -25.24 28.82 10.29
CA PHE B 313 -24.16 28.66 11.27
C PHE B 313 -23.32 29.91 11.40
N SER B 314 -23.09 30.62 10.29
CA SER B 314 -22.38 31.89 10.37
C SER B 314 -23.17 32.91 11.18
N ASP B 315 -24.50 32.94 11.01
CA ASP B 315 -25.32 33.83 11.81
C ASP B 315 -25.25 33.46 13.29
N MET B 316 -25.31 32.17 13.60
CA MET B 316 -25.25 31.74 14.99
C MET B 316 -23.91 32.10 15.62
N VAL B 317 -22.83 32.00 14.84
CA VAL B 317 -21.51 32.35 15.37
C VAL B 317 -21.38 33.86 15.56
N LEU B 318 -21.90 34.64 14.62
CA LEU B 318 -21.71 36.09 14.65
C LEU B 318 -22.78 36.83 15.45
N LYS B 319 -24.00 36.29 15.53
CA LYS B 319 -25.10 36.99 16.18
C LYS B 319 -25.55 36.35 17.48
N ASP B 320 -25.44 35.04 17.63
CA ASP B 320 -26.01 34.33 18.77
C ASP B 320 -24.96 33.83 19.75
N GLY B 321 -23.70 34.18 19.54
CA GLY B 321 -22.66 33.77 20.47
C GLY B 321 -22.33 32.29 20.46
N PHE B 322 -22.64 31.59 19.36
CA PHE B 322 -22.29 30.18 19.25
C PHE B 322 -20.80 30.04 18.99
N GLN B 323 -20.12 29.32 19.88
CA GLN B 323 -18.66 29.14 19.80
C GLN B 323 -18.35 27.66 19.61
N PRO B 324 -18.21 27.20 18.37
CA PRO B 324 -17.84 25.80 18.14
C PRO B 324 -16.40 25.54 18.58
N SER B 325 -16.20 24.44 19.31
CA SER B 325 -14.85 24.07 19.72
C SER B 325 -13.99 23.73 18.51
N ARG B 326 -14.57 23.06 17.52
CA ARG B 326 -13.85 22.64 16.33
C ARG B 326 -14.45 23.30 15.10
N SER B 327 -13.66 23.31 14.01
CA SER B 327 -14.03 24.06 12.83
C SER B 327 -15.09 23.33 12.00
N ILE B 328 -15.70 24.07 11.09
CA ILE B 328 -16.71 23.55 10.19
C ILE B 328 -16.32 23.92 8.76
N ILE B 329 -16.32 22.94 7.86
CA ILE B 329 -15.95 23.15 6.46
C ILE B 329 -17.15 22.79 5.59
N PHE B 330 -17.63 23.77 4.84
CA PHE B 330 -18.67 23.58 3.83
C PHE B 330 -18.02 23.51 2.46
N ALA B 331 -18.32 22.45 1.72
CA ALA B 331 -17.67 22.20 0.44
C ALA B 331 -18.70 21.97 -0.65
N SER B 332 -18.55 22.68 -1.75
CA SER B 332 -19.34 22.47 -2.96
C SER B 332 -18.43 21.79 -3.98
N TRP B 333 -18.69 20.52 -4.26
CA TRP B 333 -17.89 19.73 -5.18
C TRP B 333 -18.40 19.89 -6.61
N SER B 334 -17.60 19.43 -7.56
CA SER B 334 -17.96 19.41 -8.97
C SER B 334 -17.65 18.03 -9.54
N ALA B 335 -18.19 17.77 -10.73
CA ALA B 335 -18.04 16.48 -11.40
C ALA B 335 -18.49 15.34 -10.50
N GLY B 336 -19.65 15.54 -9.87
CA GLY B 336 -20.16 14.61 -8.87
C GLY B 336 -20.96 13.44 -9.40
N ASP B 337 -21.27 13.42 -10.70
CA ASP B 337 -21.98 12.30 -11.31
C ASP B 337 -21.11 11.51 -12.28
N PHE B 338 -19.85 11.90 -12.47
CA PHE B 338 -18.85 11.06 -13.09
C PHE B 338 -18.11 10.20 -12.07
N GLY B 339 -18.78 9.82 -10.99
CA GLY B 339 -18.15 9.21 -9.84
C GLY B 339 -18.24 10.12 -8.64
N SER B 340 -17.10 10.37 -7.99
CA SER B 340 -16.98 11.37 -6.94
C SER B 340 -15.73 12.21 -7.18
N VAL B 341 -15.61 12.72 -8.41
CA VAL B 341 -14.33 13.24 -8.89
C VAL B 341 -13.82 14.37 -8.00
N GLY B 342 -14.65 15.37 -7.74
CA GLY B 342 -14.25 16.49 -6.92
C GLY B 342 -13.77 16.09 -5.53
N ALA B 343 -14.65 15.42 -4.78
CA ALA B 343 -14.32 15.05 -3.41
C ALA B 343 -13.17 14.04 -3.36
N THR B 344 -13.15 13.08 -4.27
CA THR B 344 -12.10 12.07 -4.24
C THR B 344 -10.74 12.69 -4.58
N GLU B 345 -10.69 13.58 -5.58
CA GLU B 345 -9.43 14.23 -5.90
C GLU B 345 -8.99 15.17 -4.78
N TRP B 346 -9.94 15.82 -4.10
CA TRP B 346 -9.59 16.64 -2.95
C TRP B 346 -8.99 15.80 -1.84
N LEU B 347 -9.59 14.64 -1.56
CA LEU B 347 -9.04 13.73 -0.55
C LEU B 347 -7.66 13.23 -0.94
N GLU B 348 -7.47 12.87 -2.21
CA GLU B 348 -6.18 12.37 -2.66
C GLU B 348 -5.12 13.46 -2.65
N GLY B 349 -5.52 14.72 -2.81
CA GLY B 349 -4.58 15.82 -2.80
C GLY B 349 -4.17 16.27 -1.42
N TYR B 350 -5.12 16.35 -0.49
CA TYR B 350 -4.88 16.84 0.86
C TYR B 350 -5.04 15.76 1.91
N LEU B 351 -4.68 14.52 1.58
CA LEU B 351 -4.80 13.42 2.54
C LEU B 351 -3.86 13.61 3.72
N SER B 352 -2.64 14.08 3.47
CA SER B 352 -1.69 14.30 4.55
C SER B 352 -2.13 15.41 5.51
N SER B 353 -2.97 16.35 5.04
CA SER B 353 -3.45 17.42 5.89
C SER B 353 -4.70 17.05 6.68
N LEU B 354 -5.46 16.04 6.24
CA LEU B 354 -6.66 15.60 6.94
C LEU B 354 -6.46 14.26 7.64
N HIS B 355 -5.21 13.86 7.88
CA HIS B 355 -4.93 12.54 8.43
C HIS B 355 -5.69 12.29 9.72
N LEU B 356 -5.42 13.10 10.74
CA LEU B 356 -6.11 13.00 12.02
C LEU B 356 -6.72 14.33 12.43
N LYS B 357 -7.17 15.12 11.45
CA LYS B 357 -7.80 16.41 11.69
C LYS B 357 -9.28 16.40 11.33
N ALA B 358 -9.62 16.06 10.09
CA ALA B 358 -11.02 15.90 9.70
C ALA B 358 -11.57 14.61 10.31
N PHE B 359 -12.61 14.73 11.13
CA PHE B 359 -13.10 13.58 11.88
C PHE B 359 -14.53 13.17 11.56
N THR B 360 -15.23 13.89 10.67
CA THR B 360 -16.56 13.48 10.25
C THR B 360 -16.92 14.19 8.96
N TYR B 361 -17.53 13.46 8.03
CA TYR B 361 -18.05 14.02 6.80
C TYR B 361 -19.56 13.82 6.73
N ILE B 362 -20.28 14.87 6.35
CA ILE B 362 -21.73 14.84 6.24
C ILE B 362 -22.09 15.18 4.79
N ASN B 363 -22.75 14.25 4.11
CA ASN B 363 -23.12 14.41 2.71
C ASN B 363 -24.58 14.84 2.60
N LEU B 364 -24.83 15.82 1.73
CA LEU B 364 -26.16 16.39 1.56
C LEU B 364 -26.78 16.04 0.21
N ASP B 365 -26.15 15.15 -0.55
CA ASP B 365 -26.65 14.83 -1.89
C ASP B 365 -27.89 13.96 -1.82
N LYS B 366 -28.92 14.34 -2.58
CA LYS B 366 -30.17 13.59 -2.68
C LYS B 366 -30.80 13.37 -1.31
N ALA B 367 -30.83 14.43 -0.50
CA ALA B 367 -31.40 14.34 0.84
C ALA B 367 -32.92 14.43 0.84
N VAL B 368 -33.52 14.93 -0.23
CA VAL B 368 -34.97 15.09 -0.33
C VAL B 368 -35.41 14.43 -1.64
N LEU B 369 -35.91 13.19 -1.54
CA LEU B 369 -36.49 12.50 -2.69
C LEU B 369 -37.87 11.95 -2.39
N GLY B 370 -38.41 12.22 -1.20
CA GLY B 370 -39.71 11.72 -0.83
C GLY B 370 -40.04 12.11 0.59
N THR B 371 -41.14 11.57 1.10
CA THR B 371 -41.59 11.85 2.45
C THR B 371 -41.91 10.61 3.29
N SER B 372 -41.92 9.42 2.68
CA SER B 372 -42.35 8.24 3.41
C SER B 372 -41.29 7.79 4.42
N ASN B 373 -40.10 7.45 3.94
CA ASN B 373 -39.06 6.86 4.77
C ASN B 373 -37.91 7.84 4.98
N PHE B 374 -37.23 7.68 6.11
CA PHE B 374 -36.01 8.41 6.44
C PHE B 374 -34.88 7.39 6.51
N LYS B 375 -34.06 7.34 5.47
CA LYS B 375 -33.00 6.35 5.35
C LYS B 375 -31.65 6.96 5.65
N VAL B 376 -30.76 6.13 6.20
CA VAL B 376 -29.44 6.56 6.67
C VAL B 376 -28.42 5.48 6.37
N SER B 377 -27.28 5.87 5.80
CA SER B 377 -26.13 4.99 5.62
C SER B 377 -24.90 5.71 6.15
N ALA B 378 -24.27 5.13 7.16
CA ALA B 378 -23.18 5.82 7.84
C ALA B 378 -22.27 4.80 8.52
N SER B 379 -21.12 5.27 8.97
CA SER B 379 -20.23 4.47 9.78
C SER B 379 -20.85 4.25 11.16
N PRO B 380 -20.57 3.11 11.80
CA PRO B 380 -21.15 2.87 13.13
C PRO B 380 -20.80 3.91 14.17
N LEU B 381 -19.64 4.58 14.03
CA LEU B 381 -19.22 5.59 15.00
C LEU B 381 -20.25 6.69 15.14
N LEU B 382 -21.03 6.94 14.09
CA LEU B 382 -22.05 7.98 14.11
C LEU B 382 -23.43 7.49 14.51
N TYR B 383 -23.63 6.16 14.55
CA TYR B 383 -24.96 5.59 14.79
C TYR B 383 -25.64 6.24 15.98
N THR B 384 -25.02 6.17 17.16
CA THR B 384 -25.57 6.77 18.36
C THR B 384 -25.98 8.22 18.10
N LEU B 385 -25.08 9.02 17.54
CA LEU B 385 -25.40 10.40 17.21
C LEU B 385 -26.67 10.46 16.37
N ILE B 386 -26.70 9.71 15.27
CA ILE B 386 -27.89 9.65 14.43
C ILE B 386 -29.12 9.31 15.27
N GLU B 387 -28.98 8.28 16.13
CA GLU B 387 -30.09 7.91 17.00
C GLU B 387 -30.51 9.10 17.86
N LYS B 388 -29.54 9.76 18.50
CA LYS B 388 -29.86 10.89 19.36
C LYS B 388 -30.46 12.05 18.59
N THR B 389 -30.27 12.09 17.27
CA THR B 389 -30.92 13.12 16.46
C THR B 389 -32.29 12.70 15.96
N MET B 390 -32.55 11.39 15.87
CA MET B 390 -33.87 10.94 15.45
C MET B 390 -34.89 10.97 16.58
N GLN B 391 -34.44 11.14 17.83
CA GLN B 391 -35.33 11.15 18.98
C GLN B 391 -35.84 12.54 19.35
N ASN B 392 -35.35 13.59 18.68
CA ASN B 392 -35.85 14.94 18.94
C ASN B 392 -35.93 15.76 17.66
N VAL B 393 -36.15 15.11 16.52
CA VAL B 393 -36.41 15.78 15.25
C VAL B 393 -37.68 15.17 14.66
N LYS B 394 -38.67 16.00 14.38
CA LYS B 394 -39.99 15.54 14.00
C LYS B 394 -40.10 15.35 12.49
N HIS B 395 -41.00 14.47 12.09
CA HIS B 395 -41.23 14.20 10.67
C HIS B 395 -41.94 15.39 10.04
N PRO B 396 -41.59 15.74 8.78
CA PRO B 396 -42.19 16.92 8.16
C PRO B 396 -43.69 16.80 7.91
N VAL B 397 -44.22 15.60 7.79
CA VAL B 397 -45.62 15.37 7.45
C VAL B 397 -46.40 14.77 8.61
N THR B 398 -45.91 13.66 9.16
CA THR B 398 -46.63 12.99 10.24
C THR B 398 -46.49 13.70 11.58
N GLY B 399 -45.48 14.56 11.73
CA GLY B 399 -45.28 15.29 12.96
C GLY B 399 -44.65 14.50 14.08
N GLN B 400 -44.46 13.20 13.92
CA GLN B 400 -43.86 12.37 14.95
C GLN B 400 -42.33 12.36 14.81
N PHE B 401 -41.67 11.89 15.85
CA PHE B 401 -40.21 11.79 15.84
C PHE B 401 -39.76 10.76 14.81
N LEU B 402 -38.59 11.02 14.21
CA LEU B 402 -38.04 10.09 13.23
C LEU B 402 -37.65 8.75 13.85
N TYR B 403 -37.37 8.72 15.16
CA TYR B 403 -37.02 7.48 15.85
C TYR B 403 -38.31 6.72 16.15
N GLN B 404 -38.63 5.77 15.28
CA GLN B 404 -39.78 4.89 15.48
C GLN B 404 -39.39 3.42 15.55
N ASP B 405 -38.40 2.99 14.78
CA ASP B 405 -37.89 1.63 14.84
C ASP B 405 -36.70 1.59 15.79
N SER B 406 -36.81 0.77 16.84
CA SER B 406 -35.73 0.68 17.82
C SER B 406 -34.56 -0.17 17.34
N ASN B 407 -34.75 -0.96 16.29
CA ASN B 407 -33.71 -1.80 15.72
C ASN B 407 -33.30 -1.32 14.34
N TRP B 408 -33.20 0.00 14.16
CA TRP B 408 -32.83 0.55 12.87
C TRP B 408 -31.37 0.26 12.52
N ALA B 409 -30.50 0.22 13.53
CA ALA B 409 -29.07 0.02 13.28
C ALA B 409 -28.79 -1.33 12.63
N SER B 410 -29.60 -2.34 12.94
CA SER B 410 -29.44 -3.65 12.33
C SER B 410 -29.95 -3.69 10.90
N LYS B 411 -30.60 -2.63 10.42
CA LYS B 411 -31.14 -2.59 9.07
C LYS B 411 -30.46 -1.53 8.21
N VAL B 412 -29.32 -1.00 8.66
CA VAL B 412 -28.64 0.06 7.94
C VAL B 412 -27.84 -0.54 6.79
N GLU B 413 -28.08 -0.04 5.58
CA GLU B 413 -27.28 -0.41 4.42
C GLU B 413 -25.96 0.37 4.42
N LYS B 414 -24.92 -0.26 3.92
CA LYS B 414 -23.62 0.40 3.87
C LYS B 414 -23.54 1.33 2.67
N LEU B 415 -22.60 2.27 2.73
CA LEU B 415 -22.44 3.24 1.66
C LEU B 415 -22.00 2.54 0.38
N THR B 416 -22.50 3.04 -0.75
CA THR B 416 -22.23 2.46 -2.06
C THR B 416 -21.29 3.35 -2.86
N LEU B 417 -20.90 2.84 -4.03
CA LEU B 417 -19.89 3.52 -4.84
C LEU B 417 -20.38 4.87 -5.35
N ASP B 418 -21.68 5.02 -5.62
CA ASP B 418 -22.20 6.27 -6.15
C ASP B 418 -22.28 7.37 -5.10
N ASN B 419 -22.21 7.03 -3.82
CA ASN B 419 -22.32 8.03 -2.76
C ASN B 419 -20.98 8.72 -2.53
N ALA B 420 -21.04 10.04 -2.31
CA ALA B 420 -19.82 10.82 -2.12
C ALA B 420 -19.18 10.59 -0.75
N ALA B 421 -19.93 10.01 0.19
CA ALA B 421 -19.37 9.69 1.50
C ALA B 421 -18.54 8.41 1.48
N PHE B 422 -18.69 7.60 0.43
CA PHE B 422 -17.94 6.35 0.34
C PHE B 422 -16.44 6.56 0.26
N PRO B 423 -15.91 7.49 -0.56
CA PRO B 423 -14.46 7.73 -0.50
C PRO B 423 -14.01 8.35 0.81
N PHE B 424 -14.89 9.11 1.48
CA PHE B 424 -14.52 9.66 2.78
C PHE B 424 -14.39 8.56 3.83
N LEU B 425 -15.21 7.51 3.74
CA LEU B 425 -15.19 6.47 4.76
C LEU B 425 -14.19 5.36 4.45
N ALA B 426 -14.22 4.82 3.22
CA ALA B 426 -13.41 3.66 2.85
C ALA B 426 -11.97 3.98 2.46
N TYR B 427 -11.70 5.19 1.96
CA TYR B 427 -10.37 5.56 1.50
C TYR B 427 -9.59 6.34 2.55
N SER B 428 -10.13 7.47 3.00
CA SER B 428 -9.43 8.34 3.94
C SER B 428 -9.67 7.96 5.40
N GLY B 429 -10.55 7.00 5.67
CA GLY B 429 -10.82 6.60 7.04
C GLY B 429 -11.51 7.64 7.88
N ILE B 430 -12.35 8.47 7.28
CA ILE B 430 -13.09 9.50 7.98
C ILE B 430 -14.53 9.02 8.15
N PRO B 431 -15.08 9.05 9.36
CA PRO B 431 -16.50 8.67 9.54
C PRO B 431 -17.40 9.56 8.70
N ALA B 432 -18.29 8.92 7.95
CA ALA B 432 -19.17 9.63 7.01
C ALA B 432 -20.61 9.21 7.23
N VAL B 433 -21.52 10.06 6.77
CA VAL B 433 -22.96 9.83 6.97
C VAL B 433 -23.71 10.39 5.77
N SER B 434 -24.71 9.65 5.30
CA SER B 434 -25.63 10.11 4.28
C SER B 434 -27.05 9.78 4.71
N PHE B 435 -27.95 10.74 4.54
CA PHE B 435 -29.34 10.58 4.97
C PHE B 435 -30.25 11.14 3.90
N CYS B 436 -31.49 10.64 3.88
CA CYS B 436 -32.43 11.10 2.87
C CYS B 436 -33.86 10.82 3.30
N PHE B 437 -34.75 11.78 2.99
CA PHE B 437 -36.18 11.56 3.03
C PHE B 437 -36.61 11.07 1.65
N CYS B 438 -36.93 9.79 1.55
CA CYS B 438 -37.17 9.18 0.24
C CYS B 438 -38.43 8.31 0.34
N GLU B 439 -38.70 7.59 -0.75
CA GLU B 439 -39.80 6.63 -0.84
C GLU B 439 -39.23 5.22 -0.96
N ASP B 440 -40.13 4.24 -1.07
CA ASP B 440 -39.71 2.86 -1.27
C ASP B 440 -39.26 2.58 -2.70
N THR B 441 -39.44 3.53 -3.61
CA THR B 441 -39.01 3.40 -4.99
C THR B 441 -38.02 4.50 -5.33
N ASP B 442 -37.19 4.24 -6.34
CA ASP B 442 -36.19 5.21 -6.76
C ASP B 442 -36.84 6.42 -7.41
N TYR B 443 -36.20 7.56 -7.27
CA TYR B 443 -36.66 8.78 -7.93
C TYR B 443 -36.53 8.59 -9.44
N PRO B 444 -37.62 8.64 -10.21
CA PRO B 444 -37.53 8.24 -11.62
C PRO B 444 -36.75 9.21 -12.48
N TYR B 445 -36.69 10.49 -12.13
CA TYR B 445 -36.12 11.51 -12.99
C TYR B 445 -34.64 11.77 -12.73
N LEU B 446 -34.01 10.99 -11.86
CA LEU B 446 -32.59 11.18 -11.59
C LEU B 446 -31.77 10.84 -12.82
N GLY B 447 -30.88 11.76 -13.22
CA GLY B 447 -30.06 11.58 -14.39
C GLY B 447 -30.74 11.85 -15.71
N THR B 448 -31.97 12.36 -15.68
CA THR B 448 -32.73 12.66 -16.89
C THR B 448 -32.91 14.16 -17.04
N THR B 449 -33.48 14.56 -18.18
CA THR B 449 -33.79 15.95 -18.42
C THR B 449 -35.04 16.42 -17.69
N MET B 450 -35.79 15.50 -17.07
CA MET B 450 -36.97 15.84 -16.31
C MET B 450 -36.69 16.08 -14.84
N ASP B 451 -35.43 16.04 -14.41
CA ASP B 451 -35.05 16.35 -13.03
C ASP B 451 -35.11 17.86 -12.80
N THR B 452 -36.31 18.42 -12.94
CA THR B 452 -36.53 19.85 -12.84
C THR B 452 -37.16 20.21 -11.51
N TYR B 453 -37.22 21.52 -11.24
CA TYR B 453 -37.87 21.99 -10.02
C TYR B 453 -39.38 21.81 -10.08
N LYS B 454 -39.96 21.89 -11.28
CA LYS B 454 -41.41 21.74 -11.40
C LYS B 454 -41.85 20.34 -11.02
N GLU B 455 -41.21 19.31 -11.58
CA GLU B 455 -41.56 17.94 -11.24
C GLU B 455 -41.31 17.66 -9.75
N LEU B 456 -40.26 18.27 -9.18
CA LEU B 456 -39.96 18.04 -7.78
C LEU B 456 -41.01 18.67 -6.87
N ILE B 457 -41.44 19.89 -7.19
CA ILE B 457 -42.46 20.54 -6.37
C ILE B 457 -43.84 19.93 -6.60
N GLU B 458 -44.05 19.27 -7.75
CA GLU B 458 -45.31 18.56 -7.96
C GLU B 458 -45.31 17.23 -7.21
N ARG B 459 -44.19 16.53 -7.16
CA ARG B 459 -44.11 15.28 -6.44
C ARG B 459 -44.06 15.50 -4.93
N ILE B 460 -43.36 16.54 -4.49
CA ILE B 460 -43.26 16.86 -3.06
C ILE B 460 -43.84 18.26 -2.84
N PRO B 461 -45.12 18.36 -2.48
CA PRO B 461 -45.70 19.71 -2.27
C PRO B 461 -45.05 20.48 -1.14
N GLU B 462 -44.87 19.85 0.02
CA GLU B 462 -44.21 20.48 1.16
C GLU B 462 -42.70 20.30 1.10
N LEU B 463 -42.10 20.68 -0.03
CA LEU B 463 -40.66 20.57 -0.19
C LEU B 463 -39.91 21.43 0.82
N ASN B 464 -40.49 22.58 1.18
CA ASN B 464 -39.81 23.50 2.09
C ASN B 464 -39.62 22.88 3.47
N LYS B 465 -40.67 22.26 4.01
CA LYS B 465 -40.57 21.69 5.35
C LYS B 465 -39.71 20.43 5.38
N VAL B 466 -39.75 19.63 4.31
CA VAL B 466 -38.88 18.46 4.24
C VAL B 466 -37.41 18.88 4.16
N ALA B 467 -37.12 19.90 3.34
CA ALA B 467 -35.76 20.43 3.30
C ALA B 467 -35.36 21.02 4.64
N ARG B 468 -36.31 21.64 5.34
CA ARG B 468 -36.01 22.17 6.68
C ARG B 468 -35.67 21.04 7.64
N ALA B 469 -36.38 19.92 7.55
CA ALA B 469 -36.09 18.78 8.43
C ALA B 469 -34.72 18.19 8.11
N ALA B 470 -34.38 18.08 6.82
CA ALA B 470 -33.06 17.58 6.45
C ALA B 470 -31.96 18.52 6.96
N ALA B 471 -32.15 19.83 6.79
CA ALA B 471 -31.20 20.80 7.30
C ALA B 471 -31.11 20.75 8.81
N GLU B 472 -32.22 20.46 9.50
CA GLU B 472 -32.19 20.33 10.95
C GLU B 472 -31.39 19.12 11.38
N VAL B 473 -31.55 18.00 10.68
CA VAL B 473 -30.75 16.81 10.98
C VAL B 473 -29.27 17.12 10.80
N ALA B 474 -28.91 17.74 9.68
CA ALA B 474 -27.51 18.05 9.42
C ALA B 474 -26.97 19.04 10.44
N GLY B 475 -27.77 20.04 10.82
CA GLY B 475 -27.32 21.03 11.78
C GLY B 475 -27.14 20.45 13.16
N GLN B 476 -28.03 19.56 13.59
CA GLN B 476 -27.84 18.89 14.87
C GLN B 476 -26.61 18.00 14.85
N PHE B 477 -26.37 17.31 13.73
CA PHE B 477 -25.12 16.58 13.56
C PHE B 477 -23.92 17.49 13.82
N VAL B 478 -23.87 18.62 13.11
CA VAL B 478 -22.73 19.53 13.22
C VAL B 478 -22.59 20.06 14.64
N ILE B 479 -23.71 20.45 15.25
CA ILE B 479 -23.65 21.06 16.58
C ILE B 479 -23.14 20.06 17.61
N LYS B 480 -23.70 18.85 17.61
CA LYS B 480 -23.23 17.84 18.56
C LYS B 480 -21.84 17.33 18.22
N LEU B 481 -21.34 17.58 17.00
CA LEU B 481 -19.97 17.22 16.67
C LEU B 481 -18.98 18.35 16.93
N THR B 482 -19.45 19.56 17.22
CA THR B 482 -18.56 20.71 17.34
C THR B 482 -18.60 21.42 18.68
N HIS B 483 -19.70 21.35 19.43
CA HIS B 483 -19.89 22.27 20.55
C HIS B 483 -19.25 21.80 21.86
N ASP B 484 -19.24 20.50 22.14
CA ASP B 484 -18.80 20.00 23.43
C ASP B 484 -17.35 19.52 23.37
N VAL B 485 -16.82 19.18 24.55
CA VAL B 485 -15.47 18.64 24.63
C VAL B 485 -15.42 17.19 24.19
N GLU B 486 -16.55 16.50 24.12
CA GLU B 486 -16.62 15.14 23.61
C GLU B 486 -17.18 15.15 22.19
N LEU B 487 -16.62 14.30 21.34
CA LEU B 487 -16.98 14.28 19.92
C LEU B 487 -18.30 13.58 19.65
N ASN B 488 -18.88 12.92 20.65
CA ASN B 488 -20.11 12.13 20.47
C ASN B 488 -19.94 11.07 19.39
N LEU B 489 -18.76 10.45 19.35
CA LEU B 489 -18.47 9.34 18.46
C LEU B 489 -18.47 8.06 19.28
N ASP B 490 -19.37 7.14 18.93
CA ASP B 490 -19.56 5.90 19.71
C ASP B 490 -18.69 4.81 19.09
N TYR B 491 -17.53 4.56 19.70
CA TYR B 491 -16.65 3.49 19.24
C TYR B 491 -17.21 2.11 19.59
N GLU B 492 -17.87 1.98 20.75
CA GLU B 492 -18.43 0.71 21.18
C GLU B 492 -19.37 0.09 20.14
N ARG B 493 -19.98 0.91 19.28
CA ARG B 493 -20.81 0.40 18.20
C ARG B 493 -20.08 -0.68 17.40
N TYR B 494 -18.80 -0.44 17.08
CA TYR B 494 -18.06 -1.40 16.27
C TYR B 494 -18.03 -2.79 16.90
N ASN B 495 -18.11 -2.86 18.23
CA ASN B 495 -18.22 -4.15 18.90
C ASN B 495 -19.30 -5.01 18.24
N SER B 496 -20.52 -4.46 18.16
CA SER B 496 -21.61 -5.17 17.50
C SER B 496 -21.19 -5.66 16.12
N GLN B 497 -20.58 -4.78 15.33
CA GLN B 497 -20.11 -5.18 14.01
C GLN B 497 -19.23 -6.42 14.09
N LEU B 498 -18.20 -6.37 14.95
CA LEU B 498 -17.35 -7.54 15.13
C LEU B 498 -18.17 -8.75 15.54
N LEU B 499 -19.09 -8.56 16.48
CA LEU B 499 -19.92 -9.68 16.94
C LEU B 499 -20.69 -10.31 15.80
N SER B 500 -21.06 -9.52 14.79
CA SER B 500 -21.70 -10.09 13.61
C SER B 500 -20.70 -10.94 12.82
N PHE B 501 -19.53 -10.36 12.51
CA PHE B 501 -18.57 -11.00 11.63
C PHE B 501 -18.23 -12.41 12.13
N VAL B 502 -17.66 -12.50 13.34
CA VAL B 502 -17.30 -13.79 13.91
C VAL B 502 -18.49 -14.74 13.86
N ARG B 503 -19.70 -14.23 14.13
CA ARG B 503 -20.89 -15.08 14.08
C ARG B 503 -21.01 -15.75 12.72
N ASP B 504 -20.99 -14.95 11.65
CA ASP B 504 -20.99 -15.53 10.31
C ASP B 504 -19.85 -16.51 10.14
N LEU B 505 -18.67 -16.15 10.63
CA LEU B 505 -17.52 -17.04 10.49
C LEU B 505 -17.73 -18.36 11.23
N ASN B 506 -18.47 -18.32 12.36
CA ASN B 506 -18.75 -19.56 13.07
C ASN B 506 -19.53 -20.53 12.19
N GLN B 507 -20.34 -20.02 11.26
CA GLN B 507 -21.08 -20.88 10.37
C GLN B 507 -20.17 -21.77 9.52
N TYR B 508 -18.89 -21.46 9.45
CA TYR B 508 -17.93 -22.25 8.69
C TYR B 508 -16.89 -22.92 9.59
N ARG B 509 -17.20 -23.11 10.87
CA ARG B 509 -16.26 -23.77 11.78
C ARG B 509 -15.79 -25.11 11.23
N ALA B 510 -16.74 -25.92 10.74
CA ALA B 510 -16.39 -27.22 10.19
C ALA B 510 -15.35 -27.11 9.07
N ASP B 511 -15.38 -26.03 8.31
CA ASP B 511 -14.37 -25.83 7.29
C ASP B 511 -13.06 -25.36 7.89
N ILE B 512 -13.12 -24.48 8.89
CA ILE B 512 -11.91 -23.98 9.54
C ILE B 512 -11.13 -25.12 10.17
N LYS B 513 -11.84 -26.02 10.87
CA LYS B 513 -11.19 -27.20 11.43
C LYS B 513 -10.71 -28.15 10.33
N GLU B 514 -11.35 -28.11 9.16
CA GLU B 514 -10.97 -29.02 8.08
C GLU B 514 -9.66 -28.59 7.44
N MET B 515 -9.32 -27.31 7.51
CA MET B 515 -8.05 -26.79 7.00
C MET B 515 -6.95 -26.78 8.04
N GLY B 516 -7.21 -27.30 9.24
CA GLY B 516 -6.22 -27.24 10.30
C GLY B 516 -6.03 -25.87 10.90
N LEU B 517 -7.06 -25.02 10.83
CA LEU B 517 -7.02 -23.68 11.39
C LEU B 517 -7.94 -23.58 12.60
N SER B 518 -7.90 -22.41 13.24
CA SER B 518 -8.69 -22.18 14.44
C SER B 518 -9.13 -20.73 14.49
N LEU B 519 -10.27 -20.49 15.15
CA LEU B 519 -10.83 -19.17 15.31
C LEU B 519 -10.61 -18.59 16.69
N GLN B 520 -9.80 -19.24 17.53
CA GLN B 520 -9.62 -18.77 18.90
C GLN B 520 -8.95 -17.40 18.95
N TRP B 521 -8.01 -17.14 18.04
CA TRP B 521 -7.33 -15.85 18.05
C TRP B 521 -8.24 -14.73 17.60
N LEU B 522 -9.18 -15.00 16.68
CA LEU B 522 -10.15 -13.97 16.30
C LEU B 522 -11.14 -13.72 17.43
N TYR B 523 -11.53 -14.77 18.15
CA TYR B 523 -12.32 -14.60 19.37
C TYR B 523 -11.59 -13.69 20.35
N SER B 524 -10.29 -13.94 20.55
CA SER B 524 -9.50 -13.13 21.47
C SER B 524 -9.40 -11.70 20.98
N ALA B 525 -9.30 -11.49 19.67
CA ALA B 525 -9.24 -10.15 19.12
C ALA B 525 -10.55 -9.39 19.36
N ARG B 526 -11.68 -10.05 19.15
CA ARG B 526 -12.97 -9.42 19.43
C ARG B 526 -13.08 -9.07 20.91
N GLY B 527 -12.70 -9.99 21.79
CA GLY B 527 -12.75 -9.71 23.22
C GLY B 527 -11.83 -8.58 23.61
N ASP B 528 -10.65 -8.50 23.01
CA ASP B 528 -9.71 -7.43 23.33
C ASP B 528 -10.21 -6.09 22.83
N PHE B 529 -10.89 -6.06 21.68
CA PHE B 529 -11.48 -4.80 21.22
C PHE B 529 -12.59 -4.35 22.15
N PHE B 530 -13.43 -5.29 22.60
CA PHE B 530 -14.45 -4.96 23.58
C PHE B 530 -13.83 -4.40 24.86
N ARG B 531 -12.78 -5.05 25.34
CA ARG B 531 -12.09 -4.60 26.55
C ARG B 531 -11.48 -3.21 26.35
N ALA B 532 -10.93 -2.95 25.17
CA ALA B 532 -10.33 -1.64 24.91
C ALA B 532 -11.39 -0.55 24.88
N THR B 533 -12.55 -0.83 24.27
CA THR B 533 -13.64 0.14 24.29
C THR B 533 -14.10 0.41 25.72
N SER B 534 -14.20 -0.65 26.54
CA SER B 534 -14.59 -0.45 27.93
C SER B 534 -13.57 0.38 28.70
N ARG B 535 -12.28 0.12 28.46
CA ARG B 535 -11.23 0.89 29.13
C ARG B 535 -11.27 2.35 28.71
N LEU B 536 -11.51 2.62 27.43
CA LEU B 536 -11.62 4.01 26.97
C LEU B 536 -12.84 4.69 27.59
N THR B 537 -13.95 3.96 27.72
CA THR B 537 -15.13 4.53 28.38
C THR B 537 -14.84 4.87 29.84
N THR B 538 -14.15 3.98 30.55
CA THR B 538 -13.80 4.27 31.93
C THR B 538 -12.81 5.42 32.05
N ASP B 539 -11.90 5.55 31.09
CA ASP B 539 -10.98 6.69 31.10
C ASP B 539 -11.71 7.99 30.86
N PHE B 540 -12.72 7.98 29.97
CA PHE B 540 -13.56 9.16 29.81
C PHE B 540 -14.33 9.47 31.08
N GLY B 541 -14.79 8.44 31.78
CA GLY B 541 -15.58 8.66 32.98
C GLY B 541 -14.77 9.20 34.14
N ASN B 542 -13.53 8.71 34.30
CA ASN B 542 -12.71 9.11 35.42
C ASN B 542 -11.96 10.43 35.19
N ALA B 543 -11.89 10.90 33.95
CA ALA B 543 -11.23 12.16 33.64
C ALA B 543 -12.21 13.31 33.77
N GLU B 544 -11.74 14.43 34.30
CA GLU B 544 -12.58 15.62 34.43
C GLU B 544 -12.61 16.38 33.11
N LYS B 545 -13.82 16.75 32.68
CA LYS B 545 -14.02 17.34 31.36
C LYS B 545 -13.43 18.75 31.24
N THR B 546 -13.05 19.37 32.36
CA THR B 546 -12.47 20.71 32.29
C THR B 546 -10.99 20.68 31.93
N ASP B 547 -10.31 19.55 32.11
CA ASP B 547 -8.90 19.41 31.75
C ASP B 547 -8.82 19.20 30.25
N ARG B 548 -8.51 20.28 29.52
CA ARG B 548 -8.55 20.22 28.06
C ARG B 548 -7.48 19.29 27.49
N PHE B 549 -6.34 19.14 28.16
CA PHE B 549 -5.28 18.31 27.62
C PHE B 549 -5.66 16.84 27.65
N VAL B 550 -6.10 16.35 28.81
CA VAL B 550 -6.46 14.94 28.91
C VAL B 550 -7.67 14.62 28.04
N MET B 551 -8.62 15.55 27.96
CA MET B 551 -9.78 15.36 27.10
C MET B 551 -9.37 15.30 25.63
N LYS B 552 -8.48 16.19 25.20
CA LYS B 552 -8.02 16.15 23.81
C LYS B 552 -7.21 14.89 23.54
N LYS B 553 -6.47 14.39 24.53
CA LYS B 553 -5.74 13.14 24.34
C LYS B 553 -6.70 11.96 24.17
N LEU B 554 -7.74 11.91 24.99
CA LEU B 554 -8.74 10.85 24.84
C LEU B 554 -9.45 10.96 23.49
N ASN B 555 -9.74 12.19 23.05
CA ASN B 555 -10.37 12.37 21.74
C ASN B 555 -9.43 12.01 20.60
N ASP B 556 -8.12 12.23 20.78
CA ASP B 556 -7.14 11.75 19.81
C ASP B 556 -7.16 10.23 19.75
N ARG B 557 -7.27 9.58 20.91
CA ARG B 557 -7.48 8.13 20.91
C ARG B 557 -8.76 7.74 20.19
N VAL B 558 -9.78 8.60 20.25
CA VAL B 558 -11.04 8.30 19.57
C VAL B 558 -10.90 8.47 18.06
N MET B 559 -10.25 9.56 17.64
CA MET B 559 -10.14 9.87 16.21
C MET B 559 -9.26 8.89 15.43
N ARG B 560 -8.61 7.94 16.11
CA ARG B 560 -7.80 6.94 15.45
C ARG B 560 -8.54 5.61 15.24
N VAL B 561 -9.78 5.51 15.71
CA VAL B 561 -10.52 4.25 15.62
C VAL B 561 -10.83 3.92 14.17
N GLU B 562 -11.36 4.89 13.42
CA GLU B 562 -11.71 4.64 12.03
C GLU B 562 -10.46 4.45 11.17
N TYR B 563 -9.37 5.12 11.52
CA TYR B 563 -8.14 5.00 10.73
C TYR B 563 -7.50 3.63 10.89
N HIS B 564 -7.56 3.07 12.11
CA HIS B 564 -6.95 1.77 12.36
C HIS B 564 -7.70 0.62 11.71
N PHE B 565 -8.87 0.88 11.13
CA PHE B 565 -9.60 -0.13 10.38
C PHE B 565 -9.25 -0.11 8.89
N LEU B 566 -8.44 0.84 8.44
CA LEU B 566 -7.92 0.82 7.08
C LEU B 566 -6.79 -0.21 6.98
N SER B 567 -6.88 -1.08 5.98
CA SER B 567 -5.94 -2.18 5.84
C SER B 567 -4.54 -1.65 5.58
N PRO B 568 -3.56 -1.91 6.44
CA PRO B 568 -2.20 -1.44 6.21
C PRO B 568 -1.35 -2.35 5.35
N TYR B 569 -1.95 -3.35 4.69
CA TYR B 569 -1.21 -4.33 3.90
C TYR B 569 -1.52 -4.25 2.42
N VAL B 570 -2.26 -3.25 1.97
CA VAL B 570 -2.60 -3.09 0.56
C VAL B 570 -2.09 -1.74 0.09
N SER B 571 -2.02 -1.60 -1.23
CA SER B 571 -1.55 -0.35 -1.84
C SER B 571 -2.69 0.65 -1.90
N PRO B 572 -2.56 1.82 -1.27
CA PRO B 572 -3.64 2.82 -1.35
C PRO B 572 -3.85 3.38 -2.75
N LYS B 573 -2.89 3.20 -3.66
CA LYS B 573 -3.05 3.70 -5.03
C LYS B 573 -3.87 2.74 -5.88
N GLU B 574 -3.59 1.45 -5.79
CA GLU B 574 -4.30 0.44 -6.57
C GLU B 574 -5.42 -0.24 -5.81
N SER B 575 -5.57 0.04 -4.52
CA SER B 575 -6.71 -0.43 -3.73
C SER B 575 -7.06 0.64 -2.71
N PRO B 576 -7.65 1.75 -3.16
CA PRO B 576 -7.86 2.89 -2.26
C PRO B 576 -8.88 2.63 -1.16
N PHE B 577 -9.91 1.83 -1.44
CA PHE B 577 -10.95 1.54 -0.45
C PHE B 577 -10.41 0.47 0.49
N ARG B 578 -9.57 0.91 1.43
CA ARG B 578 -8.83 0.01 2.30
C ARG B 578 -9.61 -0.42 3.54
N HIS B 579 -10.74 0.22 3.83
CA HIS B 579 -11.49 -0.09 5.05
C HIS B 579 -11.95 -1.54 5.03
N VAL B 580 -11.53 -2.31 6.05
CA VAL B 580 -11.84 -3.72 6.09
C VAL B 580 -13.33 -3.99 6.25
N PHE B 581 -14.10 -2.99 6.69
CA PHE B 581 -15.53 -3.14 6.86
C PHE B 581 -16.33 -2.62 5.68
N TRP B 582 -15.97 -1.45 5.16
CA TRP B 582 -16.77 -0.78 4.14
C TRP B 582 -15.99 -0.51 2.85
N GLY B 583 -14.83 -1.10 2.68
CA GLY B 583 -14.03 -0.91 1.49
C GLY B 583 -14.40 -1.84 0.37
N SER B 584 -13.42 -2.13 -0.50
CA SER B 584 -13.63 -3.02 -1.63
C SER B 584 -12.30 -3.68 -1.98
N GLY B 585 -12.33 -4.99 -2.14
CA GLY B 585 -11.15 -5.77 -2.46
C GLY B 585 -11.04 -7.00 -1.60
N SER B 586 -10.02 -7.81 -1.90
CA SER B 586 -9.81 -9.07 -1.19
C SER B 586 -9.36 -8.88 0.26
N HIS B 587 -9.12 -7.64 0.68
CA HIS B 587 -8.65 -7.36 2.03
C HIS B 587 -9.79 -7.10 3.01
N THR B 588 -11.03 -7.08 2.55
CA THR B 588 -12.16 -6.79 3.41
C THR B 588 -12.71 -8.07 4.04
N LEU B 589 -13.39 -7.90 5.17
CA LEU B 589 -14.03 -9.03 5.83
C LEU B 589 -15.15 -9.65 4.99
N PRO B 590 -16.04 -8.89 4.33
CA PRO B 590 -16.99 -9.54 3.43
C PRO B 590 -16.33 -10.35 2.34
N ALA B 591 -15.19 -9.90 1.81
CA ALA B 591 -14.46 -10.69 0.83
C ALA B 591 -13.97 -12.00 1.44
N LEU B 592 -13.50 -11.94 2.69
CA LEU B 592 -13.07 -13.16 3.38
C LEU B 592 -14.21 -14.14 3.50
N LEU B 593 -15.39 -13.67 3.91
CA LEU B 593 -16.55 -14.56 4.04
C LEU B 593 -16.97 -15.13 2.69
N GLU B 594 -17.04 -14.28 1.67
CA GLU B 594 -17.45 -14.73 0.34
C GLU B 594 -16.47 -15.78 -0.21
N ASN B 595 -15.18 -15.60 0.03
CA ASN B 595 -14.21 -16.59 -0.41
C ASN B 595 -14.36 -17.88 0.39
N LEU B 596 -14.55 -17.78 1.71
CA LEU B 596 -14.65 -18.98 2.53
C LEU B 596 -15.89 -19.81 2.20
N LYS B 597 -16.95 -19.16 1.68
CA LYS B 597 -18.16 -19.89 1.32
C LYS B 597 -17.85 -21.09 0.42
N LEU B 598 -16.98 -20.89 -0.57
CA LEU B 598 -16.70 -21.88 -1.60
C LEU B 598 -15.99 -23.13 -1.09
N ARG B 599 -15.66 -23.18 0.20
CA ARG B 599 -15.03 -24.37 0.76
C ARG B 599 -15.95 -25.58 0.67
N LYS B 600 -17.24 -25.40 0.98
CA LYS B 600 -18.19 -26.52 0.90
C LYS B 600 -18.39 -26.96 -0.54
N GLN B 601 -18.34 -26.03 -1.49
CA GLN B 601 -18.65 -26.37 -2.88
C GLN B 601 -17.64 -27.35 -3.46
N ASN B 602 -16.38 -27.27 -3.04
CA ASN B 602 -15.28 -28.15 -3.43
C ASN B 602 -14.86 -27.96 -4.89
N ASN B 603 -15.37 -26.93 -5.58
CA ASN B 603 -14.88 -26.66 -6.92
C ASN B 603 -13.64 -25.77 -6.85
N GLY B 604 -13.17 -25.36 -8.03
CA GLY B 604 -11.94 -24.58 -8.10
C GLY B 604 -12.04 -23.15 -7.63
N ALA B 605 -13.24 -22.69 -7.25
CA ALA B 605 -13.41 -21.27 -6.93
C ALA B 605 -12.66 -20.89 -5.65
N PHE B 606 -12.67 -21.78 -4.65
CA PHE B 606 -12.01 -21.47 -3.39
C PHE B 606 -10.49 -21.48 -3.57
N ASN B 607 -9.87 -20.36 -3.20
CA ASN B 607 -8.41 -20.20 -3.23
C ASN B 607 -7.94 -20.29 -1.77
N GLU B 608 -7.49 -21.49 -1.38
CA GLU B 608 -7.11 -21.72 0.01
C GLU B 608 -5.93 -20.84 0.42
N THR B 609 -4.95 -20.69 -0.47
CA THR B 609 -3.81 -19.83 -0.17
C THR B 609 -4.25 -18.40 0.10
N LEU B 610 -5.16 -17.87 -0.73
CA LEU B 610 -5.68 -16.53 -0.50
C LEU B 610 -6.42 -16.43 0.84
N PHE B 611 -7.22 -17.44 1.17
CA PHE B 611 -7.97 -17.39 2.42
C PHE B 611 -7.05 -17.37 3.63
N ARG B 612 -5.97 -18.15 3.60
CA ARG B 612 -5.04 -18.17 4.71
C ARG B 612 -4.43 -16.80 4.95
N ASN B 613 -4.05 -16.11 3.88
CA ASN B 613 -3.51 -14.77 4.02
C ASN B 613 -4.58 -13.77 4.42
N GLN B 614 -5.80 -13.94 3.90
CA GLN B 614 -6.90 -13.06 4.27
C GLN B 614 -7.21 -13.18 5.76
N LEU B 615 -7.29 -14.41 6.26
CA LEU B 615 -7.59 -14.62 7.68
C LEU B 615 -6.50 -14.05 8.56
N ALA B 616 -5.23 -14.22 8.15
CA ALA B 616 -4.12 -13.73 8.97
C ALA B 616 -4.12 -12.21 9.04
N LEU B 617 -4.24 -11.54 7.89
CA LEU B 617 -4.17 -10.08 7.87
C LEU B 617 -5.40 -9.46 8.53
N ALA B 618 -6.57 -10.06 8.33
CA ALA B 618 -7.79 -9.53 8.95
C ALA B 618 -7.76 -9.72 10.46
N THR B 619 -7.26 -10.87 10.92
CA THR B 619 -7.19 -11.11 12.36
C THR B 619 -6.26 -10.13 13.04
N TRP B 620 -5.09 -9.86 12.45
CA TRP B 620 -4.16 -8.94 13.09
C TRP B 620 -4.57 -7.49 12.91
N THR B 621 -5.33 -7.18 11.85
CA THR B 621 -5.88 -5.82 11.73
C THR B 621 -6.83 -5.52 12.87
N ILE B 622 -7.69 -6.49 13.23
CA ILE B 622 -8.58 -6.31 14.37
C ILE B 622 -7.78 -6.28 15.67
N GLN B 623 -6.78 -7.16 15.79
CA GLN B 623 -5.98 -7.19 17.01
C GLN B 623 -5.15 -5.92 17.15
N GLY B 624 -4.62 -5.40 16.04
CA GLY B 624 -3.86 -4.16 16.11
C GLY B 624 -4.72 -2.97 16.47
N ALA B 625 -5.97 -2.94 15.98
CA ALA B 625 -6.89 -1.87 16.36
C ALA B 625 -7.24 -1.95 17.84
N ALA B 626 -7.38 -3.18 18.37
CA ALA B 626 -7.66 -3.33 19.80
C ALA B 626 -6.46 -2.92 20.64
N ASN B 627 -5.26 -3.29 20.22
CA ASN B 627 -4.06 -2.94 20.98
C ASN B 627 -3.82 -1.44 20.96
N ALA B 628 -4.08 -0.79 19.82
CA ALA B 628 -3.90 0.66 19.74
C ALA B 628 -4.94 1.40 20.58
N LEU B 629 -6.16 0.86 20.63
CA LEU B 629 -7.20 1.51 21.42
C LEU B 629 -7.03 1.25 22.92
N SER B 630 -6.28 0.22 23.29
CA SER B 630 -6.09 -0.08 24.71
C SER B 630 -5.33 1.04 25.41
N GLY B 631 -4.32 1.59 24.76
CA GLY B 631 -3.53 2.66 25.33
C GLY B 631 -2.09 2.56 24.87
N ASP B 632 -1.17 2.73 25.82
CA ASP B 632 0.24 2.65 25.52
C ASP B 632 0.63 1.22 25.15
N VAL B 633 1.77 1.10 24.47
CA VAL B 633 2.20 -0.20 23.97
C VAL B 633 2.62 -1.11 25.12
N TRP B 634 3.13 -0.54 26.22
CA TRP B 634 3.53 -1.33 27.37
C TRP B 634 2.37 -1.66 28.31
N ASP B 635 1.16 -1.19 28.00
CA ASP B 635 -0.01 -1.48 28.81
C ASP B 635 -0.94 -2.49 28.15
N ILE B 636 -0.43 -3.26 27.20
CA ILE B 636 -1.21 -4.31 26.54
C ILE B 636 -1.04 -5.60 27.33
N ASP B 637 -2.09 -6.01 28.03
CA ASP B 637 -2.05 -7.19 28.90
C ASP B 637 -3.04 -8.22 28.35
N ASN B 638 -2.55 -9.08 27.48
CA ASN B 638 -3.37 -10.16 26.92
C ASN B 638 -2.49 -11.38 26.70
N GLU B 639 -3.10 -12.55 26.78
CA GLU B 639 -2.37 -13.81 26.65
C GLU B 639 -1.99 -14.01 25.18
N PHE B 640 -0.73 -13.74 24.86
CA PHE B 640 -0.25 -13.88 23.49
C PHE B 640 0.17 -15.31 23.18
N ASP C 1 37.58 -46.44 6.54
CA ASP C 1 37.80 -47.86 6.28
C ASP C 1 37.80 -48.15 4.78
N GLU C 2 38.73 -49.00 4.35
CA GLU C 2 38.79 -49.38 2.95
C GLU C 2 37.57 -50.22 2.56
N GLU C 3 37.22 -51.20 3.40
CA GLU C 3 36.11 -52.10 3.07
C GLU C 3 34.78 -51.36 2.98
N GLU C 4 34.57 -50.37 3.86
CA GLU C 4 33.34 -49.59 3.82
C GLU C 4 33.20 -48.84 2.50
N ILE C 5 34.28 -48.17 2.08
CA ILE C 5 34.27 -47.45 0.81
C ILE C 5 34.06 -48.42 -0.35
N GLN C 6 34.69 -49.60 -0.28
CA GLN C 6 34.53 -50.58 -1.35
C GLN C 6 33.09 -51.05 -1.47
N LYS C 7 32.46 -51.36 -0.33
CA LYS C 7 31.07 -51.82 -0.35
C LYS C 7 30.14 -50.71 -0.84
N ALA C 8 30.40 -49.46 -0.44
CA ALA C 8 29.58 -48.35 -0.90
C ALA C 8 29.69 -48.18 -2.42
N ILE C 9 30.93 -48.22 -2.93
CA ILE C 9 31.13 -48.10 -4.38
C ILE C 9 30.47 -49.25 -5.11
N GLU C 10 30.53 -50.46 -4.55
CA GLU C 10 29.90 -51.62 -5.16
C GLU C 10 28.39 -51.41 -5.26
N GLU C 11 27.75 -51.05 -4.14
CA GLU C 11 26.31 -50.83 -4.13
C GLU C 11 25.90 -49.71 -5.08
N LEU C 12 26.73 -48.66 -5.18
CA LEU C 12 26.38 -47.55 -6.07
C LEU C 12 26.54 -47.93 -7.53
N LEU C 13 27.60 -48.66 -7.87
CA LEU C 13 27.83 -49.03 -9.27
C LEU C 13 26.84 -50.07 -9.76
N ARG C 14 26.39 -50.98 -8.88
CA ARG C 14 25.37 -51.92 -9.31
C ARG C 14 24.01 -51.26 -9.51
N LYS C 15 23.76 -50.14 -8.82
CA LYS C 15 22.47 -49.46 -8.89
C LYS C 15 22.25 -48.75 -10.23
N GLY C 16 23.29 -48.58 -11.04
CA GLY C 16 23.20 -47.83 -12.28
C GLY C 16 23.88 -46.49 -12.26
N VAL C 17 24.50 -46.13 -11.14
CA VAL C 17 25.20 -44.85 -11.03
C VAL C 17 26.51 -44.94 -11.80
N SER C 18 26.76 -43.95 -12.65
CA SER C 18 27.99 -43.94 -13.44
C SER C 18 29.19 -43.68 -12.52
N GLU C 19 30.38 -43.92 -13.06
CA GLU C 19 31.60 -43.85 -12.27
C GLU C 19 31.87 -42.43 -11.77
N GLU C 20 31.60 -41.43 -12.62
CA GLU C 20 31.93 -40.05 -12.26
C GLU C 20 31.05 -39.55 -11.11
N GLU C 21 29.73 -39.67 -11.26
CA GLU C 21 28.85 -39.24 -10.18
C GLU C 21 29.01 -40.11 -8.95
N ALA C 22 29.40 -41.37 -9.12
CA ALA C 22 29.73 -42.21 -7.96
C ALA C 22 30.93 -41.67 -7.21
N ALA C 23 31.96 -41.22 -7.94
CA ALA C 23 33.11 -40.59 -7.30
C ALA C 23 32.71 -39.30 -6.58
N ILE C 24 31.80 -38.53 -7.19
CA ILE C 24 31.32 -37.32 -6.54
C ILE C 24 30.59 -37.67 -5.24
N ILE C 25 29.76 -38.71 -5.26
CA ILE C 25 29.06 -39.15 -4.06
C ILE C 25 30.06 -39.62 -3.01
N ILE C 26 31.11 -40.31 -3.44
CA ILE C 26 32.12 -40.80 -2.49
C ILE C 26 32.81 -39.63 -1.80
N VAL C 27 33.22 -38.62 -2.57
CA VAL C 27 33.91 -37.48 -1.96
C VAL C 27 32.94 -36.65 -1.13
N GLN C 28 31.64 -36.70 -1.43
CA GLN C 28 30.67 -35.99 -0.61
C GLN C 28 30.41 -36.70 0.71
N ARG C 29 30.46 -38.03 0.72
CA ARG C 29 30.05 -38.79 1.90
C ARG C 29 31.20 -39.22 2.80
N PHE C 30 32.40 -39.38 2.26
CA PHE C 30 33.52 -39.90 3.06
C PHE C 30 34.61 -38.88 3.32
N ASN C 31 34.46 -37.64 2.84
CA ASN C 31 35.41 -36.56 3.10
C ASN C 31 36.82 -36.94 2.65
N VAL C 32 36.92 -37.50 1.45
CA VAL C 32 38.20 -37.90 0.90
C VAL C 32 38.81 -36.73 0.14
N ALA C 33 40.11 -36.82 -0.13
CA ALA C 33 40.81 -35.73 -0.80
C ALA C 33 40.54 -35.73 -2.30
N VAL C 34 40.99 -36.77 -3.00
CA VAL C 34 40.89 -36.83 -4.46
C VAL C 34 40.32 -38.18 -4.86
N VAL C 35 39.57 -38.20 -5.96
CA VAL C 35 39.14 -39.44 -6.59
C VAL C 35 39.36 -39.31 -8.09
N VAL C 36 39.90 -40.37 -8.69
CA VAL C 36 40.24 -40.41 -10.11
C VAL C 36 39.51 -41.57 -10.75
N VAL C 37 38.81 -41.29 -11.85
CA VAL C 37 38.15 -42.31 -12.64
C VAL C 37 39.06 -42.66 -13.81
N VAL C 38 39.50 -43.91 -13.86
CA VAL C 38 40.48 -44.35 -14.85
C VAL C 38 39.80 -45.28 -15.85
N GLN C 39 40.45 -45.46 -17.00
CA GLN C 39 39.89 -46.27 -18.07
C GLN C 39 40.02 -47.76 -17.78
N ASP C 40 41.15 -48.18 -17.24
CA ASP C 40 41.40 -49.58 -16.94
C ASP C 40 42.14 -49.69 -15.62
N GLU C 41 42.42 -50.92 -15.19
CA GLU C 41 43.20 -51.12 -13.97
C GLU C 41 44.67 -50.81 -14.18
N ARG C 42 45.14 -50.73 -15.42
CA ARG C 42 46.51 -50.31 -15.68
C ARG C 42 46.72 -48.86 -15.23
N GLN C 43 45.82 -47.96 -15.67
CA GLN C 43 45.87 -46.58 -15.19
C GLN C 43 45.68 -46.52 -13.68
N GLY C 44 44.85 -47.41 -13.13
CA GLY C 44 44.66 -47.42 -11.69
C GLY C 44 45.94 -47.71 -10.94
N LYS C 45 46.63 -48.80 -11.31
CA LYS C 45 47.90 -49.11 -10.69
C LYS C 45 48.91 -47.99 -10.90
N HIS C 46 48.99 -47.46 -12.12
CA HIS C 46 49.94 -46.39 -12.42
C HIS C 46 49.73 -45.19 -11.51
N ILE C 47 48.49 -44.68 -11.45
CA ILE C 47 48.21 -43.48 -10.67
C ILE C 47 48.38 -43.75 -9.18
N SER C 48 47.94 -44.92 -8.70
CA SER C 48 48.04 -45.23 -7.29
C SER C 48 49.51 -45.30 -6.85
N GLU C 49 50.34 -46.02 -7.61
CA GLU C 49 51.75 -46.11 -7.26
C GLU C 49 52.46 -44.76 -7.42
N TYR C 50 52.05 -43.96 -8.41
CA TYR C 50 52.63 -42.63 -8.57
C TYR C 50 52.34 -41.76 -7.36
N ILE C 51 51.08 -41.74 -6.92
CA ILE C 51 50.69 -40.90 -5.79
C ILE C 51 51.35 -41.39 -4.50
N ARG C 52 51.46 -42.71 -4.33
CA ARG C 52 52.11 -43.23 -3.14
C ARG C 52 53.62 -43.00 -3.17
N ARG C 53 54.20 -42.90 -4.36
CA ARG C 53 55.63 -42.63 -4.47
C ARG C 53 55.93 -41.17 -4.16
N TYR C 54 55.14 -40.25 -4.71
CA TYR C 54 55.39 -38.83 -4.50
C TYR C 54 54.75 -38.29 -3.23
N ILE C 55 53.71 -38.93 -2.72
CA ILE C 55 53.11 -38.54 -1.44
C ILE C 55 52.97 -39.80 -0.59
N PRO C 56 54.02 -40.19 0.16
CA PRO C 56 53.91 -41.41 0.97
C PRO C 56 52.93 -41.29 2.13
N GLU C 57 52.53 -40.08 2.51
CA GLU C 57 51.60 -39.89 3.62
C GLU C 57 50.15 -40.11 3.23
N ALA C 58 49.87 -40.34 1.95
CA ALA C 58 48.50 -40.46 1.47
C ALA C 58 47.99 -41.89 1.62
N ASP C 59 46.68 -42.01 1.82
CA ASP C 59 46.02 -43.32 1.90
C ASP C 59 45.26 -43.53 0.58
N VAL C 60 45.77 -44.45 -0.24
CA VAL C 60 45.25 -44.66 -1.59
C VAL C 60 44.62 -46.04 -1.66
N ILE C 61 43.42 -46.11 -2.24
CA ILE C 61 42.71 -47.37 -2.45
C ILE C 61 42.16 -47.38 -3.87
N LEU C 62 42.23 -48.55 -4.52
CA LEU C 62 41.77 -48.73 -5.88
C LEU C 62 40.63 -49.73 -5.91
N PHE C 63 39.57 -49.40 -6.64
CA PHE C 63 38.40 -50.28 -6.72
C PHE C 63 37.57 -49.88 -7.94
N ALA C 64 37.37 -50.83 -8.85
CA ALA C 64 36.45 -50.69 -9.98
C ALA C 64 36.73 -49.42 -10.78
N ASN C 65 37.98 -49.28 -11.23
CA ASN C 65 38.45 -48.15 -12.02
C ASN C 65 38.28 -46.82 -11.29
N LEU C 66 38.23 -46.82 -9.96
CA LEU C 66 38.19 -45.61 -9.17
C LEU C 66 39.30 -45.64 -8.14
N VAL C 67 40.13 -44.60 -8.14
CA VAL C 67 41.25 -44.47 -7.22
C VAL C 67 40.92 -43.35 -6.23
N VAL C 68 40.78 -43.69 -4.96
CA VAL C 68 40.42 -42.74 -3.91
C VAL C 68 41.66 -42.51 -3.04
N ILE C 69 42.03 -41.25 -2.89
CA ILE C 69 43.18 -40.84 -2.10
C ILE C 69 42.70 -39.93 -0.99
N LYS C 70 43.06 -40.28 0.25
CA LYS C 70 42.62 -39.57 1.45
C LYS C 70 43.86 -39.10 2.21
N VAL C 71 43.93 -37.79 2.48
CA VAL C 71 44.99 -37.19 3.29
C VAL C 71 44.31 -36.23 4.28
N GLU C 72 45.09 -35.75 5.25
CA GLU C 72 44.54 -34.98 6.36
C GLU C 72 45.11 -33.57 6.48
N THR C 73 45.85 -33.08 5.49
CA THR C 73 46.33 -31.71 5.50
C THR C 73 46.07 -31.07 4.14
N HIS C 74 46.14 -29.74 4.10
CA HIS C 74 45.83 -29.01 2.88
C HIS C 74 47.01 -28.96 1.92
N GLU C 75 48.24 -28.83 2.44
CA GLU C 75 49.41 -28.86 1.57
C GLU C 75 49.57 -30.22 0.90
N LEU C 76 49.42 -31.30 1.68
CA LEU C 76 49.45 -32.63 1.08
C LEU C 76 48.26 -32.86 0.16
N SER C 77 47.11 -32.22 0.44
CA SER C 77 45.98 -32.31 -0.46
C SER C 77 46.31 -31.67 -1.81
N THR C 78 46.94 -30.49 -1.79
CA THR C 78 47.35 -29.85 -3.03
C THR C 78 48.41 -30.67 -3.76
N ARG C 79 49.33 -31.28 -3.02
CA ARG C 79 50.33 -32.15 -3.63
C ARG C 79 49.67 -33.33 -4.33
N VAL C 80 48.73 -33.98 -3.65
CA VAL C 80 48.03 -35.12 -4.23
C VAL C 80 47.23 -34.67 -5.45
N TRP C 81 46.61 -33.50 -5.38
CA TRP C 81 45.82 -33.01 -6.51
C TRP C 81 46.71 -32.74 -7.73
N GLU C 82 47.86 -32.10 -7.52
CA GLU C 82 48.77 -31.84 -8.63
C GLU C 82 49.34 -33.14 -9.19
N ALA C 83 49.67 -34.09 -8.31
CA ALA C 83 50.18 -35.38 -8.79
C ALA C 83 49.13 -36.14 -9.59
N ALA C 84 47.87 -36.06 -9.17
CA ALA C 84 46.80 -36.73 -9.90
C ALA C 84 46.53 -36.05 -11.23
N GLN C 85 46.65 -34.71 -11.27
CA GLN C 85 46.51 -34.00 -12.54
C GLN C 85 47.63 -34.36 -13.51
N LYS C 86 48.86 -34.48 -13.00
CA LYS C 86 49.98 -34.79 -13.88
C LYS C 86 49.94 -36.24 -14.35
N ALA C 87 49.59 -37.17 -13.46
CA ALA C 87 49.63 -38.59 -13.78
C ALA C 87 48.43 -39.07 -14.59
N TYR C 88 47.38 -38.26 -14.70
CA TYR C 88 46.19 -38.66 -15.43
C TYR C 88 46.50 -38.84 -16.92
N ASP D 1 -35.37 14.20 -49.85
CA ASP D 1 -33.96 14.10 -50.20
C ASP D 1 -33.60 12.66 -50.58
N GLU D 2 -34.31 12.15 -51.59
CA GLU D 2 -34.10 10.77 -52.04
C GLU D 2 -32.83 10.63 -52.86
N GLU D 3 -32.52 11.62 -53.70
CA GLU D 3 -31.45 11.44 -54.67
C GLU D 3 -30.08 11.55 -54.03
N GLU D 4 -29.92 12.29 -52.94
CA GLU D 4 -28.63 12.28 -52.25
C GLU D 4 -28.36 10.91 -51.63
N ILE D 5 -29.39 10.28 -51.06
CA ILE D 5 -29.25 8.92 -50.57
C ILE D 5 -28.87 7.99 -51.72
N GLN D 6 -29.47 8.20 -52.89
CA GLN D 6 -29.12 7.39 -54.05
C GLN D 6 -27.65 7.58 -54.45
N LYS D 7 -27.18 8.82 -54.48
CA LYS D 7 -25.78 9.07 -54.81
C LYS D 7 -24.86 8.40 -53.80
N ALA D 8 -25.19 8.49 -52.51
CA ALA D 8 -24.37 7.86 -51.49
C ALA D 8 -24.33 6.35 -51.68
N ILE D 9 -25.48 5.73 -51.94
CA ILE D 9 -25.52 4.29 -52.15
C ILE D 9 -24.66 3.90 -53.35
N GLU D 10 -24.77 4.65 -54.45
CA GLU D 10 -24.02 4.32 -55.66
C GLU D 10 -22.52 4.45 -55.42
N GLU D 11 -22.09 5.57 -54.84
CA GLU D 11 -20.67 5.78 -54.61
C GLU D 11 -20.09 4.79 -53.61
N LEU D 12 -20.89 4.38 -52.62
CA LEU D 12 -20.41 3.38 -51.68
C LEU D 12 -20.32 2.01 -52.32
N LEU D 13 -21.26 1.68 -53.22
CA LEU D 13 -21.20 0.41 -53.91
C LEU D 13 -20.03 0.35 -54.88
N ARG D 14 -19.64 1.49 -55.46
CA ARG D 14 -18.50 1.48 -56.38
C ARG D 14 -17.16 1.38 -55.67
N LYS D 15 -17.09 1.77 -54.40
CA LYS D 15 -15.84 1.68 -53.64
C LYS D 15 -15.52 0.27 -53.19
N GLY D 16 -16.38 -0.71 -53.45
CA GLY D 16 -16.16 -2.07 -53.02
C GLY D 16 -16.96 -2.49 -51.81
N VAL D 17 -17.76 -1.60 -51.24
CA VAL D 17 -18.56 -1.93 -50.06
C VAL D 17 -19.71 -2.84 -50.47
N SER D 18 -19.88 -3.94 -49.75
CA SER D 18 -20.96 -4.87 -50.04
C SER D 18 -22.30 -4.22 -49.70
N GLU D 19 -23.38 -4.85 -50.18
CA GLU D 19 -24.71 -4.27 -50.05
C GLU D 19 -25.15 -4.19 -48.60
N GLU D 20 -24.79 -5.18 -47.78
CA GLU D 20 -25.26 -5.22 -46.40
C GLU D 20 -24.62 -4.13 -45.55
N GLU D 21 -23.29 -4.07 -45.55
CA GLU D 21 -22.63 -3.00 -44.79
C GLU D 21 -22.93 -1.63 -45.38
N ALA D 22 -23.19 -1.55 -46.68
CA ALA D 22 -23.64 -0.29 -47.27
C ALA D 22 -25.00 0.11 -46.71
N ALA D 23 -25.90 -0.85 -46.53
CA ALA D 23 -27.18 -0.56 -45.89
C ALA D 23 -26.99 -0.08 -44.46
N ILE D 24 -26.07 -0.71 -43.73
CA ILE D 24 -25.79 -0.30 -42.36
C ILE D 24 -25.25 1.14 -42.33
N ILE D 25 -24.35 1.46 -43.25
CA ILE D 25 -23.80 2.81 -43.31
C ILE D 25 -24.88 3.81 -43.68
N ILE D 26 -25.82 3.41 -44.56
CA ILE D 26 -26.91 4.30 -44.96
C ILE D 26 -27.80 4.60 -43.77
N VAL D 27 -28.17 3.57 -43.02
CA VAL D 27 -29.05 3.79 -41.86
C VAL D 27 -28.31 4.56 -40.77
N GLN D 28 -26.99 4.47 -40.73
CA GLN D 28 -26.22 5.25 -39.75
C GLN D 28 -26.09 6.71 -40.16
N ARG D 29 -25.98 6.99 -41.46
CA ARG D 29 -25.72 8.35 -41.91
C ARG D 29 -26.98 9.17 -42.16
N PHE D 30 -28.06 8.55 -42.64
CA PHE D 30 -29.27 9.27 -42.98
C PHE D 30 -30.41 9.05 -42.00
N ASN D 31 -30.21 8.25 -40.96
CA ASN D 31 -31.20 8.04 -39.90
C ASN D 31 -32.54 7.56 -40.48
N VAL D 32 -32.46 6.59 -41.38
CA VAL D 32 -33.66 6.03 -42.02
C VAL D 32 -34.22 4.94 -41.13
N ALA D 33 -35.45 4.52 -41.41
CA ALA D 33 -36.11 3.53 -40.57
C ALA D 33 -35.63 2.12 -40.90
N VAL D 34 -35.87 1.66 -42.13
CA VAL D 34 -35.57 0.29 -42.51
C VAL D 34 -34.84 0.28 -43.84
N VAL D 35 -33.93 -0.68 -44.00
CA VAL D 35 -33.28 -0.94 -45.27
C VAL D 35 -33.36 -2.43 -45.57
N VAL D 36 -33.72 -2.77 -46.81
CA VAL D 36 -33.89 -4.14 -47.24
C VAL D 36 -32.98 -4.40 -48.43
N VAL D 37 -32.23 -5.50 -48.38
CA VAL D 37 -31.38 -5.92 -49.48
C VAL D 37 -32.11 -7.05 -50.23
N VAL D 38 -32.42 -6.80 -51.50
CA VAL D 38 -33.17 -7.74 -52.30
C VAL D 38 -32.25 -8.35 -53.35
N GLN D 39 -32.68 -9.50 -53.88
CA GLN D 39 -31.87 -10.23 -54.86
C GLN D 39 -31.95 -9.59 -56.25
N ASP D 40 -33.13 -9.17 -56.66
CA ASP D 40 -33.32 -8.53 -57.96
C ASP D 40 -34.27 -7.36 -57.79
N GLU D 41 -34.46 -6.61 -58.88
CA GLU D 41 -35.27 -5.40 -58.82
C GLU D 41 -36.76 -5.67 -58.97
N ARG D 42 -37.15 -6.84 -59.48
CA ARG D 42 -38.57 -7.21 -59.44
C ARG D 42 -39.02 -7.43 -58.01
N GLN D 43 -38.26 -8.21 -57.24
CA GLN D 43 -38.56 -8.36 -55.82
C GLN D 43 -38.45 -7.04 -55.09
N GLY D 44 -37.52 -6.17 -55.51
CA GLY D 44 -37.43 -4.86 -54.89
C GLY D 44 -38.68 -4.03 -55.09
N LYS D 45 -39.15 -3.95 -56.33
CA LYS D 45 -40.40 -3.23 -56.61
C LYS D 45 -41.57 -3.87 -55.89
N HIS D 46 -41.61 -5.20 -55.81
CA HIS D 46 -42.70 -5.89 -55.13
C HIS D 46 -42.74 -5.53 -53.65
N ILE D 47 -41.60 -5.61 -52.99
CA ILE D 47 -41.54 -5.31 -51.55
C ILE D 47 -41.82 -3.83 -51.31
N SER D 48 -41.31 -2.96 -52.19
CA SER D 48 -41.57 -1.53 -52.03
C SER D 48 -43.04 -1.20 -52.17
N GLU D 49 -43.72 -1.80 -53.16
CA GLU D 49 -45.15 -1.58 -53.32
C GLU D 49 -45.94 -2.19 -52.16
N TYR D 50 -45.48 -3.33 -51.62
CA TYR D 50 -46.11 -3.90 -50.45
C TYR D 50 -46.04 -2.93 -49.27
N ILE D 51 -44.85 -2.38 -49.01
CA ILE D 51 -44.68 -1.44 -47.90
C ILE D 51 -45.49 -0.17 -48.14
N ARG D 52 -45.54 0.29 -49.39
CA ARG D 52 -46.34 1.48 -49.70
C ARG D 52 -47.83 1.23 -49.51
N ARG D 53 -48.29 0.01 -49.81
CA ARG D 53 -49.71 -0.29 -49.63
C ARG D 53 -50.07 -0.39 -48.15
N TYR D 54 -49.25 -1.09 -47.37
CA TYR D 54 -49.60 -1.30 -45.97
C TYR D 54 -49.11 -0.20 -45.04
N ILE D 55 -48.11 0.58 -45.46
CA ILE D 55 -47.72 1.78 -44.72
C ILE D 55 -47.64 2.94 -45.73
N PRO D 56 -48.76 3.58 -46.07
CA PRO D 56 -48.70 4.66 -47.07
C PRO D 56 -48.01 5.91 -46.56
N GLU D 57 -47.85 6.07 -45.25
CA GLU D 57 -47.16 7.24 -44.71
C GLU D 57 -45.65 7.16 -44.84
N ALA D 58 -45.11 6.03 -45.28
CA ALA D 58 -43.67 5.83 -45.36
C ALA D 58 -43.12 6.33 -46.69
N ASP D 59 -41.87 6.80 -46.65
CA ASP D 59 -41.15 7.20 -47.85
C ASP D 59 -40.24 6.04 -48.25
N VAL D 60 -40.57 5.39 -49.36
CA VAL D 60 -39.85 4.20 -49.83
C VAL D 60 -39.14 4.56 -51.13
N ILE D 61 -37.84 4.24 -51.20
CA ILE D 61 -37.03 4.51 -52.38
C ILE D 61 -36.19 3.27 -52.68
N LEU D 62 -36.08 2.94 -53.97
CA LEU D 62 -35.37 1.75 -54.42
C LEU D 62 -34.19 2.15 -55.28
N PHE D 63 -33.03 1.55 -55.02
CA PHE D 63 -31.83 1.84 -55.80
C PHE D 63 -30.82 0.71 -55.60
N ALA D 64 -30.41 0.08 -56.70
CA ALA D 64 -29.33 -0.90 -56.73
C ALA D 64 -29.53 -1.99 -55.67
N ASN D 65 -30.69 -2.64 -55.75
CA ASN D 65 -31.07 -3.74 -54.86
C ASN D 65 -31.12 -3.32 -53.39
N LEU D 66 -31.31 -2.02 -53.12
CA LEU D 66 -31.48 -1.53 -51.77
C LEU D 66 -32.78 -0.75 -51.68
N VAL D 67 -33.63 -1.13 -50.73
CA VAL D 67 -34.92 -0.48 -50.49
C VAL D 67 -34.82 0.25 -49.16
N VAL D 68 -34.90 1.58 -49.20
CA VAL D 68 -34.79 2.43 -48.02
C VAL D 68 -36.18 2.98 -47.71
N ILE D 69 -36.62 2.76 -46.46
CA ILE D 69 -37.93 3.21 -45.99
C ILE D 69 -37.70 4.14 -44.80
N LYS D 70 -38.29 5.33 -44.87
CA LYS D 70 -38.14 6.36 -43.85
C LYS D 70 -39.52 6.78 -43.35
N VAL D 71 -39.69 6.74 -42.02
CA VAL D 71 -40.89 7.22 -41.35
C VAL D 71 -40.46 8.04 -40.14
N GLU D 72 -41.43 8.74 -39.54
CA GLU D 72 -41.14 9.68 -38.45
C GLU D 72 -41.80 9.31 -37.13
N THR D 73 -42.49 8.17 -37.04
CA THR D 73 -43.12 7.74 -35.80
C THR D 73 -42.74 6.29 -35.52
N HIS D 74 -42.88 5.89 -34.25
CA HIS D 74 -42.45 4.57 -33.83
C HIS D 74 -43.50 3.49 -34.11
N GLU D 75 -44.79 3.84 -34.03
CA GLU D 75 -45.82 2.89 -34.45
C GLU D 75 -45.64 2.51 -35.91
N LEU D 76 -45.53 3.51 -36.79
CA LEU D 76 -45.31 3.23 -38.20
C LEU D 76 -43.94 2.61 -38.45
N SER D 77 -42.95 2.92 -37.61
CA SER D 77 -41.64 2.28 -37.74
C SER D 77 -41.75 0.78 -37.48
N THR D 78 -42.44 0.40 -36.41
CA THR D 78 -42.64 -1.02 -36.11
C THR D 78 -43.48 -1.69 -37.18
N ARG D 79 -44.48 -0.98 -37.71
CA ARG D 79 -45.30 -1.55 -38.78
C ARG D 79 -44.46 -1.79 -40.03
N VAL D 80 -43.60 -0.84 -40.39
CA VAL D 80 -42.73 -1.02 -41.54
C VAL D 80 -41.77 -2.17 -41.32
N TRP D 81 -41.23 -2.29 -40.10
CA TRP D 81 -40.32 -3.38 -39.80
C TRP D 81 -41.01 -4.73 -39.92
N GLU D 82 -42.23 -4.84 -39.39
CA GLU D 82 -42.96 -6.10 -39.47
C GLU D 82 -43.36 -6.41 -40.91
N ALA D 83 -43.72 -5.39 -41.69
CA ALA D 83 -44.05 -5.62 -43.09
C ALA D 83 -42.83 -6.06 -43.89
N ALA D 84 -41.66 -5.50 -43.57
CA ALA D 84 -40.43 -5.90 -44.26
C ALA D 84 -40.05 -7.33 -43.88
N GLN D 85 -40.25 -7.71 -42.61
CA GLN D 85 -40.00 -9.09 -42.21
C GLN D 85 -40.96 -10.05 -42.90
N LYS D 86 -42.23 -9.64 -43.04
CA LYS D 86 -43.24 -10.54 -43.59
C LYS D 86 -43.08 -10.69 -45.10
N ALA D 87 -42.78 -9.61 -45.81
CA ALA D 87 -42.69 -9.63 -47.26
C ALA D 87 -41.31 -10.05 -47.76
N TYR D 88 -40.32 -10.17 -46.89
CA TYR D 88 -38.97 -10.53 -47.30
C TYR D 88 -38.92 -11.93 -47.91
#